data_4PUG
# 
_entry.id   4PUG 
# 
_audit_conform.dict_name       mmcif_pdbx.dic 
_audit_conform.dict_version    5.379 
_audit_conform.dict_location   http://mmcif.pdb.org/dictionaries/ascii/mmcif_pdbx.dic 
# 
loop_
_database_2.database_id 
_database_2.database_code 
_database_2.pdbx_database_accession 
_database_2.pdbx_DOI 
PDB   4PUG         pdb_00004pug 10.2210/pdb4pug/pdb 
RCSB  RCSB085232   ?            ?                   
WWPDB D_1000085232 ?            ?                   
# 
loop_
_pdbx_database_related.db_name 
_pdbx_database_related.db_id 
_pdbx_database_related.details 
_pdbx_database_related.content_type 
PDB 4PUH . unspecified 
PDB 4PUi . unspecified 
# 
_pdbx_database_status.status_code                     REL 
_pdbx_database_status.entry_id                        4PUG 
_pdbx_database_status.recvd_initial_deposition_date   2014-03-13 
_pdbx_database_status.deposit_site                    RCSB 
_pdbx_database_status.process_site                    RCSB 
_pdbx_database_status.status_code_sf                  REL 
_pdbx_database_status.status_code_mr                  ? 
_pdbx_database_status.SG_entry                        ? 
_pdbx_database_status.status_code_cs                  ? 
_pdbx_database_status.methods_development_category    ? 
_pdbx_database_status.pdb_format_compatible           Y 
_pdbx_database_status.status_code_nmr_data            ? 
# 
loop_
_audit_author.name 
_audit_author.pdbx_ordinal 
'Roret, T.'      1 
'Didierjean, C.' 2 
# 
_citation.id                        primary 
_citation.title                     'Structural and Spectroscopic Insights into BolA-Glutaredoxin Complexes.' 
_citation.journal_abbrev            J.Biol.Chem. 
_citation.journal_volume            289 
_citation.page_first                24588 
_citation.page_last                 24598 
_citation.year                      2014 
_citation.journal_id_ASTM           JBCHA3 
_citation.country                   US 
_citation.journal_id_ISSN           0021-9258 
_citation.journal_id_CSD            0071 
_citation.book_publisher            ? 
_citation.pdbx_database_id_PubMed   25012657 
_citation.pdbx_database_id_DOI      10.1074/jbc.M114.572701 
# 
loop_
_citation_author.citation_id 
_citation_author.name 
_citation_author.ordinal 
_citation_author.identifier_ORCID 
primary 'Roret, T.'      1 ? 
primary 'Tsan, P.'       2 ? 
primary 'Couturier, J.'  3 ? 
primary 'Zhang, B.'      4 ? 
primary 'Johnson, M.K.'  5 ? 
primary 'Rouhier, N.'    6 ? 
primary 'Didierjean, C.' 7 ? 
# 
_cell.entry_id           4PUG 
_cell.length_a           30.088 
_cell.length_b           179.875 
_cell.length_c           66.818 
_cell.angle_alpha        90.00 
_cell.angle_beta         90.00 
_cell.angle_gamma        90.00 
_cell.Z_PDB              16 
_cell.pdbx_unique_axis   ? 
_cell.length_a_esd       ? 
_cell.length_b_esd       ? 
_cell.length_c_esd       ? 
_cell.angle_alpha_esd    ? 
_cell.angle_beta_esd     ? 
_cell.angle_gamma_esd    ? 
# 
_symmetry.entry_id                         4PUG 
_symmetry.space_group_name_H-M             'C 2 2 21' 
_symmetry.pdbx_full_space_group_name_H-M   ? 
_symmetry.cell_setting                     ? 
_symmetry.Int_Tables_number                20 
_symmetry.space_group_name_Hall            ? 
# 
loop_
_entity.id 
_entity.type 
_entity.src_method 
_entity.pdbx_description 
_entity.formula_weight 
_entity.pdbx_number_of_molecules 
_entity.pdbx_ec 
_entity.pdbx_mutation 
_entity.pdbx_fragment 
_entity.details 
1 polymer man 'BolA like protein' 11187.762 2   ? ? 'UNP residues 64-160' ? 
2 water   nat water               18.015    206 ? ? ?                     ? 
# 
_entity_name_com.entity_id   1 
_entity_name_com.name        'BolA-like protein' 
# 
_entity_poly.entity_id                      1 
_entity_poly.type                           'polypeptide(L)' 
_entity_poly.nstd_linkage                   no 
_entity_poly.nstd_monomer                   no 
_entity_poly.pdbx_seq_one_letter_code       
;MAIENRASRMREKLQKELEPVELVIEDVSYQHAGHAGMKGRTDDETHFNVKIVSKGFEGMNLVKRHRLVYHLLREELDTG
LHALSIVSKTPSESPSKD
;
_entity_poly.pdbx_seq_one_letter_code_can   
;MAIENRASRMREKLQKELEPVELVIEDVSYQHAGHAGMKGRTDDETHFNVKIVSKGFEGMNLVKRHRLVYHLLREELDTG
LHALSIVSKTPSESPSKD
;
_entity_poly.pdbx_strand_id                 A,B 
_entity_poly.pdbx_target_identifier         ? 
# 
loop_
_entity_poly_seq.entity_id 
_entity_poly_seq.num 
_entity_poly_seq.mon_id 
_entity_poly_seq.hetero 
1 1  MET n 
1 2  ALA n 
1 3  ILE n 
1 4  GLU n 
1 5  ASN n 
1 6  ARG n 
1 7  ALA n 
1 8  SER n 
1 9  ARG n 
1 10 MET n 
1 11 ARG n 
1 12 GLU n 
1 13 LYS n 
1 14 LEU n 
1 15 GLN n 
1 16 LYS n 
1 17 GLU n 
1 18 LEU n 
1 19 GLU n 
1 20 PRO n 
1 21 VAL n 
1 22 GLU n 
1 23 LEU n 
1 24 VAL n 
1 25 ILE n 
1 26 GLU n 
1 27 ASP n 
1 28 VAL n 
1 29 SER n 
1 30 TYR n 
1 31 GLN n 
1 32 HIS n 
1 33 ALA n 
1 34 GLY n 
1 35 HIS n 
1 36 ALA n 
1 37 GLY n 
1 38 MET n 
1 39 LYS n 
1 40 GLY n 
1 41 ARG n 
1 42 THR n 
1 43 ASP n 
1 44 ASP n 
1 45 GLU n 
1 46 THR n 
1 47 HIS n 
1 48 PHE n 
1 49 ASN n 
1 50 VAL n 
1 51 LYS n 
1 52 ILE n 
1 53 VAL n 
1 54 SER n 
1 55 LYS n 
1 56 GLY n 
1 57 PHE n 
1 58 GLU n 
1 59 GLY n 
1 60 MET n 
1 61 ASN n 
1 62 LEU n 
1 63 VAL n 
1 64 LYS n 
1 65 ARG n 
1 66 HIS n 
1 67 ARG n 
1 68 LEU n 
1 69 VAL n 
1 70 TYR n 
1 71 HIS n 
1 72 LEU n 
1 73 LEU n 
1 74 ARG n 
1 75 GLU n 
1 76 GLU n 
1 77 LEU n 
1 78 ASP n 
1 79 THR n 
1 80 GLY n 
1 81 LEU n 
1 82 HIS n 
1 83 ALA n 
1 84 LEU n 
1 85 SER n 
1 86 ILE n 
1 87 VAL n 
1 88 SER n 
1 89 LYS n 
1 90 THR n 
1 91 PRO n 
1 92 SER n 
1 93 GLU n 
1 94 SER n 
1 95 PRO n 
1 96 SER n 
1 97 LYS n 
1 98 ASP n 
# 
_entity_src_gen.entity_id                          1 
_entity_src_gen.pdbx_src_id                        1 
_entity_src_gen.pdbx_alt_source_flag               sample 
_entity_src_gen.pdbx_seq_type                      ? 
_entity_src_gen.pdbx_beg_seq_num                   ? 
_entity_src_gen.pdbx_end_seq_num                   ? 
_entity_src_gen.gene_src_common_name               'mouse-ear cress,thale-cress' 
_entity_src_gen.gene_src_genus                     ? 
_entity_src_gen.pdbx_gene_src_gene                 'AT1G55805, At1g55805' 
_entity_src_gen.gene_src_species                   ? 
_entity_src_gen.gene_src_strain                    ? 
_entity_src_gen.gene_src_tissue                    ? 
_entity_src_gen.gene_src_tissue_fraction           ? 
_entity_src_gen.gene_src_details                   ? 
_entity_src_gen.pdbx_gene_src_fragment             ? 
_entity_src_gen.pdbx_gene_src_scientific_name      'Arabidopsis thaliana' 
_entity_src_gen.pdbx_gene_src_ncbi_taxonomy_id     3702 
_entity_src_gen.pdbx_gene_src_variant              ? 
_entity_src_gen.pdbx_gene_src_cell_line            ? 
_entity_src_gen.pdbx_gene_src_atcc                 ? 
_entity_src_gen.pdbx_gene_src_organ                ? 
_entity_src_gen.pdbx_gene_src_organelle            ? 
_entity_src_gen.pdbx_gene_src_cell                 ? 
_entity_src_gen.pdbx_gene_src_cellular_location    ? 
_entity_src_gen.host_org_common_name               ? 
_entity_src_gen.pdbx_host_org_scientific_name      'Escherichia coli' 
_entity_src_gen.pdbx_host_org_ncbi_taxonomy_id     562 
_entity_src_gen.host_org_genus                     ? 
_entity_src_gen.pdbx_host_org_gene                 ? 
_entity_src_gen.pdbx_host_org_organ                ? 
_entity_src_gen.host_org_species                   ? 
_entity_src_gen.pdbx_host_org_tissue               ? 
_entity_src_gen.pdbx_host_org_tissue_fraction      ? 
_entity_src_gen.pdbx_host_org_strain               ? 
_entity_src_gen.pdbx_host_org_variant              ? 
_entity_src_gen.pdbx_host_org_cell_line            ? 
_entity_src_gen.pdbx_host_org_atcc                 ? 
_entity_src_gen.pdbx_host_org_culture_collection   ? 
_entity_src_gen.pdbx_host_org_cell                 ? 
_entity_src_gen.pdbx_host_org_organelle            ? 
_entity_src_gen.pdbx_host_org_cellular_location    ? 
_entity_src_gen.pdbx_host_org_vector_type          ? 
_entity_src_gen.pdbx_host_org_vector               ? 
_entity_src_gen.host_org_details                   ? 
_entity_src_gen.expression_system_id               ? 
_entity_src_gen.plasmid_name                       ? 
_entity_src_gen.plasmid_details                    ? 
_entity_src_gen.pdbx_description                   ? 
# 
_struct_ref.id                         1 
_struct_ref.db_name                    UNP 
_struct_ref.db_code                    Q682I1_ARATH 
_struct_ref.pdbx_db_accession          Q682I1 
_struct_ref.entity_id                  1 
_struct_ref.pdbx_seq_one_letter_code   
;AIENRASRMREKLQKELEPVELVIEDVSYQHAGHAGMKGRTDDETHFNVKIVSKGFEGMNLVKRHRLVYHLLREELDTGL
HALSIVSKTPSESPSKD
;
_struct_ref.pdbx_align_begin           64 
_struct_ref.pdbx_db_isoform            ? 
# 
loop_
_struct_ref_seq.align_id 
_struct_ref_seq.ref_id 
_struct_ref_seq.pdbx_PDB_id_code 
_struct_ref_seq.pdbx_strand_id 
_struct_ref_seq.seq_align_beg 
_struct_ref_seq.pdbx_seq_align_beg_ins_code 
_struct_ref_seq.seq_align_end 
_struct_ref_seq.pdbx_seq_align_end_ins_code 
_struct_ref_seq.pdbx_db_accession 
_struct_ref_seq.db_align_beg 
_struct_ref_seq.pdbx_db_align_beg_ins_code 
_struct_ref_seq.db_align_end 
_struct_ref_seq.pdbx_db_align_end_ins_code 
_struct_ref_seq.pdbx_auth_seq_align_beg 
_struct_ref_seq.pdbx_auth_seq_align_end 
1 1 4PUG A 2 ? 98 ? Q682I1 64 ? 160 ? 64 160 
2 1 4PUG B 2 ? 98 ? Q682I1 64 ? 160 ? 64 160 
# 
loop_
_struct_ref_seq_dif.align_id 
_struct_ref_seq_dif.pdbx_pdb_id_code 
_struct_ref_seq_dif.mon_id 
_struct_ref_seq_dif.pdbx_pdb_strand_id 
_struct_ref_seq_dif.seq_num 
_struct_ref_seq_dif.pdbx_pdb_ins_code 
_struct_ref_seq_dif.pdbx_seq_db_name 
_struct_ref_seq_dif.pdbx_seq_db_accession_code 
_struct_ref_seq_dif.db_mon_id 
_struct_ref_seq_dif.pdbx_seq_db_seq_num 
_struct_ref_seq_dif.details 
_struct_ref_seq_dif.pdbx_auth_seq_num 
_struct_ref_seq_dif.pdbx_ordinal 
1 4PUG MET A 1 ? UNP Q682I1 ? ? 'initiating methionine' 63 1 
2 4PUG MET B 1 ? UNP Q682I1 ? ? 'initiating methionine' 63 2 
# 
loop_
_chem_comp.id 
_chem_comp.type 
_chem_comp.mon_nstd_flag 
_chem_comp.name 
_chem_comp.pdbx_synonyms 
_chem_comp.formula 
_chem_comp.formula_weight 
ALA 'L-peptide linking' y ALANINE         ? 'C3 H7 N O2'     89.093  
ARG 'L-peptide linking' y ARGININE        ? 'C6 H15 N4 O2 1' 175.209 
ASN 'L-peptide linking' y ASPARAGINE      ? 'C4 H8 N2 O3'    132.118 
ASP 'L-peptide linking' y 'ASPARTIC ACID' ? 'C4 H7 N O4'     133.103 
GLN 'L-peptide linking' y GLUTAMINE       ? 'C5 H10 N2 O3'   146.144 
GLU 'L-peptide linking' y 'GLUTAMIC ACID' ? 'C5 H9 N O4'     147.129 
GLY 'peptide linking'   y GLYCINE         ? 'C2 H5 N O2'     75.067  
HIS 'L-peptide linking' y HISTIDINE       ? 'C6 H10 N3 O2 1' 156.162 
HOH non-polymer         . WATER           ? 'H2 O'           18.015  
ILE 'L-peptide linking' y ISOLEUCINE      ? 'C6 H13 N O2'    131.173 
LEU 'L-peptide linking' y LEUCINE         ? 'C6 H13 N O2'    131.173 
LYS 'L-peptide linking' y LYSINE          ? 'C6 H15 N2 O2 1' 147.195 
MET 'L-peptide linking' y METHIONINE      ? 'C5 H11 N O2 S'  149.211 
PHE 'L-peptide linking' y PHENYLALANINE   ? 'C9 H11 N O2'    165.189 
PRO 'L-peptide linking' y PROLINE         ? 'C5 H9 N O2'     115.130 
SER 'L-peptide linking' y SERINE          ? 'C3 H7 N O3'     105.093 
THR 'L-peptide linking' y THREONINE       ? 'C4 H9 N O3'     119.119 
TYR 'L-peptide linking' y TYROSINE        ? 'C9 H11 N O3'    181.189 
VAL 'L-peptide linking' y VALINE          ? 'C5 H11 N O2'    117.146 
# 
_exptl.entry_id          4PUG 
_exptl.method            'X-RAY DIFFRACTION' 
_exptl.crystals_number   1 
# 
_exptl_crystal.id                    1 
_exptl_crystal.density_meas          ? 
_exptl_crystal.density_Matthews      2.02 
_exptl_crystal.density_percent_sol   39.11 
_exptl_crystal.description           ? 
_exptl_crystal.F_000                 ? 
_exptl_crystal.preparation           ? 
# 
_exptl_crystal_grow.crystal_id      1 
_exptl_crystal_grow.method          'Oil microbatch method' 
_exptl_crystal_grow.temp            278 
_exptl_crystal_grow.temp_details    ? 
_exptl_crystal_grow.pH              ? 
_exptl_crystal_grow.pdbx_details    
'18% PEG4000, 6% 2-propanol, 6% 2.5 hexanediol, 4% xylitol and 0.07 M sodium acetate, Oil microbatch method, temperature 278K' 
_exptl_crystal_grow.pdbx_pH_range   ? 
# 
_diffrn.id                     1 
_diffrn.ambient_temp           100 
_diffrn.ambient_temp_details   ? 
_diffrn.crystal_id             1 
# 
_diffrn_detector.diffrn_id              1 
_diffrn_detector.detector               CCD 
_diffrn_detector.type                   'ADSC QUANTUM 315r' 
_diffrn_detector.pdbx_collection_date   2013-02-18 
_diffrn_detector.details                ? 
# 
_diffrn_radiation.diffrn_id                        1 
_diffrn_radiation.wavelength_id                    1 
_diffrn_radiation.pdbx_monochromatic_or_laue_m_l   M 
_diffrn_radiation.monochromator                    'SI (111)' 
_diffrn_radiation.pdbx_diffrn_protocol             'SINGLE WAVELENGTH' 
_diffrn_radiation.pdbx_scattering_type             x-ray 
# 
_diffrn_radiation_wavelength.id           1 
_diffrn_radiation_wavelength.wavelength   0.979733 
_diffrn_radiation_wavelength.wt           1.0 
# 
_diffrn_source.diffrn_id                   1 
_diffrn_source.source                      SYNCHROTRON 
_diffrn_source.type                        'ESRF BEAMLINE BM30A' 
_diffrn_source.pdbx_synchrotron_site       ESRF 
_diffrn_source.pdbx_synchrotron_beamline   BM30A 
_diffrn_source.pdbx_wavelength             ? 
_diffrn_source.pdbx_wavelength_list        0.979733 
# 
_reflns.entry_id                     4PUG 
_reflns.observed_criterion_sigma_I   0.0 
_reflns.observed_criterion_sigma_F   0.0 
_reflns.d_resolution_low             44.969 
_reflns.d_resolution_high            1.998 
_reflns.number_obs                   12798 
_reflns.number_all                   12798 
_reflns.percent_possible_obs         99.8 
_reflns.pdbx_Rmerge_I_obs            0.102 
_reflns.pdbx_Rsym_value              ? 
_reflns.pdbx_netI_over_sigmaI        11.3 
_reflns.B_iso_Wilson_estimate        18.3 
_reflns.pdbx_redundancy              4.6 
_reflns.R_free_details               ? 
_reflns.limit_h_max                  ? 
_reflns.limit_h_min                  ? 
_reflns.limit_k_max                  ? 
_reflns.limit_k_min                  ? 
_reflns.limit_l_max                  ? 
_reflns.limit_l_min                  ? 
_reflns.observed_criterion_F_max     ? 
_reflns.observed_criterion_F_min     ? 
_reflns.pdbx_chi_squared             ? 
_reflns.pdbx_scaling_rejects         ? 
_reflns.pdbx_ordinal                 1 
_reflns.pdbx_diffrn_id               1 
# 
_reflns_shell.d_res_high             2.0 
_reflns_shell.d_res_low              2.11 
_reflns_shell.percent_possible_all   98.9 
_reflns_shell.Rmerge_I_obs           0.351 
_reflns_shell.pdbx_Rsym_value        ? 
_reflns_shell.meanI_over_sigI_obs    4.1 
_reflns_shell.pdbx_redundancy        4.5 
_reflns_shell.percent_possible_obs   ? 
_reflns_shell.number_unique_all      1790 
_reflns_shell.number_measured_all    ? 
_reflns_shell.number_measured_obs    ? 
_reflns_shell.number_unique_obs      ? 
_reflns_shell.pdbx_chi_squared       ? 
_reflns_shell.pdbx_ordinal           1 
_reflns_shell.pdbx_diffrn_id         1 
# 
_refine.entry_id                                 4PUG 
_refine.ls_number_reflns_obs                     12798 
_refine.ls_number_reflns_all                     12798 
_refine.pdbx_ls_sigma_I                          0.0 
_refine.pdbx_ls_sigma_F                          0.0 
_refine.pdbx_data_cutoff_high_absF               ? 
_refine.pdbx_data_cutoff_low_absF                ? 
_refine.pdbx_data_cutoff_high_rms_absF           ? 
_refine.ls_d_res_low                             44.969 
_refine.ls_d_res_high                            1.998 
_refine.ls_percent_reflns_obs                    99.76 
_refine.ls_R_factor_obs                          0.2007 
_refine.ls_R_factor_all                          0.2007 
_refine.ls_R_factor_R_work                       0.1994 
_refine.ls_R_factor_R_free                       0.2258 
_refine.ls_R_factor_R_free_error                 ? 
_refine.ls_R_factor_R_free_error_details         ? 
_refine.ls_percent_reflns_R_free                 4.89 
_refine.ls_number_reflns_R_free                  625 
_refine.ls_number_parameters                     ? 
_refine.ls_number_restraints                     ? 
_refine.occupancy_min                            ? 
_refine.occupancy_max                            ? 
_refine.correlation_coeff_Fo_to_Fc               ? 
_refine.correlation_coeff_Fo_to_Fc_free          ? 
_refine.B_iso_mean                               ? 
_refine.aniso_B[1][1]                            -6.9811 
_refine.aniso_B[2][2]                            -11.6499 
_refine.aniso_B[3][3]                            18.7329 
_refine.aniso_B[1][2]                            -0.0000 
_refine.aniso_B[1][3]                            0.0000 
_refine.aniso_B[2][3]                            -0.0000 
_refine.solvent_model_details                    'FLAT BULK SOLVENT MODEL' 
_refine.solvent_model_param_ksol                 0.359 
_refine.solvent_model_param_bsol                 43.326 
_refine.pdbx_solvent_vdw_probe_radii             1.10 
_refine.pdbx_solvent_ion_probe_radii             ? 
_refine.pdbx_solvent_shrinkage_radii             0.86 
_refine.pdbx_ls_cross_valid_method               ? 
_refine.details                                  ? 
_refine.pdbx_starting_model                      'PDB ENTRY 4PUI' 
_refine.pdbx_method_to_determine_struct          'MOLECULAR REPLACEMENT' 
_refine.pdbx_isotropic_thermal_model             ? 
_refine.pdbx_stereochemistry_target_values       ML 
_refine.pdbx_stereochem_target_val_spec_case     ? 
_refine.pdbx_R_Free_selection_details            RANDOM 
_refine.pdbx_overall_ESU_R                       ? 
_refine.pdbx_overall_ESU_R_Free                  ? 
_refine.overall_SU_ML                            0.25 
_refine.pdbx_overall_phase_error                 22.14 
_refine.overall_SU_B                             ? 
_refine.overall_SU_R_Cruickshank_DPI             ? 
_refine.ls_redundancy_reflns_obs                 ? 
_refine.B_iso_min                                ? 
_refine.B_iso_max                                ? 
_refine.overall_SU_R_free                        ? 
_refine.ls_wR_factor_R_free                      ? 
_refine.ls_wR_factor_R_work                      ? 
_refine.overall_FOM_free_R_set                   ? 
_refine.overall_FOM_work_R_set                   ? 
_refine.pdbx_diffrn_id                           1 
_refine.pdbx_refine_id                           'X-RAY DIFFRACTION' 
_refine.pdbx_TLS_residual_ADP_flag               ? 
_refine.pdbx_overall_SU_R_free_Cruickshank_DPI   ? 
_refine.pdbx_overall_SU_R_Blow_DPI               ? 
_refine.pdbx_overall_SU_R_free_Blow_DPI          ? 
# 
_refine_hist.pdbx_refine_id                   'X-RAY DIFFRACTION' 
_refine_hist.cycle_id                         LAST 
_refine_hist.pdbx_number_atoms_protein        1435 
_refine_hist.pdbx_number_atoms_nucleic_acid   0 
_refine_hist.pdbx_number_atoms_ligand         0 
_refine_hist.number_atoms_solvent             206 
_refine_hist.number_atoms_total               1641 
_refine_hist.d_res_high                       1.998 
_refine_hist.d_res_low                        44.969 
# 
loop_
_refine_ls_restr.type 
_refine_ls_restr.dev_ideal 
_refine_ls_restr.dev_ideal_target 
_refine_ls_restr.weight 
_refine_ls_restr.number 
_refine_ls_restr.pdbx_restraint_function 
_refine_ls_restr.pdbx_refine_id 
f_bond_d           0.003  ? ? 1477 ? 'X-RAY DIFFRACTION' 
f_angle_d          0.849  ? ? 1986 ? 'X-RAY DIFFRACTION' 
f_dihedral_angle_d 13.964 ? ? 576  ? 'X-RAY DIFFRACTION' 
f_chiral_restr     0.059  ? ? 222  ? 'X-RAY DIFFRACTION' 
f_plane_restr      0.004  ? ? 259  ? 'X-RAY DIFFRACTION' 
# 
loop_
_refine_ls_shell.pdbx_total_number_of_bins_used 
_refine_ls_shell.d_res_high 
_refine_ls_shell.d_res_low 
_refine_ls_shell.number_reflns_R_work 
_refine_ls_shell.R_factor_R_work 
_refine_ls_shell.percent_reflns_obs 
_refine_ls_shell.R_factor_R_free 
_refine_ls_shell.R_factor_R_free_error 
_refine_ls_shell.percent_reflns_R_free 
_refine_ls_shell.number_reflns_R_free 
_refine_ls_shell.number_reflns_all 
_refine_ls_shell.R_factor_all 
_refine_ls_shell.number_reflns_obs 
_refine_ls_shell.redundancy_reflns_obs 
_refine_ls_shell.pdbx_refine_id 
. 1.9982 2.1993  2934 0.2381 99.00  0.2989 . . 169 . . . . 'X-RAY DIFFRACTION' 
. 2.1993 2.5175  3010 0.2110 100.00 0.2380 . . 156 . . . . 'X-RAY DIFFRACTION' 
. 2.5175 3.1716  3025 0.2000 100.00 0.2179 . . 150 . . . . 'X-RAY DIFFRACTION' 
. 3.1716 44.9801 3195 0.1832 100.00 0.2005 . . 150 . . . . 'X-RAY DIFFRACTION' 
# 
_struct.entry_id                  4PUG 
_struct.title                     'BolA1 from Arabidopsis thaliana' 
_struct.pdbx_model_details        ? 
_struct.pdbx_CASP_flag            ? 
_struct.pdbx_model_type_details   ? 
# 
_struct_keywords.entry_id        4PUG 
_struct_keywords.pdbx_keywords   'DNA BINDING PROTEIN' 
_struct_keywords.text            
'stress-responsive protein, transcriptional regulator, morphogen, TRANSCRIPTION, DNA BINDING PROTEIN' 
# 
loop_
_struct_asym.id 
_struct_asym.pdbx_blank_PDB_chainid_flag 
_struct_asym.pdbx_modified 
_struct_asym.entity_id 
_struct_asym.details 
A N N 1 ? 
B N N 1 ? 
C N N 2 ? 
D N N 2 ? 
# 
_struct_biol.id        1 
_struct_biol.details   ? 
# 
loop_
_struct_conf.conf_type_id 
_struct_conf.id 
_struct_conf.pdbx_PDB_helix_id 
_struct_conf.beg_label_comp_id 
_struct_conf.beg_label_asym_id 
_struct_conf.beg_label_seq_id 
_struct_conf.pdbx_beg_PDB_ins_code 
_struct_conf.end_label_comp_id 
_struct_conf.end_label_asym_id 
_struct_conf.end_label_seq_id 
_struct_conf.pdbx_end_PDB_ins_code 
_struct_conf.beg_auth_comp_id 
_struct_conf.beg_auth_asym_id 
_struct_conf.beg_auth_seq_id 
_struct_conf.end_auth_comp_id 
_struct_conf.end_auth_asym_id 
_struct_conf.end_auth_seq_id 
_struct_conf.pdbx_PDB_helix_class 
_struct_conf.details 
_struct_conf.pdbx_PDB_helix_length 
HELX_P HELX_P1  1  ASN A 5  ? GLU A 19 ? ASN A 67  GLU A 81  1 ? 15 
HELX_P HELX_P2  2  VAL A 28 ? ALA A 33 ? VAL A 90  ALA A 95  1 ? 6  
HELX_P HELX_P3  3  LYS A 55 ? GLU A 58 ? LYS A 117 GLU A 120 5 ? 4  
HELX_P HELX_P4  4  ASN A 61 ? LEU A 73 ? ASN A 123 LEU A 135 1 ? 13 
HELX_P HELX_P5  5  LEU A 73 ? THR A 79 ? LEU A 135 THR A 141 1 ? 7  
HELX_P HELX_P6  6  ASN B 5  ? GLU B 19 ? ASN B 67  GLU B 81  1 ? 15 
HELX_P HELX_P7  7  SER B 29 ? HIS B 32 ? SER B 91  HIS B 94  5 ? 4  
HELX_P HELX_P8  8  LYS B 55 ? GLU B 58 ? LYS B 117 GLU B 120 5 ? 4  
HELX_P HELX_P9  9  ASN B 61 ? LEU B 73 ? ASN B 123 LEU B 135 1 ? 13 
HELX_P HELX_P10 10 LEU B 73 ? ASP B 78 ? LEU B 135 ASP B 140 1 ? 6  
# 
_struct_conf_type.id          HELX_P 
_struct_conf_type.criteria    ? 
_struct_conf_type.reference   ? 
# 
loop_
_struct_sheet.id 
_struct_sheet.type 
_struct_sheet.number_strands 
_struct_sheet.details 
A ? 3 ? 
B ? 3 ? 
# 
loop_
_struct_sheet_order.sheet_id 
_struct_sheet_order.range_id_1 
_struct_sheet_order.range_id_2 
_struct_sheet_order.offset 
_struct_sheet_order.sense 
A 1 2 ? anti-parallel 
A 2 3 ? parallel      
B 1 2 ? anti-parallel 
B 2 3 ? parallel      
# 
loop_
_struct_sheet_range.sheet_id 
_struct_sheet_range.id 
_struct_sheet_range.beg_label_comp_id 
_struct_sheet_range.beg_label_asym_id 
_struct_sheet_range.beg_label_seq_id 
_struct_sheet_range.pdbx_beg_PDB_ins_code 
_struct_sheet_range.end_label_comp_id 
_struct_sheet_range.end_label_asym_id 
_struct_sheet_range.end_label_seq_id 
_struct_sheet_range.pdbx_end_PDB_ins_code 
_struct_sheet_range.beg_auth_comp_id 
_struct_sheet_range.beg_auth_asym_id 
_struct_sheet_range.beg_auth_seq_id 
_struct_sheet_range.end_auth_comp_id 
_struct_sheet_range.end_auth_asym_id 
_struct_sheet_range.end_auth_seq_id 
A 1 GLU A 22 ? ASP A 27 ? GLU A 84  ASP A 89  
A 2 HIS A 47 ? VAL A 53 ? HIS A 109 VAL A 115 
A 3 ALA A 83 ? LYS A 89 ? ALA A 145 LYS A 151 
B 1 GLU B 22 ? ASP B 27 ? GLU B 84  ASP B 89  
B 2 HIS B 47 ? VAL B 53 ? HIS B 109 VAL B 115 
B 3 ALA B 83 ? LYS B 89 ? ALA B 145 LYS B 151 
# 
loop_
_pdbx_struct_sheet_hbond.sheet_id 
_pdbx_struct_sheet_hbond.range_id_1 
_pdbx_struct_sheet_hbond.range_id_2 
_pdbx_struct_sheet_hbond.range_1_label_atom_id 
_pdbx_struct_sheet_hbond.range_1_label_comp_id 
_pdbx_struct_sheet_hbond.range_1_label_asym_id 
_pdbx_struct_sheet_hbond.range_1_label_seq_id 
_pdbx_struct_sheet_hbond.range_1_PDB_ins_code 
_pdbx_struct_sheet_hbond.range_1_auth_atom_id 
_pdbx_struct_sheet_hbond.range_1_auth_comp_id 
_pdbx_struct_sheet_hbond.range_1_auth_asym_id 
_pdbx_struct_sheet_hbond.range_1_auth_seq_id 
_pdbx_struct_sheet_hbond.range_2_label_atom_id 
_pdbx_struct_sheet_hbond.range_2_label_comp_id 
_pdbx_struct_sheet_hbond.range_2_label_asym_id 
_pdbx_struct_sheet_hbond.range_2_label_seq_id 
_pdbx_struct_sheet_hbond.range_2_PDB_ins_code 
_pdbx_struct_sheet_hbond.range_2_auth_atom_id 
_pdbx_struct_sheet_hbond.range_2_auth_comp_id 
_pdbx_struct_sheet_hbond.range_2_auth_asym_id 
_pdbx_struct_sheet_hbond.range_2_auth_seq_id 
A 1 2 N GLU A 22 ? N GLU A 84  O VAL A 53 ? O VAL A 115 
A 2 3 N VAL A 50 ? N VAL A 112 O SER A 85 ? O SER A 147 
B 1 2 N GLU B 22 ? N GLU B 84  O VAL B 53 ? O VAL B 115 
B 2 3 N VAL B 50 ? N VAL B 112 O SER B 85 ? O SER B 147 
# 
_atom_sites.entry_id                    4PUG 
_atom_sites.fract_transf_matrix[1][1]   0.02244935 
_atom_sites.fract_transf_matrix[1][2]   0.02098229 
_atom_sites.fract_transf_matrix[1][3]   0.01266498 
_atom_sites.fract_transf_matrix[2][1]   -0.00247741 
_atom_sites.fract_transf_matrix[2][2]   -0.00034590 
_atom_sites.fract_transf_matrix[2][3]   0.00496440 
_atom_sites.fract_transf_matrix[3][1]   0.00879248 
_atom_sites.fract_transf_matrix[3][2]   -0.01156915 
_atom_sites.fract_transf_matrix[3][3]   0.00358166 
_atom_sites.fract_transf_vector[1]      0.498870 
_atom_sites.fract_transf_vector[2]      0.139780 
_atom_sites.fract_transf_vector[3]      -0.042192 
# 
loop_
_atom_type.symbol 
C 
N 
O 
S 
# 
loop_
_atom_site.group_PDB 
_atom_site.id 
_atom_site.type_symbol 
_atom_site.label_atom_id 
_atom_site.label_alt_id 
_atom_site.label_comp_id 
_atom_site.label_asym_id 
_atom_site.label_entity_id 
_atom_site.label_seq_id 
_atom_site.pdbx_PDB_ins_code 
_atom_site.Cartn_x 
_atom_site.Cartn_y 
_atom_site.Cartn_z 
_atom_site.occupancy 
_atom_site.B_iso_or_equiv 
_atom_site.pdbx_formal_charge 
_atom_site.auth_seq_id 
_atom_site.auth_comp_id 
_atom_site.auth_asym_id 
_atom_site.auth_atom_id 
_atom_site.pdbx_PDB_model_num 
ATOM   1    N N   . ALA A 1 2  ? -17.667 4.719   -9.607  1.00 32.47 ? 64  ALA A N   1 
ATOM   2    C CA  . ALA A 1 2  ? -17.268 5.178   -10.931 1.00 34.97 ? 64  ALA A CA  1 
ATOM   3    C C   . ALA A 1 2  ? -15.789 5.558   -10.972 1.00 28.37 ? 64  ALA A C   1 
ATOM   4    O O   . ALA A 1 2  ? -15.263 5.935   -12.021 1.00 34.50 ? 64  ALA A O   1 
ATOM   5    C CB  . ALA A 1 2  ? -18.131 6.344   -11.366 1.00 22.70 ? 64  ALA A CB  1 
ATOM   6    N N   . ILE A 1 3  ? -15.128 5.467   -9.822  1.00 20.47 ? 65  ILE A N   1 
ATOM   7    C CA  . ILE A 1 3  ? -13.677 5.606   -9.758  1.00 27.21 ? 65  ILE A CA  1 
ATOM   8    C C   . ILE A 1 3  ? -13.072 4.339   -9.163  1.00 26.69 ? 65  ILE A C   1 
ATOM   9    O O   . ILE A 1 3  ? -13.382 3.964   -8.031  1.00 26.60 ? 65  ILE A O   1 
ATOM   10   C CB  . ILE A 1 3  ? -13.234 6.814   -8.910  1.00 24.25 ? 65  ILE A CB  1 
ATOM   11   C CG1 . ILE A 1 3  ? -13.885 8.103   -9.410  1.00 22.27 ? 65  ILE A CG1 1 
ATOM   12   C CG2 . ILE A 1 3  ? -11.718 6.946   -8.928  1.00 25.13 ? 65  ILE A CG2 1 
ATOM   13   C CD1 . ILE A 1 3  ? -13.519 9.322   -8.588  1.00 17.83 ? 65  ILE A CD1 1 
ATOM   14   N N   . GLU A 1 4  ? -12.215 3.683   -9.934  1.00 21.62 ? 66  GLU A N   1 
ATOM   15   C CA  . GLU A 1 4  ? -11.556 2.461   -9.495  1.00 22.85 ? 66  GLU A CA  1 
ATOM   16   C C   . GLU A 1 4  ? -10.265 2.799   -8.753  1.00 22.74 ? 66  GLU A C   1 
ATOM   17   O O   . GLU A 1 4  ? -9.228  3.026   -9.376  1.00 36.56 ? 66  GLU A O   1 
ATOM   18   C CB  . GLU A 1 4  ? -11.258 1.577   -10.709 1.00 39.81 ? 66  GLU A CB  1 
ATOM   19   C CG  . GLU A 1 4  ? -10.530 0.276   -10.413 1.00 53.07 ? 66  GLU A CG  1 
ATOM   20   C CD  . GLU A 1 4  ? -10.142 -0.466  -11.682 1.00 63.75 ? 66  GLU A CD  1 
ATOM   21   O OE1 . GLU A 1 4  ? -10.412 0.060   -12.784 1.00 48.97 ? 66  GLU A OE1 1 
ATOM   22   O OE2 . GLU A 1 4  ? -9.565  -1.568  -11.579 1.00 58.87 ? 66  GLU A OE2 1 
ATOM   23   N N   . ASN A 1 5  ? -10.330 2.845   -7.423  1.00 23.88 ? 67  ASN A N   1 
ATOM   24   C CA  . ASN A 1 5  ? -9.145  3.125   -6.613  1.00 16.03 ? 67  ASN A CA  1 
ATOM   25   C C   . ASN A 1 5  ? -9.076  2.305   -5.321  1.00 14.83 ? 67  ASN A C   1 
ATOM   26   O O   . ASN A 1 5  ? -9.911  1.430   -5.088  1.00 12.88 ? 67  ASN A O   1 
ATOM   27   C CB  . ASN A 1 5  ? -9.009  4.630   -6.327  1.00 16.23 ? 67  ASN A CB  1 
ATOM   28   C CG  . ASN A 1 5  ? -10.210 5.209   -5.592  1.00 22.86 ? 67  ASN A CG  1 
ATOM   29   O OD1 . ASN A 1 5  ? -10.953 4.495   -4.919  1.00 14.55 ? 67  ASN A OD1 1 
ATOM   30   N ND2 . ASN A 1 5  ? -10.401 6.519   -5.719  1.00 16.97 ? 67  ASN A ND2 1 
ATOM   31   N N   . ARG A 1 6  ? -8.075  2.588   -4.491  1.00 13.60 ? 68  ARG A N   1 
ATOM   32   C CA  . ARG A 1 6  ? -7.885  1.860   -3.237  1.00 10.75 ? 68  ARG A CA  1 
ATOM   33   C C   . ARG A 1 6  ? -9.027  2.091   -2.249  1.00 11.08 ? 68  ARG A C   1 
ATOM   34   O O   . ARG A 1 6  ? -9.484  1.155   -1.591  1.00 12.08 ? 68  ARG A O   1 
ATOM   35   C CB  . ARG A 1 6  ? -6.540  2.221   -2.594  1.00 11.46 ? 68  ARG A CB  1 
ATOM   36   C CG  . ARG A 1 6  ? -6.439  1.871   -1.112  1.00 14.20 ? 68  ARG A CG  1 
ATOM   37   C CD  . ARG A 1 6  ? -4.995  1.700   -0.671  1.00 13.39 ? 68  ARG A CD  1 
ATOM   38   N NE  . ARG A 1 6  ? -4.351  0.598   -1.379  1.00 16.50 ? 68  ARG A NE  1 
ATOM   39   C CZ  . ARG A 1 6  ? -3.332  0.740   -2.220  1.00 16.34 ? 68  ARG A CZ  1 
ATOM   40   N NH1 . ARG A 1 6  ? -2.819  1.941   -2.453  1.00 13.02 ? 68  ARG A NH1 1 
ATOM   41   N NH2 . ARG A 1 6  ? -2.818  -0.325  -2.822  1.00 14.29 ? 68  ARG A NH2 1 
ATOM   42   N N   . ALA A 1 7  ? -9.482  3.337   -2.152  1.00 9.58  ? 69  ALA A N   1 
ATOM   43   C CA  . ALA A 1 7  ? -10.568 3.687   -1.241  1.00 13.40 ? 69  ALA A CA  1 
ATOM   44   C C   . ALA A 1 7  ? -11.825 2.861   -1.527  1.00 12.86 ? 69  ALA A C   1 
ATOM   45   O O   . ALA A 1 7  ? -12.432 2.288   -0.617  1.00 7.83  ? 69  ALA A O   1 
ATOM   46   C CB  . ALA A 1 7  ? -10.863 5.179   -1.320  1.00 7.90  ? 69  ALA A CB  1 
ATOM   47   N N   . SER A 1 8  ? -12.194 2.795   -2.803  1.00 15.23 ? 70  SER A N   1 
ATOM   48   C CA  . SER A 1 8  ? -13.341 2.010   -3.237  1.00 14.11 ? 70  SER A CA  1 
ATOM   49   C C   . SER A 1 8  ? -13.176 0.522   -2.939  1.00 12.48 ? 70  SER A C   1 
ATOM   50   O O   . SER A 1 8  ? -14.122 -0.121  -2.493  1.00 11.66 ? 70  SER A O   1 
ATOM   51   C CB  . SER A 1 8  ? -13.613 2.213   -4.730  1.00 25.71 ? 70  SER A CB  1 
ATOM   52   O OG  . SER A 1 8  ? -12.552 1.712   -5.517  1.00 37.79 ? 70  SER A OG  1 
ATOM   53   N N   . ARG A 1 9  ? -11.988 -0.025  -3.189  1.00 13.91 ? 71  ARG A N   1 
ATOM   54   C CA  . ARG A 1 9  ? -11.745 -1.445  -2.930  1.00 16.98 ? 71  ARG A CA  1 
ATOM   55   C C   . ARG A 1 9  ? -11.900 -1.746  -1.452  1.00 14.11 ? 71  ARG A C   1 
ATOM   56   O O   . ARG A 1 9  ? -12.560 -2.709  -1.069  1.00 18.52 ? 71  ARG A O   1 
ATOM   57   C CB  . ARG A 1 9  ? -10.351 -1.872  -3.402  1.00 16.67 ? 71  ARG A CB  1 
ATOM   58   C CG  . ARG A 1 9  ? -10.172 -1.886  -4.909  1.00 16.67 ? 71  ARG A CG  1 
ATOM   59   C CD  . ARG A 1 9  ? -8.922  -2.652  -5.321  1.00 18.18 ? 71  ARG A CD  1 
ATOM   60   N NE  . ARG A 1 9  ? -7.707  -2.098  -4.729  1.00 21.22 ? 71  ARG A NE  1 
ATOM   61   C CZ  . ARG A 1 9  ? -7.012  -1.094  -5.252  1.00 17.87 ? 71  ARG A CZ  1 
ATOM   62   N NH1 . ARG A 1 9  ? -7.414  -0.523  -6.380  1.00 17.19 ? 71  ARG A NH1 1 
ATOM   63   N NH2 . ARG A 1 9  ? -5.916  -0.656  -4.646  1.00 13.42 ? 71  ARG A NH2 1 
ATOM   64   N N   . MET A 1 10 ? -11.285 -0.910  -0.624  1.00 14.49 ? 72  MET A N   1 
ATOM   65   C CA  . MET A 1 10 ? -11.400 -1.059  0.818   1.00 16.76 ? 72  MET A CA  1 
ATOM   66   C C   . MET A 1 10 ? -12.850 -0.979  1.279   1.00 19.68 ? 72  MET A C   1 
ATOM   67   O O   . MET A 1 10 ? -13.292 -1.806  2.073   1.00 16.46 ? 72  MET A O   1 
ATOM   68   C CB  . MET A 1 10 ? -10.538 -0.028  1.548   1.00 11.88 ? 72  MET A CB  1 
ATOM   69   C CG  . MET A 1 10 ? -9.051  -0.210  1.310   1.00 16.75 ? 72  MET A CG  1 
ATOM   70   S SD  . MET A 1 10 ? -8.026  1.000   2.166   1.00 24.52 ? 72  MET A SD  1 
ATOM   71   C CE  . MET A 1 10 ? -8.766  2.528   1.617   1.00 19.96 ? 72  MET A CE  1 
ATOM   72   N N   . ARG A 1 11 ? -13.595 0.004   0.777   1.00 15.46 ? 73  ARG A N   1 
ATOM   73   C CA  . ARG A 1 11 ? -15.006 0.121   1.147   1.00 13.47 ? 73  ARG A CA  1 
ATOM   74   C C   . ARG A 1 11 ? -15.810 -1.108  0.741   1.00 15.36 ? 73  ARG A C   1 
ATOM   75   O O   . ARG A 1 11 ? -16.597 -1.621  1.532   1.00 16.41 ? 73  ARG A O   1 
ATOM   76   C CB  . ARG A 1 11 ? -15.654 1.379   0.563   1.00 12.84 ? 73  ARG A CB  1 
ATOM   77   C CG  . ARG A 1 11 ? -17.129 1.503   0.929   1.00 13.58 ? 73  ARG A CG  1 
ATOM   78   C CD  . ARG A 1 11 ? -17.685 2.875   0.603   1.00 13.24 ? 73  ARG A CD  1 
ATOM   79   N NE  . ARG A 1 11 ? -16.945 3.935   1.280   1.00 14.96 ? 73  ARG A NE  1 
ATOM   80   C CZ  . ARG A 1 11 ? -17.158 4.313   2.536   1.00 16.81 ? 73  ARG A CZ  1 
ATOM   81   N NH1 . ARG A 1 11 ? -18.088 3.715   3.268   1.00 14.24 ? 73  ARG A NH1 1 
ATOM   82   N NH2 . ARG A 1 11 ? -16.433 5.290   3.065   1.00 19.00 ? 73  ARG A NH2 1 
ATOM   83   N N   . GLU A 1 12 ? -15.609 -1.571  -0.489  1.00 19.29 ? 74  GLU A N   1 
ATOM   84   C CA  . GLU A 1 12 ? -16.311 -2.747  -0.993  1.00 18.65 ? 74  GLU A CA  1 
ATOM   85   C C   . GLU A 1 12 ? -16.023 -3.958  -0.121  1.00 21.69 ? 74  GLU A C   1 
ATOM   86   O O   . GLU A 1 12 ? -16.943 -4.615  0.364   1.00 17.09 ? 74  GLU A O   1 
ATOM   87   C CB  . GLU A 1 12 ? -15.922 -3.035  -2.448  1.00 16.30 ? 74  GLU A CB  1 
ATOM   88   C CG  . GLU A 1 12 ? -16.670 -4.209  -3.080  1.00 19.10 ? 74  GLU A CG  1 
ATOM   89   C CD  . GLU A 1 12 ? -15.933 -5.534  -2.938  1.00 24.26 ? 74  GLU A CD  1 
ATOM   90   O OE1 . GLU A 1 12 ? -14.787 -5.528  -2.446  1.00 30.17 ? 74  GLU A OE1 1 
ATOM   91   O OE2 . GLU A 1 12 ? -16.498 -6.581  -3.322  1.00 21.18 ? 74  GLU A OE2 1 
ATOM   92   N N   . LYS A 1 13 ? -14.739 -4.239  0.082   1.00 15.92 ? 75  LYS A N   1 
ATOM   93   C CA  . LYS A 1 13 ? -14.315 -5.368  0.904   1.00 18.62 ? 75  LYS A CA  1 
ATOM   94   C C   . LYS A 1 13 ? -14.865 -5.315  2.328   1.00 19.01 ? 75  LYS A C   1 
ATOM   95   O O   . LYS A 1 13 ? -15.493 -6.263  2.787   1.00 17.11 ? 75  LYS A O   1 
ATOM   96   C CB  . LYS A 1 13 ? -12.791 -5.472  0.946   1.00 19.11 ? 75  LYS A CB  1 
ATOM   97   C CG  . LYS A 1 13 ? -12.302 -6.682  1.713   1.00 32.90 ? 75  LYS A CG  1 
ATOM   98   C CD  . LYS A 1 13 ? -11.316 -7.495  0.896   1.00 29.38 ? 75  LYS A CD  1 
ATOM   99   C CE  . LYS A 1 13 ? -11.101 -8.867  1.517   1.00 30.32 ? 75  LYS A CE  1 
ATOM   100  N NZ  . LYS A 1 13 ? -9.981  -9.608  0.873   1.00 39.80 ? 75  LYS A NZ  1 
ATOM   101  N N   . LEU A 1 14 ? -14.632 -4.205  3.020   1.00 21.20 ? 76  LEU A N   1 
ATOM   102  C CA  . LEU A 1 14 ? -15.083 -4.066  4.404   1.00 20.27 ? 76  LEU A CA  1 
ATOM   103  C C   . LEU A 1 14 ? -16.601 -4.151  4.537   1.00 20.92 ? 76  LEU A C   1 
ATOM   104  O O   . LEU A 1 14 ? -17.115 -4.872  5.396   1.00 20.45 ? 76  LEU A O   1 
ATOM   105  C CB  . LEU A 1 14 ? -14.570 -2.763  5.018   1.00 12.59 ? 76  LEU A CB  1 
ATOM   106  C CG  . LEU A 1 14 ? -13.053 -2.668  5.165   1.00 15.47 ? 76  LEU A CG  1 
ATOM   107  C CD1 . LEU A 1 14 ? -12.644 -1.298  5.681   1.00 12.51 ? 76  LEU A CD1 1 
ATOM   108  C CD2 . LEU A 1 14 ? -12.539 -3.770  6.082   1.00 12.43 ? 76  LEU A CD2 1 
ATOM   109  N N   . GLN A 1 15 ? -17.314 -3.422  3.683   1.00 17.01 ? 77  GLN A N   1 
ATOM   110  C CA  . GLN A 1 15 ? -18.771 -3.427  3.718   1.00 19.10 ? 77  GLN A CA  1 
ATOM   111  C C   . GLN A 1 15 ? -19.317 -4.820  3.438   1.00 24.25 ? 77  GLN A C   1 
ATOM   112  O O   . GLN A 1 15 ? -20.280 -5.252  4.068   1.00 21.66 ? 77  GLN A O   1 
ATOM   113  C CB  . GLN A 1 15 ? -19.344 -2.427  2.715   1.00 17.18 ? 77  GLN A CB  1 
ATOM   114  C CG  . GLN A 1 15 ? -20.830 -2.198  2.868   1.00 19.80 ? 77  GLN A CG  1 
ATOM   115  C CD  . GLN A 1 15 ? -21.182 -1.566  4.201   1.00 21.85 ? 77  GLN A CD  1 
ATOM   116  O OE1 . GLN A 1 15 ? -20.550 -0.599  4.629   1.00 19.81 ? 77  GLN A OE1 1 
ATOM   117  N NE2 . GLN A 1 15 ? -22.192 -2.113  4.870   1.00 25.01 ? 77  GLN A NE2 1 
ATOM   118  N N   . LYS A 1 16 ? -18.695 -5.527  2.499   1.00 18.76 ? 78  LYS A N   1 
ATOM   119  C CA  . LYS A 1 16 ? -19.132 -6.881  2.169   1.00 20.49 ? 78  LYS A CA  1 
ATOM   120  C C   . LYS A 1 16 ? -18.871 -7.869  3.309   1.00 21.38 ? 78  LYS A C   1 
ATOM   121  O O   . LYS A 1 16 ? -19.743 -8.661  3.657   1.00 24.09 ? 78  LYS A O   1 
ATOM   122  C CB  . LYS A 1 16 ? -18.488 -7.381  0.868   1.00 36.18 ? 78  LYS A CB  1 
ATOM   123  C CG  . LYS A 1 16 ? -18.918 -8.795  0.490   1.00 38.73 ? 78  LYS A CG  1 
ATOM   124  C CD  . LYS A 1 16 ? -18.645 -9.114  -0.971  1.00 46.81 ? 78  LYS A CD  1 
ATOM   125  C CE  . LYS A 1 16 ? -17.169 -9.352  -1.230  1.00 51.20 ? 78  LYS A CE  1 
ATOM   126  N NZ  . LYS A 1 16 ? -16.855 -10.804 -1.331  1.00 62.41 ? 78  LYS A NZ  1 
ATOM   127  N N   . GLU A 1 17 ? -17.680 -7.817  3.897   1.00 19.87 ? 79  GLU A N   1 
ATOM   128  C CA  . GLU A 1 17 ? -17.308 -8.806  4.912   1.00 20.01 ? 79  GLU A CA  1 
ATOM   129  C C   . GLU A 1 17 ? -17.896 -8.563  6.306   1.00 28.84 ? 79  GLU A C   1 
ATOM   130  O O   . GLU A 1 17 ? -18.224 -9.514  7.017   1.00 28.43 ? 79  GLU A O   1 
ATOM   131  C CB  . GLU A 1 17 ? -15.785 -8.968  4.994   1.00 23.62 ? 79  GLU A CB  1 
ATOM   132  C CG  . GLU A 1 17 ? -15.176 -9.630  3.769   1.00 35.09 ? 79  GLU A CG  1 
ATOM   133  C CD  . GLU A 1 17 ? -15.953 -10.857 3.332   1.00 38.71 ? 79  GLU A CD  1 
ATOM   134  O OE1 . GLU A 1 17 ? -16.259 -11.708 4.194   1.00 33.15 ? 79  GLU A OE1 1 
ATOM   135  O OE2 . GLU A 1 17 ? -16.264 -10.965 2.126   1.00 41.40 ? 79  GLU A OE2 1 
ATOM   136  N N   . LEU A 1 18 ? -18.043 -7.302  6.694   1.00 28.46 ? 80  LEU A N   1 
ATOM   137  C CA  . LEU A 1 18 ? -18.431 -6.988  8.066   1.00 28.78 ? 80  LEU A CA  1 
ATOM   138  C C   . LEU A 1 18 ? -19.817 -6.358  8.188   1.00 24.44 ? 80  LEU A C   1 
ATOM   139  O O   . LEU A 1 18 ? -20.297 -6.132  9.300   1.00 25.96 ? 80  LEU A O   1 
ATOM   140  C CB  . LEU A 1 18 ? -17.374 -6.090  8.712   1.00 27.00 ? 80  LEU A CB  1 
ATOM   141  C CG  . LEU A 1 18 ? -15.975 -6.705  8.751   1.00 27.01 ? 80  LEU A CG  1 
ATOM   142  C CD1 . LEU A 1 18 ? -14.976 -5.750  9.379   1.00 27.92 ? 80  LEU A CD1 1 
ATOM   143  C CD2 . LEU A 1 18 ? -15.997 -8.031  9.497   1.00 32.83 ? 80  LEU A CD2 1 
ATOM   144  N N   . GLU A 1 19 ? -20.447 -6.106  7.040   1.00 18.50 ? 81  GLU A N   1 
ATOM   145  C CA  . GLU A 1 19 ? -21.717 -5.373  6.946   1.00 23.77 ? 81  GLU A CA  1 
ATOM   146  C C   . GLU A 1 19 ? -21.864 -4.264  7.985   1.00 21.77 ? 81  GLU A C   1 
ATOM   147  O O   . GLU A 1 19 ? -22.841 -4.240  8.733   1.00 19.74 ? 81  GLU A O   1 
ATOM   148  C CB  . GLU A 1 19 ? -22.912 -6.331  7.022   1.00 21.47 ? 81  GLU A CB  1 
ATOM   149  C CG  . GLU A 1 19 ? -22.931 -7.372  5.917   1.00 23.16 ? 81  GLU A CG  1 
ATOM   150  C CD  . GLU A 1 19 ? -24.115 -8.314  6.016   1.00 36.96 ? 81  GLU A CD  1 
ATOM   151  O OE1 . GLU A 1 19 ? -25.196 -7.875  6.464   1.00 45.75 ? 81  GLU A OE1 1 
ATOM   152  O OE2 . GLU A 1 19 ? -23.963 -9.498  5.650   1.00 31.83 ? 81  GLU A OE2 1 
ATOM   153  N N   . PRO A 1 20 ? -20.892 -3.341  8.037   1.00 20.88 ? 82  PRO A N   1 
ATOM   154  C CA  . PRO A 1 20 ? -20.938 -2.354  9.117   1.00 17.55 ? 82  PRO A CA  1 
ATOM   155  C C   . PRO A 1 20 ? -22.139 -1.424  9.018   1.00 18.47 ? 82  PRO A C   1 
ATOM   156  O O   . PRO A 1 20 ? -22.588 -1.085  7.922   1.00 22.16 ? 82  PRO A O   1 
ATOM   157  C CB  . PRO A 1 20 ? -19.647 -1.559  8.915   1.00 18.03 ? 82  PRO A CB  1 
ATOM   158  C CG  . PRO A 1 20 ? -19.358 -1.678  7.467   1.00 17.67 ? 82  PRO A CG  1 
ATOM   159  C CD  . PRO A 1 20 ? -19.814 -3.055  7.073   1.00 17.49 ? 82  PRO A CD  1 
ATOM   160  N N   . VAL A 1 21 ? -22.664 -1.023  10.167  1.00 16.73 ? 83  VAL A N   1 
ATOM   161  C CA  . VAL A 1 21 ? -23.689 -0.003  10.172  1.00 25.21 ? 83  VAL A CA  1 
ATOM   162  C C   . VAL A 1 21 ? -23.011 1.349   9.955   1.00 21.81 ? 83  VAL A C   1 
ATOM   163  O O   . VAL A 1 21 ? -23.632 2.291   9.453   1.00 17.27 ? 83  VAL A O   1 
ATOM   164  C CB  . VAL A 1 21 ? -24.529 -0.020  11.470  1.00 31.03 ? 83  VAL A CB  1 
ATOM   165  C CG1 . VAL A 1 21 ? -23.708 0.452   12.665  1.00 24.14 ? 83  VAL A CG1 1 
ATOM   166  C CG2 . VAL A 1 21 ? -25.777 0.825   11.295  1.00 37.32 ? 83  VAL A CG2 1 
ATOM   167  N N   . GLU A 1 22 ? -21.727 1.438   10.302  1.00 16.91 ? 84  GLU A N   1 
ATOM   168  C CA  . GLU A 1 22 ? -20.997 2.675   10.009  1.00 16.66 ? 84  GLU A CA  1 
ATOM   169  C C   . GLU A 1 22 ? -19.590 2.438   9.471   1.00 17.02 ? 84  GLU A C   1 
ATOM   170  O O   . GLU A 1 22 ? -18.802 1.728   10.078  1.00 15.32 ? 84  GLU A O   1 
ATOM   171  C CB  . GLU A 1 22 ? -20.949 3.588   11.233  1.00 30.36 ? 84  GLU A CB  1 
ATOM   172  C CG  . GLU A 1 22 ? -20.353 4.949   10.931  1.00 28.24 ? 84  GLU A CG  1 
ATOM   173  C CD  . GLU A 1 22 ? -20.245 5.824   12.155  1.00 39.82 ? 84  GLU A CD  1 
ATOM   174  O OE1 . GLU A 1 22 ? -20.622 5.362   13.253  1.00 42.21 ? 84  GLU A OE1 1 
ATOM   175  O OE2 . GLU A 1 22 ? -19.783 6.975   12.015  1.00 38.86 ? 84  GLU A OE2 1 
ATOM   176  N N   . LEU A 1 23 ? -19.268 3.047   8.334   1.00 15.37 ? 85  LEU A N   1 
ATOM   177  C CA  . LEU A 1 23 ? -17.966 2.820   7.718   1.00 13.90 ? 85  LEU A CA  1 
ATOM   178  C C   . LEU A 1 23 ? -17.348 4.112   7.194   1.00 12.35 ? 85  LEU A C   1 
ATOM   179  O O   . LEU A 1 23 ? -17.795 4.669   6.188   1.00 13.71 ? 85  LEU A O   1 
ATOM   180  C CB  . LEU A 1 23 ? -18.071 1.775   6.603   1.00 11.93 ? 85  LEU A CB  1 
ATOM   181  C CG  . LEU A 1 23 ? -16.766 1.402   5.898   1.00 10.57 ? 85  LEU A CG  1 
ATOM   182  C CD1 . LEU A 1 23 ? -15.696 1.003   6.908   1.00 11.86 ? 85  LEU A CD1 1 
ATOM   183  C CD2 . LEU A 1 23 ? -17.013 0.278   4.906   1.00 10.87 ? 85  LEU A CD2 1 
ATOM   184  N N   . VAL A 1 24 ? -16.320 4.584   7.892   1.00 18.98 ? 86  VAL A N   1 
ATOM   185  C CA  . VAL A 1 24 ? -15.588 5.775   7.481   1.00 10.85 ? 86  VAL A CA  1 
ATOM   186  C C   . VAL A 1 24 ? -14.207 5.397   6.959   1.00 14.61 ? 86  VAL A C   1 
ATOM   187  O O   . VAL A 1 24 ? -13.413 4.775   7.667   1.00 12.05 ? 86  VAL A O   1 
ATOM   188  C CB  . VAL A 1 24 ? -15.428 6.776   8.640   1.00 21.59 ? 86  VAL A CB  1 
ATOM   189  C CG1 . VAL A 1 24 ? -14.803 8.069   8.137   1.00 21.07 ? 86  VAL A CG1 1 
ATOM   190  C CG2 . VAL A 1 24 ? -16.773 7.050   9.293   1.00 18.30 ? 86  VAL A CG2 1 
ATOM   191  N N   . ILE A 1 25 ? -13.928 5.770   5.716   1.00 15.81 ? 87  ILE A N   1 
ATOM   192  C CA  . ILE A 1 25 ? -12.624 5.520   5.119   1.00 14.94 ? 87  ILE A CA  1 
ATOM   193  C C   . ILE A 1 25 ? -11.995 6.838   4.680   1.00 17.11 ? 87  ILE A C   1 
ATOM   194  O O   . ILE A 1 25 ? -12.302 7.366   3.610   1.00 11.78 ? 87  ILE A O   1 
ATOM   195  C CB  . ILE A 1 25 ? -12.720 4.535   3.941   1.00 18.74 ? 87  ILE A CB  1 
ATOM   196  C CG1 . ILE A 1 25 ? -13.291 3.201   4.424   1.00 16.68 ? 87  ILE A CG1 1 
ATOM   197  C CG2 . ILE A 1 25 ? -11.357 4.333   3.301   1.00 17.45 ? 87  ILE A CG2 1 
ATOM   198  C CD1 . ILE A 1 25 ? -13.178 2.087   3.423   1.00 18.43 ? 87  ILE A CD1 1 
ATOM   199  N N   . GLU A 1 26 ? -11.117 7.364   5.528   1.00 14.37 ? 88  GLU A N   1 
ATOM   200  C CA  . GLU A 1 26 ? -10.532 8.680   5.322   1.00 14.08 ? 88  GLU A CA  1 
ATOM   201  C C   . GLU A 1 26 ? -9.114  8.593   4.775   1.00 16.33 ? 88  GLU A C   1 
ATOM   202  O O   . GLU A 1 26 ? -8.229  8.007   5.404   1.00 14.76 ? 88  GLU A O   1 
ATOM   203  C CB  . GLU A 1 26 ? -10.527 9.467   6.634   1.00 14.43 ? 88  GLU A CB  1 
ATOM   204  C CG  . GLU A 1 26 ? -10.036 10.896  6.493   1.00 16.06 ? 88  GLU A CG  1 
ATOM   205  C CD  . GLU A 1 26 ? -9.826  11.574  7.832   1.00 16.91 ? 88  GLU A CD  1 
ATOM   206  O OE1 . GLU A 1 26 ? -9.497  10.872  8.811   1.00 18.26 ? 88  GLU A OE1 1 
ATOM   207  O OE2 . GLU A 1 26 ? -9.993  12.808  7.906   1.00 15.97 ? 88  GLU A OE2 1 
ATOM   208  N N   . ASP A 1 27 ? -8.913  9.185   3.601   1.00 11.43 ? 89  ASP A N   1 
ATOM   209  C CA  . ASP A 1 27 ? -7.599  9.280   2.981   1.00 13.26 ? 89  ASP A CA  1 
ATOM   210  C C   . ASP A 1 27 ? -6.883  10.512  3.527   1.00 14.59 ? 89  ASP A C   1 
ATOM   211  O O   . ASP A 1 27 ? -7.338  11.638  3.330   1.00 23.38 ? 89  ASP A O   1 
ATOM   212  C CB  . ASP A 1 27 ? -7.743  9.389   1.458   1.00 15.40 ? 89  ASP A CB  1 
ATOM   213  C CG  . ASP A 1 27 ? -6.431  9.154   0.719   1.00 14.70 ? 89  ASP A CG  1 
ATOM   214  O OD1 . ASP A 1 27 ? -5.355  9.333   1.323   1.00 17.96 ? 89  ASP A OD1 1 
ATOM   215  O OD2 . ASP A 1 27 ? -6.478  8.796   -0.476  1.00 17.47 ? 89  ASP A OD2 1 
ATOM   216  N N   . VAL A 1 28 ? -5.772  10.293  4.221   1.00 11.41 ? 90  VAL A N   1 
ATOM   217  C CA  . VAL A 1 28 ? -4.947  11.394  4.709   1.00 12.09 ? 90  VAL A CA  1 
ATOM   218  C C   . VAL A 1 28 ? -3.529  11.312  4.146   1.00 17.38 ? 90  VAL A C   1 
ATOM   219  O O   . VAL A 1 28 ? -2.582  11.814  4.753   1.00 14.58 ? 90  VAL A O   1 
ATOM   220  C CB  . VAL A 1 28 ? -4.885  11.428  6.252   1.00 20.00 ? 90  VAL A CB  1 
ATOM   221  C CG1 . VAL A 1 28 ? -6.217  11.885  6.832   1.00 14.56 ? 90  VAL A CG1 1 
ATOM   222  C CG2 . VAL A 1 28 ? -4.488  10.066  6.803   1.00 12.19 ? 90  VAL A CG2 1 
ATOM   223  N N   . SER A 1 29 ? -3.394  10.684  2.979   1.00 13.64 ? 91  SER A N   1 
ATOM   224  C CA  . SER A 1 29 ? -2.091  10.500  2.345   1.00 11.70 ? 91  SER A CA  1 
ATOM   225  C C   . SER A 1 29 ? -1.416  11.829  1.993   1.00 15.71 ? 91  SER A C   1 
ATOM   226  O O   . SER A 1 29 ? -0.192  11.920  1.985   1.00 15.41 ? 91  SER A O   1 
ATOM   227  C CB  . SER A 1 29 ? -2.225  9.641   1.084   1.00 14.37 ? 91  SER A CB  1 
ATOM   228  O OG  . SER A 1 29 ? -2.753  8.362   1.378   1.00 13.41 ? 91  SER A OG  1 
ATOM   229  N N   . TYR A 1 30 ? -2.222  12.850  1.712   1.00 19.74 ? 92  TYR A N   1 
ATOM   230  C CA  . TYR A 1 30 ? -1.725  14.155  1.280   1.00 24.28 ? 92  TYR A CA  1 
ATOM   231  C C   . TYR A 1 30 ? -0.882  14.863  2.352   1.00 23.18 ? 92  TYR A C   1 
ATOM   232  O O   . TYR A 1 30 ? -0.154  15.818  2.045   1.00 24.46 ? 92  TYR A O   1 
ATOM   233  C CB  . TYR A 1 30 ? -2.892  15.046  0.853   1.00 20.74 ? 92  TYR A CB  1 
ATOM   234  C CG  . TYR A 1 30 ? -3.985  15.180  1.896   1.00 17.77 ? 92  TYR A CG  1 
ATOM   235  C CD1 . TYR A 1 30 ? -3.906  16.141  2.892   1.00 22.84 ? 92  TYR A CD1 1 
ATOM   236  C CD2 . TYR A 1 30 ? -5.099  14.349  1.878   1.00 18.92 ? 92  TYR A CD2 1 
ATOM   237  C CE1 . TYR A 1 30 ? -4.900  16.270  3.843   1.00 20.99 ? 92  TYR A CE1 1 
ATOM   238  C CE2 . TYR A 1 30 ? -6.097  14.468  2.825   1.00 20.31 ? 92  TYR A CE2 1 
ATOM   239  C CZ  . TYR A 1 30 ? -5.994  15.432  3.805   1.00 19.92 ? 92  TYR A CZ  1 
ATOM   240  O OH  . TYR A 1 30 ? -6.985  15.559  4.754   1.00 21.08 ? 92  TYR A OH  1 
ATOM   241  N N   A GLN A 1 31 ? -0.979  14.387  3.587   0.49 17.55 ? 93  GLN A N   1 
ATOM   242  N N   B GLN A 1 31 ? -0.986  14.386  3.588   0.51 17.57 ? 93  GLN A N   1 
ATOM   243  C CA  A GLN A 1 31 ? -0.213  14.946  4.696   0.49 23.14 ? 93  GLN A CA  1 
ATOM   244  C CA  B GLN A 1 31 ? -0.224  14.932  4.705   0.51 23.14 ? 93  GLN A CA  1 
ATOM   245  C C   A GLN A 1 31 ? 1.065   14.155  4.950   0.49 23.33 ? 93  GLN A C   1 
ATOM   246  C C   B GLN A 1 31 ? 1.080   14.168  4.914   0.51 23.33 ? 93  GLN A C   1 
ATOM   247  O O   A GLN A 1 31 ? 2.002   14.673  5.559   0.49 23.54 ? 93  GLN A O   1 
ATOM   248  O O   B GLN A 1 31 ? 2.041   14.712  5.458   0.51 23.54 ? 93  GLN A O   1 
ATOM   249  C CB  A GLN A 1 31 ? -1.055  14.948  5.977   0.49 25.38 ? 93  GLN A CB  1 
ATOM   250  C CB  B GLN A 1 31 ? -1.049  14.852  5.992   0.51 25.37 ? 93  GLN A CB  1 
ATOM   251  C CG  A GLN A 1 31 ? -2.202  15.939  5.978   0.49 28.92 ? 93  GLN A CG  1 
ATOM   252  C CG  B GLN A 1 31 ? -2.174  15.862  6.109   0.51 28.91 ? 93  GLN A CG  1 
ATOM   253  C CD  A GLN A 1 31 ? -1.727  17.375  5.898   0.49 31.87 ? 93  GLN A CD  1 
ATOM   254  C CD  B GLN A 1 31 ? -2.884  15.749  7.449   0.51 26.35 ? 93  GLN A CD  1 
ATOM   255  O OE1 A GLN A 1 31 ? -2.300  18.194  5.179   0.49 34.16 ? 93  GLN A OE1 1 
ATOM   256  O OE1 B GLN A 1 31 ? -3.485  14.719  7.759   0.51 27.66 ? 93  GLN A OE1 1 
ATOM   257  N NE2 A GLN A 1 31 ? -0.673  17.689  6.640   0.49 33.98 ? 93  GLN A NE2 1 
ATOM   258  N NE2 B GLN A 1 31 ? -2.815  16.806  8.250   0.51 34.72 ? 93  GLN A NE2 1 
ATOM   259  N N   . HIS A 1 32 ? 1.105   12.907  4.491   1.00 20.42 ? 94  HIS A N   1 
ATOM   260  C CA  . HIS A 1 32 ? 2.208   12.018  4.836   1.00 20.07 ? 94  HIS A CA  1 
ATOM   261  C C   . HIS A 1 32 ? 2.976   11.415  3.669   1.00 22.59 ? 94  HIS A C   1 
ATOM   262  O O   . HIS A 1 32 ? 3.994   10.761  3.881   1.00 25.46 ? 94  HIS A O   1 
ATOM   263  C CB  . HIS A 1 32 ? 1.700   10.898  5.746   1.00 19.37 ? 94  HIS A CB  1 
ATOM   264  C CG  . HIS A 1 32 ? 0.787   11.376  6.833   1.00 22.56 ? 94  HIS A CG  1 
ATOM   265  N ND1 . HIS A 1 32 ? 1.221   12.145  7.890   1.00 19.35 ? 94  HIS A ND1 1 
ATOM   266  C CD2 . HIS A 1 32 ? -0.541  11.195  7.024   1.00 23.10 ? 94  HIS A CD2 1 
ATOM   267  C CE1 . HIS A 1 32 ? 0.203   12.420  8.686   1.00 19.27 ? 94  HIS A CE1 1 
ATOM   268  N NE2 . HIS A 1 32 ? -0.881  11.852  8.180   1.00 24.96 ? 94  HIS A NE2 1 
ATOM   269  N N   . ALA A 1 33 ? 2.513   11.635  2.444   1.00 19.92 ? 95  ALA A N   1 
ATOM   270  C CA  . ALA A 1 33 ? 3.174   11.013  1.302   1.00 17.57 ? 95  ALA A CA  1 
ATOM   271  C C   . ALA A 1 33 ? 3.007   11.778  -0.004  1.00 22.90 ? 95  ALA A C   1 
ATOM   272  O O   . ALA A 1 33 ? 2.364   12.825  -0.056  1.00 19.39 ? 95  ALA A O   1 
ATOM   273  C CB  . ALA A 1 33 ? 2.699   9.581   1.141   1.00 15.94 ? 95  ALA A CB  1 
ATOM   274  N N   . GLY A 1 34 ? 3.606   11.236  -1.059  1.00 24.73 ? 96  GLY A N   1 
ATOM   275  C CA  . GLY A 1 34 ? 3.506   11.818  -2.382  1.00 26.31 ? 96  GLY A CA  1 
ATOM   276  C C   . GLY A 1 34 ? 4.523   12.916  -2.616  1.00 24.54 ? 96  GLY A C   1 
ATOM   277  O O   . GLY A 1 34 ? 5.184   13.373  -1.684  1.00 18.76 ? 96  GLY A O   1 
ATOM   278  N N   . HIS A 1 35 ? 4.650   13.323  -3.875  1.00 23.34 ? 97  HIS A N   1 
ATOM   279  C CA  . HIS A 1 35 ? 5.458   14.473  -4.264  1.00 20.40 ? 97  HIS A CA  1 
ATOM   280  C C   . HIS A 1 35 ? 5.150   14.825  -5.712  1.00 24.52 ? 97  HIS A C   1 
ATOM   281  O O   . HIS A 1 35 ? 4.863   13.941  -6.520  1.00 28.68 ? 97  HIS A O   1 
ATOM   282  C CB  . HIS A 1 35 ? 6.951   14.189  -4.103  1.00 26.91 ? 97  HIS A CB  1 
ATOM   283  C CG  . HIS A 1 35 ? 7.805   15.418  -4.164  1.00 24.20 ? 97  HIS A CG  1 
ATOM   284  N ND1 . HIS A 1 35 ? 8.268   15.947  -5.352  1.00 29.80 ? 97  HIS A ND1 1 
ATOM   285  C CD2 . HIS A 1 35 ? 8.276   16.224  -3.187  1.00 30.90 ? 97  HIS A CD2 1 
ATOM   286  C CE1 . HIS A 1 35 ? 8.990   17.025  -5.101  1.00 34.88 ? 97  HIS A CE1 1 
ATOM   287  N NE2 . HIS A 1 35 ? 9.011   17.215  -3.793  1.00 35.45 ? 97  HIS A NE2 1 
ATOM   288  N N   . ALA A 1 36 ? 5.221   16.113  -6.040  1.00 19.31 ? 98  ALA A N   1 
ATOM   289  C CA  . ALA A 1 36 ? 4.905   16.585  -7.386  1.00 26.82 ? 98  ALA A CA  1 
ATOM   290  C C   . ALA A 1 36 ? 5.820   15.986  -8.455  1.00 24.20 ? 98  ALA A C   1 
ATOM   291  O O   . ALA A 1 36 ? 5.446   15.899  -9.625  1.00 24.31 ? 98  ALA A O   1 
ATOM   292  C CB  . ALA A 1 36 ? 4.956   18.108  -7.437  1.00 23.34 ? 98  ALA A CB  1 
ATOM   293  N N   . GLY A 1 37 ? 7.015   15.573  -8.045  1.00 29.37 ? 99  GLY A N   1 
ATOM   294  C CA  . GLY A 1 37 ? 7.966   14.960  -8.956  1.00 27.83 ? 99  GLY A CA  1 
ATOM   295  C C   . GLY A 1 37 ? 7.619   13.522  -9.298  1.00 40.80 ? 99  GLY A C   1 
ATOM   296  O O   . GLY A 1 37 ? 8.201   12.939  -10.213 1.00 35.82 ? 99  GLY A O   1 
ATOM   297  N N   . MET A 1 38 ? 6.668   12.951  -8.564  1.00 30.04 ? 100 MET A N   1 
ATOM   298  C CA  . MET A 1 38 ? 6.245   11.572  -8.789  1.00 29.28 ? 100 MET A CA  1 
ATOM   299  C C   . MET A 1 38 ? 4.774   11.468  -9.199  1.00 28.72 ? 100 MET A C   1 
ATOM   300  O O   . MET A 1 38 ? 4.290   10.380  -9.514  1.00 27.08 ? 100 MET A O   1 
ATOM   301  C CB  . MET A 1 38 ? 6.469   10.731  -7.529  1.00 22.14 ? 100 MET A CB  1 
ATOM   302  C CG  . MET A 1 38 ? 7.906   10.670  -7.038  1.00 24.33 ? 100 MET A CG  1 
ATOM   303  S SD  . MET A 1 38 ? 8.091   9.512   -5.667  1.00 25.49 ? 100 MET A SD  1 
ATOM   304  C CE  . MET A 1 38 ? 7.134   10.331  -4.391  1.00 21.68 ? 100 MET A CE  1 
ATOM   305  N N   . LYS A 1 39 ? 4.072   12.598  -9.195  1.00 25.06 ? 101 LYS A N   1 
ATOM   306  C CA  . LYS A 1 39 ? 2.618   12.613  -9.368  1.00 25.13 ? 101 LYS A CA  1 
ATOM   307  C C   . LYS A 1 39 ? 2.135   12.065  -10.711 1.00 26.75 ? 101 LYS A C   1 
ATOM   308  O O   . LYS A 1 39 ? 2.650   12.429  -11.769 1.00 24.44 ? 101 LYS A O   1 
ATOM   309  C CB  . LYS A 1 39 ? 2.075   14.026  -9.149  1.00 40.30 ? 101 LYS A CB  1 
ATOM   310  C CG  . LYS A 1 39 ? 0.582   14.083  -8.878  1.00 44.58 ? 101 LYS A CG  1 
ATOM   311  C CD  . LYS A 1 39 ? 0.214   15.384  -8.191  1.00 47.59 ? 101 LYS A CD  1 
ATOM   312  C CE  . LYS A 1 39 ? -1.288  15.522  -8.024  1.00 63.83 ? 101 LYS A CE  1 
ATOM   313  N NZ  . LYS A 1 39 ? -1.636  16.783  -7.313  1.00 59.88 ? 101 LYS A NZ  1 
ATOM   314  N N   . GLY A 1 40 ? 1.134   11.190  -10.653 1.00 32.85 ? 102 GLY A N   1 
ATOM   315  C CA  . GLY A 1 40 ? 0.568   10.586  -11.844 1.00 27.65 ? 102 GLY A CA  1 
ATOM   316  C C   . GLY A 1 40 ? 1.255   9.288   -12.222 1.00 26.85 ? 102 GLY A C   1 
ATOM   317  O O   . GLY A 1 40 ? 0.842   8.612   -13.165 1.00 28.94 ? 102 GLY A O   1 
ATOM   318  N N   . ARG A 1 41 ? 2.310   8.939   -11.490 1.00 24.63 ? 103 ARG A N   1 
ATOM   319  C CA  . ARG A 1 41 ? 3.085   7.742   -11.805 1.00 19.46 ? 103 ARG A CA  1 
ATOM   320  C C   . ARG A 1 41 ? 3.409   6.885   -10.579 1.00 19.58 ? 103 ARG A C   1 
ATOM   321  O O   . ARG A 1 41 ? 4.061   5.849   -10.695 1.00 14.63 ? 103 ARG A O   1 
ATOM   322  C CB  . ARG A 1 41 ? 4.370   8.117   -12.546 1.00 22.88 ? 103 ARG A CB  1 
ATOM   323  C CG  . ARG A 1 41 ? 4.127   8.956   -13.793 1.00 36.80 ? 103 ARG A CG  1 
ATOM   324  C CD  . ARG A 1 41 ? 5.405   9.236   -14.545 1.00 26.39 ? 103 ARG A CD  1 
ATOM   325  N NE  . ARG A 1 41 ? 5.951   8.030   -15.157 1.00 23.07 ? 103 ARG A NE  1 
ATOM   326  C CZ  . ARG A 1 41 ? 7.092   7.996   -15.834 1.00 18.70 ? 103 ARG A CZ  1 
ATOM   327  N NH1 . ARG A 1 41 ? 7.805   9.104   -15.981 1.00 23.00 ? 103 ARG A NH1 1 
ATOM   328  N NH2 . ARG A 1 41 ? 7.522   6.858   -16.362 1.00 18.88 ? 103 ARG A NH2 1 
ATOM   329  N N   . THR A 1 42 ? 2.957   7.324   -9.408  1.00 16.57 ? 104 THR A N   1 
ATOM   330  C CA  . THR A 1 42 ? 3.090   6.531   -8.188  1.00 17.10 ? 104 THR A CA  1 
ATOM   331  C C   . THR A 1 42 ? 1.742   6.425   -7.482  1.00 19.19 ? 104 THR A C   1 
ATOM   332  O O   . THR A 1 42 ? 0.868   7.271   -7.669  1.00 18.75 ? 104 THR A O   1 
ATOM   333  C CB  . THR A 1 42 ? 4.132   7.127   -7.217  1.00 18.68 ? 104 THR A CB  1 
ATOM   334  O OG1 . THR A 1 42 ? 3.767   8.472   -6.888  1.00 21.39 ? 104 THR A OG1 1 
ATOM   335  C CG2 . THR A 1 42 ? 5.523   7.115   -7.839  1.00 18.76 ? 104 THR A CG2 1 
ATOM   336  N N   . ASP A 1 43 ? 1.574   5.378   -6.680  1.00 13.59 ? 105 ASP A N   1 
ATOM   337  C CA  . ASP A 1 43 ? 0.346   5.179   -5.921  1.00 17.93 ? 105 ASP A CA  1 
ATOM   338  C C   . ASP A 1 43 ? 0.283   6.182   -4.769  1.00 12.10 ? 105 ASP A C   1 
ATOM   339  O O   . ASP A 1 43 ? 1.084   6.115   -3.839  1.00 15.39 ? 105 ASP A O   1 
ATOM   340  C CB  . ASP A 1 43 ? 0.297   3.747   -5.381  1.00 21.16 ? 105 ASP A CB  1 
ATOM   341  C CG  . ASP A 1 43 ? -1.080  3.349   -4.882  1.00 18.22 ? 105 ASP A CG  1 
ATOM   342  O OD1 . ASP A 1 43 ? -1.892  4.240   -4.560  1.00 16.82 ? 105 ASP A OD1 1 
ATOM   343  O OD2 . ASP A 1 43 ? -1.347  2.131   -4.807  1.00 18.79 ? 105 ASP A OD2 1 
ATOM   344  N N   . ASP A 1 44 ? -0.672  7.107   -4.836  1.00 18.72 ? 106 ASP A N   1 
ATOM   345  C CA  . ASP A 1 44 ? -0.809  8.144   -3.813  1.00 10.99 ? 106 ASP A CA  1 
ATOM   346  C C   . ASP A 1 44 ? -1.774  7.777   -2.688  1.00 15.55 ? 106 ASP A C   1 
ATOM   347  O O   . ASP A 1 44 ? -2.036  8.596   -1.813  1.00 13.44 ? 106 ASP A O   1 
ATOM   348  C CB  . ASP A 1 44 ? -1.252  9.475   -4.434  1.00 15.25 ? 106 ASP A CB  1 
ATOM   349  C CG  . ASP A 1 44 ? -0.108  10.232  -5.079  1.00 16.81 ? 106 ASP A CG  1 
ATOM   350  O OD1 . ASP A 1 44 ? 1.057   9.995   -4.702  1.00 18.31 ? 106 ASP A OD1 1 
ATOM   351  O OD2 . ASP A 1 44 ? -0.379  11.074  -5.960  1.00 20.35 ? 106 ASP A OD2 1 
ATOM   352  N N   . GLU A 1 45 ? -2.314  6.562   -2.711  1.00 15.55 ? 107 GLU A N   1 
ATOM   353  C CA  . GLU A 1 45 ? -3.213  6.129   -1.642  1.00 15.05 ? 107 GLU A CA  1 
ATOM   354  C C   . GLU A 1 45 ? -2.468  5.287   -0.610  1.00 13.86 ? 107 GLU A C   1 
ATOM   355  O O   . GLU A 1 45 ? -2.508  4.056   -0.641  1.00 10.68 ? 107 GLU A O   1 
ATOM   356  C CB  . GLU A 1 45 ? -4.414  5.374   -2.211  1.00 13.81 ? 107 GLU A CB  1 
ATOM   357  C CG  . GLU A 1 45 ? -5.284  6.235   -3.109  1.00 16.99 ? 107 GLU A CG  1 
ATOM   358  C CD  . GLU A 1 45 ? -6.454  5.476   -3.699  1.00 21.09 ? 107 GLU A CD  1 
ATOM   359  O OE1 . GLU A 1 45 ? -6.241  4.714   -4.665  1.00 14.95 ? 107 GLU A OE1 1 
ATOM   360  O OE2 . GLU A 1 45 ? -7.586  5.640   -3.198  1.00 17.27 ? 107 GLU A OE2 1 
ATOM   361  N N   . THR A 1 46 ? -1.803  5.973   0.315   1.00 11.71 ? 108 THR A N   1 
ATOM   362  C CA  . THR A 1 46 ? -0.830  5.342   1.199   1.00 15.14 ? 108 THR A CA  1 
ATOM   363  C C   . THR A 1 46 ? -1.209  5.386   2.679   1.00 12.74 ? 108 THR A C   1 
ATOM   364  O O   . THR A 1 46 ? -0.774  4.537   3.455   1.00 14.57 ? 108 THR A O   1 
ATOM   365  C CB  . THR A 1 46 ? 0.550   6.001   1.042   1.00 17.39 ? 108 THR A CB  1 
ATOM   366  O OG1 . THR A 1 46 ? 0.442   7.401   1.322   1.00 12.73 ? 108 THR A OG1 1 
ATOM   367  C CG2 . THR A 1 46 ? 1.073   5.819   -0.373  1.00 13.62 ? 108 THR A CG2 1 
ATOM   368  N N   . HIS A 1 47 ? -2.004  6.379   3.071   1.00 13.04 ? 109 HIS A N   1 
ATOM   369  C CA  . HIS A 1 47 ? -2.387  6.545   4.472   1.00 17.24 ? 109 HIS A CA  1 
ATOM   370  C C   . HIS A 1 47 ? -3.896  6.624   4.661   1.00 15.00 ? 109 HIS A C   1 
ATOM   371  O O   . HIS A 1 47 ? -4.562  7.482   4.078   1.00 12.26 ? 109 HIS A O   1 
ATOM   372  C CB  . HIS A 1 47 ? -1.741  7.796   5.068   1.00 16.58 ? 109 HIS A CB  1 
ATOM   373  C CG  . HIS A 1 47 ? -0.260  7.691   5.237   1.00 20.60 ? 109 HIS A CG  1 
ATOM   374  N ND1 . HIS A 1 47 ? 0.610   7.616   4.172   1.00 17.71 ? 109 HIS A ND1 1 
ATOM   375  C CD2 . HIS A 1 47 ? 0.508   7.655   6.352   1.00 20.57 ? 109 HIS A CD2 1 
ATOM   376  C CE1 . HIS A 1 47 ? 1.849   7.533   4.621   1.00 17.46 ? 109 HIS A CE1 1 
ATOM   377  N NE2 . HIS A 1 47 ? 1.813   7.554   5.944   1.00 18.55 ? 109 HIS A NE2 1 
ATOM   378  N N   . PHE A 1 48 ? -4.434  5.739   5.496   1.00 13.54 ? 110 PHE A N   1 
ATOM   379  C CA  . PHE A 1 48 ? -5.875  5.717   5.739   1.00 19.07 ? 110 PHE A CA  1 
ATOM   380  C C   . PHE A 1 48 ? -6.261  5.576   7.211   1.00 16.40 ? 110 PHE A C   1 
ATOM   381  O O   . PHE A 1 48 ? -5.645  4.818   7.964   1.00 18.42 ? 110 PHE A O   1 
ATOM   382  C CB  . PHE A 1 48 ? -6.548  4.614   4.918   1.00 13.84 ? 110 PHE A CB  1 
ATOM   383  C CG  . PHE A 1 48 ? -6.755  4.975   3.471   1.00 13.10 ? 110 PHE A CG  1 
ATOM   384  C CD1 . PHE A 1 48 ? -7.898  5.649   3.069   1.00 15.43 ? 110 PHE A CD1 1 
ATOM   385  C CD2 . PHE A 1 48 ? -5.810  4.640   2.515   1.00 18.86 ? 110 PHE A CD2 1 
ATOM   386  C CE1 . PHE A 1 48 ? -8.095  5.981   1.741   1.00 12.64 ? 110 PHE A CE1 1 
ATOM   387  C CE2 . PHE A 1 48 ? -6.000  4.972   1.183   1.00 17.33 ? 110 PHE A CE2 1 
ATOM   388  C CZ  . PHE A 1 48 ? -7.144  5.644   0.797   1.00 19.09 ? 110 PHE A CZ  1 
ATOM   389  N N   . ASN A 1 49 ? -7.287  6.328   7.600   1.00 10.08 ? 111 ASN A N   1 
ATOM   390  C CA  . ASN A 1 49 ? -7.950  6.147   8.882   1.00 15.70 ? 111 ASN A CA  1 
ATOM   391  C C   . ASN A 1 49 ? -9.294  5.488   8.629   1.00 18.06 ? 111 ASN A C   1 
ATOM   392  O O   . ASN A 1 49 ? -10.117 6.016   7.885   1.00 18.64 ? 111 ASN A O   1 
ATOM   393  C CB  . ASN A 1 49 ? -8.166  7.489   9.582   1.00 15.53 ? 111 ASN A CB  1 
ATOM   394  C CG  . ASN A 1 49 ? -6.868  8.166   9.970   1.00 26.52 ? 111 ASN A CG  1 
ATOM   395  O OD1 . ASN A 1 49 ? -5.923  7.516   10.413  1.00 20.26 ? 111 ASN A OD1 1 
ATOM   396  N ND2 . ASN A 1 49 ? -6.816  9.483   9.805   1.00 19.68 ? 111 ASN A ND2 1 
ATOM   397  N N   . VAL A 1 50 ? -9.515  4.330   9.236   1.00 12.50 ? 112 VAL A N   1 
ATOM   398  C CA  . VAL A 1 50 ? -10.738 3.574   9.003   1.00 13.80 ? 112 VAL A CA  1 
ATOM   399  C C   . VAL A 1 50 ? -11.502 3.338   10.302  1.00 22.21 ? 112 VAL A C   1 
ATOM   400  O O   . VAL A 1 50 ? -10.961 2.793   11.270  1.00 20.95 ? 112 VAL A O   1 
ATOM   401  C CB  . VAL A 1 50 ? -10.449 2.215   8.329   1.00 13.94 ? 112 VAL A CB  1 
ATOM   402  C CG1 . VAL A 1 50 ? -11.743 1.461   8.073   1.00 16.91 ? 112 VAL A CG1 1 
ATOM   403  C CG2 . VAL A 1 50 ? -9.685  2.420   7.025   1.00 14.15 ? 112 VAL A CG2 1 
ATOM   404  N N   . LYS A 1 51 ? -12.760 3.764   10.321  1.00 19.01 ? 113 LYS A N   1 
ATOM   405  C CA  . LYS A 1 51 ? -13.642 3.459   11.435  1.00 15.51 ? 113 LYS A CA  1 
ATOM   406  C C   . LYS A 1 51 ? -14.737 2.508   10.973  1.00 19.79 ? 113 LYS A C   1 
ATOM   407  O O   . LYS A 1 51 ? -15.456 2.789   10.014  1.00 19.99 ? 113 LYS A O   1 
ATOM   408  C CB  . LYS A 1 51 ? -14.249 4.729   12.031  1.00 14.19 ? 113 LYS A CB  1 
ATOM   409  C CG  . LYS A 1 51 ? -15.263 4.440   13.130  1.00 19.48 ? 113 LYS A CG  1 
ATOM   410  C CD  . LYS A 1 51 ? -15.773 5.705   13.794  1.00 18.80 ? 113 LYS A CD  1 
ATOM   411  C CE  . LYS A 1 51 ? -16.773 5.360   14.889  1.00 26.65 ? 113 LYS A CE  1 
ATOM   412  N NZ  . LYS A 1 51 ? -16.706 6.299   16.043  1.00 44.42 ? 113 LYS A NZ  1 
ATOM   413  N N   . ILE A 1 52 ? -14.846 1.372   11.653  1.00 16.65 ? 114 ILE A N   1 
ATOM   414  C CA  . ILE A 1 52 ? -15.830 0.360   11.304  1.00 21.02 ? 114 ILE A CA  1 
ATOM   415  C C   . ILE A 1 52 ? -16.710 0.025   12.504  1.00 21.79 ? 114 ILE A C   1 
ATOM   416  O O   . ILE A 1 52 ? -16.231 -0.492  13.516  1.00 18.86 ? 114 ILE A O   1 
ATOM   417  C CB  . ILE A 1 52 ? -15.155 -0.934  10.808  1.00 19.42 ? 114 ILE A CB  1 
ATOM   418  C CG1 . ILE A 1 52 ? -14.067 -0.614  9.782   1.00 20.53 ? 114 ILE A CG1 1 
ATOM   419  C CG2 . ILE A 1 52 ? -16.188 -1.882  10.221  1.00 20.83 ? 114 ILE A CG2 1 
ATOM   420  C CD1 . ILE A 1 52 ? -13.168 -1.789  9.455   1.00 26.03 ? 114 ILE A CD1 1 
ATOM   421  N N   . VAL A 1 53 ? -17.997 0.331   12.386  1.00 17.57 ? 115 VAL A N   1 
ATOM   422  C CA  . VAL A 1 53 ? -18.994 -0.056  13.373  1.00 18.99 ? 115 VAL A CA  1 
ATOM   423  C C   . VAL A 1 53 ? -19.884 -1.176  12.821  1.00 19.52 ? 115 VAL A C   1 
ATOM   424  O O   . VAL A 1 53 ? -20.733 -0.943  11.932  1.00 20.38 ? 115 VAL A O   1 
ATOM   425  C CB  . VAL A 1 53 ? -19.856 1.141   13.814  1.00 11.94 ? 115 VAL A CB  1 
ATOM   426  C CG1 . VAL A 1 53 ? -20.787 0.721   14.933  1.00 17.16 ? 115 VAL A CG1 1 
ATOM   427  C CG2 . VAL A 1 53 ? -18.964 2.292   14.266  1.00 20.34 ? 115 VAL A CG2 1 
ATOM   428  N N   . SER A 1 54 ? -19.676 -2.374  13.371  1.00 15.93 ? 116 SER A N   1 
ATOM   429  C CA  . SER A 1 54 ? -20.277 -3.611  12.887  1.00 19.76 ? 116 SER A CA  1 
ATOM   430  C C   . SER A 1 54 ? -20.570 -4.553  14.054  1.00 21.29 ? 116 SER A C   1 
ATOM   431  O O   . SER A 1 54 ? -19.849 -4.544  15.054  1.00 22.69 ? 116 SER A O   1 
ATOM   432  C CB  . SER A 1 54 ? -19.313 -4.304  11.926  1.00 23.44 ? 116 SER A CB  1 
ATOM   433  O OG  . SER A 1 54 ? -19.549 -5.697  11.891  1.00 23.91 ? 116 SER A OG  1 
ATOM   434  N N   . LYS A 1 55 ? -21.601 -5.384  13.907  1.00 23.65 ? 117 LYS A N   1 
ATOM   435  C CA  . LYS A 1 55 ? -21.975 -6.371  14.925  1.00 26.73 ? 117 LYS A CA  1 
ATOM   436  C C   . LYS A 1 55 ? -21.059 -7.592  14.932  1.00 27.07 ? 117 LYS A C   1 
ATOM   437  O O   . LYS A 1 55 ? -21.067 -8.380  15.880  1.00 27.01 ? 117 LYS A O   1 
ATOM   438  C CB  . LYS A 1 55 ? -23.415 -6.841  14.708  1.00 28.22 ? 117 LYS A CB  1 
ATOM   439  C CG  . LYS A 1 55 ? -24.474 -5.782  14.941  1.00 34.99 ? 117 LYS A CG  1 
ATOM   440  C CD  . LYS A 1 55 ? -25.822 -6.232  14.396  1.00 43.89 ? 117 LYS A CD  1 
ATOM   441  C CE  . LYS A 1 55 ? -26.921 -5.247  14.759  1.00 51.40 ? 117 LYS A CE  1 
ATOM   442  N NZ  . LYS A 1 55 ? -28.229 -5.628  14.158  1.00 73.72 ? 117 LYS A NZ  1 
ATOM   443  N N   . GLY A 1 56 ? -20.284 -7.754  13.864  1.00 20.63 ? 118 GLY A N   1 
ATOM   444  C CA  . GLY A 1 56 ? -19.368 -8.874  13.745  1.00 13.32 ? 118 GLY A CA  1 
ATOM   445  C C   . GLY A 1 56 ? -18.243 -8.840  14.763  1.00 18.85 ? 118 GLY A C   1 
ATOM   446  O O   . GLY A 1 56 ? -17.543 -9.834  14.953  1.00 24.16 ? 118 GLY A O   1 
ATOM   447  N N   . PHE A 1 57 ? -18.073 -7.696  15.420  1.00 19.42 ? 119 PHE A N   1 
ATOM   448  C CA  . PHE A 1 57 ? -17.016 -7.515  16.415  1.00 17.96 ? 119 PHE A CA  1 
ATOM   449  C C   . PHE A 1 57 ? -17.418 -7.982  17.814  1.00 28.95 ? 119 PHE A C   1 
ATOM   450  O O   . PHE A 1 57 ? -16.584 -8.024  18.720  1.00 24.75 ? 119 PHE A O   1 
ATOM   451  C CB  . PHE A 1 57 ? -16.583 -6.049  16.473  1.00 22.09 ? 119 PHE A CB  1 
ATOM   452  C CG  . PHE A 1 57 ? -15.890 -5.573  15.231  1.00 19.87 ? 119 PHE A CG  1 
ATOM   453  C CD1 . PHE A 1 57 ? -15.009 -6.399  14.555  1.00 17.08 ? 119 PHE A CD1 1 
ATOM   454  C CD2 . PHE A 1 57 ? -16.124 -4.301  14.736  1.00 20.09 ? 119 PHE A CD2 1 
ATOM   455  C CE1 . PHE A 1 57 ? -14.368 -5.964  13.408  1.00 25.11 ? 119 PHE A CE1 1 
ATOM   456  C CE2 . PHE A 1 57 ? -15.490 -3.859  13.591  1.00 18.27 ? 119 PHE A CE2 1 
ATOM   457  C CZ  . PHE A 1 57 ? -14.609 -4.693  12.925  1.00 24.98 ? 119 PHE A CZ  1 
ATOM   458  N N   . GLU A 1 58 ? -18.694 -8.319  17.987  1.00 22.69 ? 120 GLU A N   1 
ATOM   459  C CA  . GLU A 1 58 ? -19.210 -8.775  19.278  1.00 21.45 ? 120 GLU A CA  1 
ATOM   460  C C   . GLU A 1 58 ? -18.461 -9.989  19.823  1.00 18.72 ? 120 GLU A C   1 
ATOM   461  O O   . GLU A 1 58 ? -18.326 -11.007 19.143  1.00 20.76 ? 120 GLU A O   1 
ATOM   462  C CB  . GLU A 1 58 ? -20.703 -9.089  19.177  1.00 37.08 ? 120 GLU A CB  1 
ATOM   463  C CG  . GLU A 1 58 ? -21.603 -7.961  19.648  1.00 41.82 ? 120 GLU A CG  1 
ATOM   464  C CD  . GLU A 1 58 ? -22.972 -8.001  18.999  1.00 57.83 ? 120 GLU A CD  1 
ATOM   465  O OE1 . GLU A 1 58 ? -23.352 -9.066  18.469  1.00 56.33 ? 120 GLU A OE1 1 
ATOM   466  O OE2 . GLU A 1 58 ? -23.663 -6.962  19.010  1.00 59.69 ? 120 GLU A OE2 1 
ATOM   467  N N   . GLY A 1 59 ? -17.972 -9.868  21.054  1.00 22.72 ? 121 GLY A N   1 
ATOM   468  C CA  . GLY A 1 59 ? -17.245 -10.946 21.700  1.00 20.48 ? 121 GLY A CA  1 
ATOM   469  C C   . GLY A 1 59 ? -15.780 -11.012 21.316  1.00 29.39 ? 121 GLY A C   1 
ATOM   470  O O   . GLY A 1 59 ? -15.043 -11.876 21.792  1.00 24.53 ? 121 GLY A O   1 
ATOM   471  N N   . MET A 1 60 ? -15.353 -10.103 20.446  1.00 24.78 ? 122 MET A N   1 
ATOM   472  C CA  . MET A 1 60 ? -13.955 -10.051 20.048  1.00 22.74 ? 122 MET A CA  1 
ATOM   473  C C   . MET A 1 60 ? -13.205 -9.043  20.900  1.00 18.81 ? 122 MET A C   1 
ATOM   474  O O   . MET A 1 60 ? -13.672 -7.923  21.101  1.00 23.05 ? 122 MET A O   1 
ATOM   475  C CB  . MET A 1 60 ? -13.823 -9.651  18.580  1.00 22.65 ? 122 MET A CB  1 
ATOM   476  C CG  . MET A 1 60 ? -14.418 -10.625 17.580  1.00 27.13 ? 122 MET A CG  1 
ATOM   477  S SD  . MET A 1 60 ? -13.931 -10.163 15.906  1.00 33.87 ? 122 MET A SD  1 
ATOM   478  C CE  . MET A 1 60 ? -14.731 -11.442 14.947  1.00 21.54 ? 122 MET A CE  1 
ATOM   479  N N   . ASN A 1 61 ? -12.040 -9.433  21.403  1.00 15.35 ? 123 ASN A N   1 
ATOM   480  C CA  . ASN A 1 61 ? -11.152 -8.461  22.021  1.00 14.98 ? 123 ASN A CA  1 
ATOM   481  C C   . ASN A 1 61 ? -10.580 -7.571  20.920  1.00 18.35 ? 123 ASN A C   1 
ATOM   482  O O   . ASN A 1 61 ? -10.769 -7.859  19.737  1.00 16.96 ? 123 ASN A O   1 
ATOM   483  C CB  . ASN A 1 61 ? -10.046 -9.160  22.816  1.00 24.22 ? 123 ASN A CB  1 
ATOM   484  C CG  . ASN A 1 61 ? -9.367  -10.260 22.025  1.00 29.56 ? 123 ASN A CG  1 
ATOM   485  O OD1 . ASN A 1 61 ? -9.345  -10.230 20.797  1.00 31.93 ? 123 ASN A OD1 1 
ATOM   486  N ND2 . ASN A 1 61 ? -8.808  -11.240 22.726  1.00 31.80 ? 123 ASN A ND2 1 
ATOM   487  N N   . LEU A 1 62 ? -9.896  -6.493  21.288  1.00 19.70 ? 124 LEU A N   1 
ATOM   488  C CA  . LEU A 1 62 ? -9.357  -5.576  20.282  1.00 29.31 ? 124 LEU A CA  1 
ATOM   489  C C   . LEU A 1 62 ? -8.397  -6.258  19.304  1.00 24.24 ? 124 LEU A C   1 
ATOM   490  O O   . LEU A 1 62 ? -8.470  -6.030  18.089  1.00 22.85 ? 124 LEU A O   1 
ATOM   491  C CB  . LEU A 1 62 ? -8.688  -4.367  20.947  1.00 31.12 ? 124 LEU A CB  1 
ATOM   492  C CG  . LEU A 1 62 ? -8.149  -3.258  20.039  1.00 26.74 ? 124 LEU A CG  1 
ATOM   493  C CD1 . LEU A 1 62 ? -8.418  -1.898  20.666  1.00 35.97 ? 124 LEU A CD1 1 
ATOM   494  C CD2 . LEU A 1 62 ? -6.659  -3.435  19.777  1.00 25.79 ? 124 LEU A CD2 1 
ATOM   495  N N   . VAL A 1 63 ? -7.503  -7.092  19.832  1.00 19.20 ? 125 VAL A N   1 
ATOM   496  C CA  . VAL A 1 63 ? -6.477  -7.722  19.005  1.00 20.69 ? 125 VAL A CA  1 
ATOM   497  C C   . VAL A 1 63 ? -7.090  -8.558  17.881  1.00 22.11 ? 125 VAL A C   1 
ATOM   498  O O   . VAL A 1 63 ? -6.617  -8.520  16.749  1.00 15.68 ? 125 VAL A O   1 
ATOM   499  C CB  . VAL A 1 63 ? -5.449  -8.542  19.843  1.00 24.73 ? 125 VAL A CB  1 
ATOM   500  C CG1 . VAL A 1 63 ? -6.141  -9.628  20.659  1.00 32.57 ? 125 VAL A CG1 1 
ATOM   501  C CG2 . VAL A 1 63 ? -4.355  -9.130  18.947  1.00 29.72 ? 125 VAL A CG2 1 
ATOM   502  N N   . LYS A 1 64 ? -8.171  -9.269  18.182  1.00 19.41 ? 126 LYS A N   1 
ATOM   503  C CA  . LYS A 1 64 ? -8.838  -10.106 17.190  1.00 22.94 ? 126 LYS A CA  1 
ATOM   504  C C   . LYS A 1 64 ? -9.568  -9.284  16.128  1.00 27.35 ? 126 LYS A C   1 
ATOM   505  O O   . LYS A 1 64 ? -9.538  -9.630  14.944  1.00 17.99 ? 126 LYS A O   1 
ATOM   506  C CB  . LYS A 1 64 ? -9.814  -11.056 17.877  1.00 28.77 ? 126 LYS A CB  1 
ATOM   507  C CG  . LYS A 1 64 ? -9.995  -12.376 17.171  1.00 37.27 ? 126 LYS A CG  1 
ATOM   508  C CD  . LYS A 1 64 ? -11.082 -13.185 17.843  1.00 43.26 ? 126 LYS A CD  1 
ATOM   509  C CE  . LYS A 1 64 ? -11.831 -14.029 16.831  1.00 37.70 ? 126 LYS A CE  1 
ATOM   510  N NZ  . LYS A 1 64 ? -13.025 -14.679 17.436  1.00 34.01 ? 126 LYS A NZ  1 
ATOM   511  N N   . ARG A 1 65 ? -10.231 -8.210  16.556  1.00 22.12 ? 127 ARG A N   1 
ATOM   512  C CA  . ARG A 1 65 ? -10.907 -7.294  15.637  1.00 23.77 ? 127 ARG A CA  1 
ATOM   513  C C   . ARG A 1 65 ? -9.903  -6.726  14.644  1.00 21.50 ? 127 ARG A C   1 
ATOM   514  O O   . ARG A 1 65 ? -10.077 -6.813  13.423  1.00 19.68 ? 127 ARG A O   1 
ATOM   515  C CB  . ARG A 1 65 ? -11.556 -6.137  16.409  1.00 17.74 ? 127 ARG A CB  1 
ATOM   516  C CG  . ARG A 1 65 ? -12.642 -6.541  17.398  1.00 17.89 ? 127 ARG A CG  1 
ATOM   517  C CD  . ARG A 1 65 ? -13.238 -5.333  18.127  1.00 23.21 ? 127 ARG A CD  1 
ATOM   518  N NE  . ARG A 1 65 ? -14.198 -5.746  19.151  1.00 24.42 ? 127 ARG A NE  1 
ATOM   519  C CZ  . ARG A 1 65 ? -15.000 -4.921  19.818  1.00 18.50 ? 127 ARG A CZ  1 
ATOM   520  N NH1 . ARG A 1 65 ? -14.977 -3.617  19.579  1.00 18.08 ? 127 ARG A NH1 1 
ATOM   521  N NH2 . ARG A 1 65 ? -15.834 -5.408  20.727  1.00 24.07 ? 127 ARG A NH2 1 
ATOM   522  N N   . HIS A 1 66 ? -8.839  -6.146  15.188  1.00 19.65 ? 128 HIS A N   1 
ATOM   523  C CA  . HIS A 1 66 ? -7.802  -5.540  14.362  1.00 21.84 ? 128 HIS A CA  1 
ATOM   524  C C   . HIS A 1 66 ? -7.076  -6.539  13.465  1.00 23.56 ? 128 HIS A C   1 
ATOM   525  O O   . HIS A 1 66 ? -6.704  -6.203  12.340  1.00 23.52 ? 128 HIS A O   1 
ATOM   526  C CB  . HIS A 1 66 ? -6.811  -4.750  15.213  1.00 36.18 ? 128 HIS A CB  1 
ATOM   527  C CG  . HIS A 1 66 ? -7.325  -3.421  15.652  1.00 39.38 ? 128 HIS A CG  1 
ATOM   528  N ND1 . HIS A 1 66 ? -6.539  -2.298  15.717  1.00 43.17 ? 128 HIS A ND1 1 
ATOM   529  C CD2 . HIS A 1 66 ? -8.569  -3.028  16.045  1.00 35.19 ? 128 HIS A CD2 1 
ATOM   530  C CE1 . HIS A 1 66 ? -7.257  -1.268  16.132  1.00 43.71 ? 128 HIS A CE1 1 
ATOM   531  N NE2 . HIS A 1 66 ? -8.497  -1.696  16.336  1.00 37.68 ? 128 HIS A NE2 1 
ATOM   532  N N   . ARG A 1 67 ? -6.867  -7.760  13.951  1.00 20.22 ? 129 ARG A N   1 
ATOM   533  C CA  . ARG A 1 67 ? -6.259  -8.796  13.118  1.00 14.74 ? 129 ARG A CA  1 
ATOM   534  C C   . ARG A 1 67 ? -7.190  -9.166  11.978  1.00 24.89 ? 129 ARG A C   1 
ATOM   535  O O   . ARG A 1 67 ? -6.739  -9.457  10.870  1.00 20.92 ? 129 ARG A O   1 
ATOM   536  C CB  . ARG A 1 67 ? -5.960  -10.053 13.932  1.00 23.99 ? 129 ARG A CB  1 
ATOM   537  C CG  . ARG A 1 67 ? -4.746  -9.961  14.830  1.00 36.68 ? 129 ARG A CG  1 
ATOM   538  C CD  . ARG A 1 67 ? -4.639  -11.198 15.716  1.00 46.30 ? 129 ARG A CD  1 
ATOM   539  N NE  . ARG A 1 67 ? -3.903  -12.281 15.070  1.00 49.91 ? 129 ARG A NE  1 
ATOM   540  C CZ  . ARG A 1 67 ? -4.453  -13.223 14.309  1.00 51.42 ? 129 ARG A CZ  1 
ATOM   541  N NH1 . ARG A 1 67 ? -5.763  -13.230 14.089  1.00 41.43 ? 129 ARG A NH1 1 
ATOM   542  N NH2 . ARG A 1 67 ? -3.690  -14.164 13.767  1.00 50.61 ? 129 ARG A NH2 1 
ATOM   543  N N   . LEU A 1 68 ? -8.488  -9.182  12.267  1.00 20.05 ? 130 LEU A N   1 
ATOM   544  C CA  . LEU A 1 68 ? -9.489  -9.459  11.245  1.00 16.16 ? 130 LEU A CA  1 
ATOM   545  C C   . LEU A 1 68 ? -9.433  -8.391  10.156  1.00 23.94 ? 130 LEU A C   1 
ATOM   546  O O   . LEU A 1 68 ? -9.312  -8.706  8.965   1.00 16.52 ? 130 LEU A O   1 
ATOM   547  C CB  . LEU A 1 68 ? -10.886 -9.527  11.864  1.00 22.80 ? 130 LEU A CB  1 
ATOM   548  C CG  . LEU A 1 68 ? -12.072 -9.667  10.907  1.00 26.02 ? 130 LEU A CG  1 
ATOM   549  C CD1 . LEU A 1 68 ? -11.943 -10.922 10.053  1.00 34.66 ? 130 LEU A CD1 1 
ATOM   550  C CD2 . LEU A 1 68 ? -13.391 -9.667  11.668  1.00 24.65 ? 130 LEU A CD2 1 
ATOM   551  N N   . VAL A 1 69 ? -9.503  -7.127  10.570  1.00 19.20 ? 131 VAL A N   1 
ATOM   552  C CA  . VAL A 1 69 ? -9.453  -6.019  9.614   1.00 19.00 ? 131 VAL A CA  1 
ATOM   553  C C   . VAL A 1 69 ? -8.158  -6.022  8.794   1.00 21.03 ? 131 VAL A C   1 
ATOM   554  O O   . VAL A 1 69 ? -8.194  -5.846  7.574   1.00 17.70 ? 131 VAL A O   1 
ATOM   555  C CB  . VAL A 1 69 ? -9.662  -4.645  10.291  1.00 17.10 ? 131 VAL A CB  1 
ATOM   556  C CG1 . VAL A 1 69 ? -9.634  -3.529  9.255   1.00 23.27 ? 131 VAL A CG1 1 
ATOM   557  C CG2 . VAL A 1 69 ? -10.977 -4.621  11.065  1.00 14.02 ? 131 VAL A CG2 1 
ATOM   558  N N   . TYR A 1 70 ? -7.023  -6.237  9.459   1.00 15.93 ? 132 TYR A N   1 
ATOM   559  C CA  . TYR A 1 70 ? -5.735  -6.301  8.768   1.00 17.74 ? 132 TYR A CA  1 
ATOM   560  C C   . TYR A 1 70 ? -5.701  -7.450  7.768   1.00 26.31 ? 132 TYR A C   1 
ATOM   561  O O   . TYR A 1 70 ? -5.140  -7.320  6.682   1.00 21.34 ? 132 TYR A O   1 
ATOM   562  C CB  . TYR A 1 70 ? -4.576  -6.442  9.761   1.00 24.46 ? 132 TYR A CB  1 
ATOM   563  C CG  . TYR A 1 70 ? -3.857  -5.142  10.051  1.00 21.23 ? 132 TYR A CG  1 
ATOM   564  C CD1 . TYR A 1 70 ? -2.624  -4.857  9.474   1.00 25.18 ? 132 TYR A CD1 1 
ATOM   565  C CD2 . TYR A 1 70 ? -4.411  -4.199  10.901  1.00 23.24 ? 132 TYR A CD2 1 
ATOM   566  C CE1 . TYR A 1 70 ? -1.967  -3.664  9.738   1.00 30.81 ? 132 TYR A CE1 1 
ATOM   567  C CE2 . TYR A 1 70 ? -3.763  -3.009  11.170  1.00 26.60 ? 132 TYR A CE2 1 
ATOM   568  C CZ  . TYR A 1 70 ? -2.545  -2.746  10.587  1.00 27.49 ? 132 TYR A CZ  1 
ATOM   569  O OH  . TYR A 1 70 ? -1.906  -1.558  10.859  1.00 33.00 ? 132 TYR A OH  1 
ATOM   570  N N   . HIS A 1 71 ? -6.305  -8.572  8.144   1.00 24.98 ? 133 HIS A N   1 
ATOM   571  C CA  . HIS A 1 71 ? -6.400  -9.723  7.259   1.00 25.67 ? 133 HIS A CA  1 
ATOM   572  C C   . HIS A 1 71 ? -7.219  -9.390  6.018   1.00 24.80 ? 133 HIS A C   1 
ATOM   573  O O   . HIS A 1 71 ? -6.847  -9.754  4.904   1.00 22.44 ? 133 HIS A O   1 
ATOM   574  C CB  . HIS A 1 71 ? -7.022  -10.912 7.987   1.00 18.36 ? 133 HIS A CB  1 
ATOM   575  C CG  . HIS A 1 71 ? -7.387  -12.045 7.079   1.00 27.64 ? 133 HIS A CG  1 
ATOM   576  N ND1 . HIS A 1 71 ? -6.446  -12.881 6.517   1.00 31.34 ? 133 HIS A ND1 1 
ATOM   577  C CD2 . HIS A 1 71 ? -8.587  -12.470 6.624   1.00 20.59 ? 133 HIS A CD2 1 
ATOM   578  C CE1 . HIS A 1 71 ? -7.051  -13.777 5.760   1.00 36.68 ? 133 HIS A CE1 1 
ATOM   579  N NE2 . HIS A 1 71 ? -8.353  -13.549 5.807   1.00 33.39 ? 133 HIS A NE2 1 
ATOM   580  N N   . LEU A 1 72 ? -8.336  -8.696  6.213   1.00 23.65 ? 134 LEU A N   1 
ATOM   581  C CA  . LEU A 1 72 ? -9.181  -8.303  5.086   1.00 19.51 ? 134 LEU A CA  1 
ATOM   582  C C   . LEU A 1 72 ? -8.481  -7.325  4.138   1.00 21.01 ? 134 LEU A C   1 
ATOM   583  O O   . LEU A 1 72 ? -8.791  -7.277  2.949   1.00 22.71 ? 134 LEU A O   1 
ATOM   584  C CB  . LEU A 1 72 ? -10.500 -7.705  5.581   1.00 20.59 ? 134 LEU A CB  1 
ATOM   585  C CG  . LEU A 1 72 ? -11.421 -8.672  6.328   1.00 19.24 ? 134 LEU A CG  1 
ATOM   586  C CD1 . LEU A 1 72 ? -12.640 -7.941  6.867   1.00 18.31 ? 134 LEU A CD1 1 
ATOM   587  C CD2 . LEU A 1 72 ? -11.837 -9.820  5.418   1.00 17.87 ? 134 LEU A CD2 1 
ATOM   588  N N   . LEU A 1 73 ? -7.532  -6.556  4.662   1.00 20.07 ? 135 LEU A N   1 
ATOM   589  C CA  . LEU A 1 73 ? -6.851  -5.546  3.857   1.00 21.94 ? 135 LEU A CA  1 
ATOM   590  C C   . LEU A 1 73 ? -5.400  -5.899  3.537   1.00 20.18 ? 135 LEU A C   1 
ATOM   591  O O   . LEU A 1 73 ? -4.607  -5.020  3.201   1.00 17.15 ? 135 LEU A O   1 
ATOM   592  C CB  . LEU A 1 73 ? -6.912  -4.182  4.551   1.00 19.56 ? 135 LEU A CB  1 
ATOM   593  C CG  . LEU A 1 73 ? -8.305  -3.580  4.731   1.00 20.25 ? 135 LEU A CG  1 
ATOM   594  C CD1 . LEU A 1 73 ? -8.223  -2.225  5.414   1.00 22.34 ? 135 LEU A CD1 1 
ATOM   595  C CD2 . LEU A 1 73 ? -9.017  -3.466  3.393   1.00 22.03 ? 135 LEU A CD2 1 
ATOM   596  N N   . ARG A 1 74 ? -5.060  -7.182  3.628   1.00 15.63 ? 136 ARG A N   1 
ATOM   597  C CA  . ARG A 1 74 ? -3.684  -7.625  3.407   1.00 18.55 ? 136 ARG A CA  1 
ATOM   598  C C   . ARG A 1 74 ? -3.181  -7.319  1.997   1.00 17.98 ? 136 ARG A C   1 
ATOM   599  O O   . ARG A 1 74 ? -2.026  -6.933  1.817   1.00 12.30 ? 136 ARG A O   1 
ATOM   600  C CB  . ARG A 1 74 ? -3.540  -9.119  3.706   1.00 23.72 ? 136 ARG A CB  1 
ATOM   601  C CG  . ARG A 1 74 ? -2.113  -9.633  3.593   1.00 36.83 ? 136 ARG A CG  1 
ATOM   602  C CD  . ARG A 1 74 ? -2.019  -11.087 4.019   1.00 47.95 ? 136 ARG A CD  1 
ATOM   603  N NE  . ARG A 1 74 ? -2.431  -11.273 5.408   1.00 47.97 ? 136 ARG A NE  1 
ATOM   604  C CZ  . ARG A 1 74 ? -3.125  -12.317 5.849   1.00 55.94 ? 136 ARG A CZ  1 
ATOM   605  N NH1 . ARG A 1 74 ? -3.491  -13.276 5.008   1.00 50.88 ? 136 ARG A NH1 1 
ATOM   606  N NH2 . ARG A 1 74 ? -3.455  -12.404 7.130   1.00 53.44 ? 136 ARG A NH2 1 
ATOM   607  N N   . GLU A 1 75 ? -4.047  -7.494  1.002   1.00 13.37 ? 137 GLU A N   1 
ATOM   608  C CA  . GLU A 1 75 ? -3.686  -7.205  -0.383  1.00 11.78 ? 137 GLU A CA  1 
ATOM   609  C C   . GLU A 1 75 ? -3.318  -5.737  -0.562  1.00 13.89 ? 137 GLU A C   1 
ATOM   610  O O   . GLU A 1 75 ? -2.352  -5.410  -1.254  1.00 13.00 ? 137 GLU A O   1 
ATOM   611  C CB  . GLU A 1 75 ? -4.826  -7.574  -1.335  1.00 19.99 ? 137 GLU A CB  1 
ATOM   612  C CG  . GLU A 1 75 ? -4.576  -7.174  -2.782  1.00 25.33 ? 137 GLU A CG  1 
ATOM   613  C CD  . GLU A 1 75 ? -5.714  -7.562  -3.703  1.00 20.78 ? 137 GLU A CD  1 
ATOM   614  O OE1 . GLU A 1 75 ? -6.873  -7.202  -3.408  1.00 30.23 ? 137 GLU A OE1 1 
ATOM   615  O OE2 . GLU A 1 75 ? -5.450  -8.228  -4.725  1.00 22.83 ? 137 GLU A OE2 1 
ATOM   616  N N   . GLU A 1 76 ? -4.092  -4.856  0.062   1.00 15.37 ? 138 GLU A N   1 
ATOM   617  C CA  . GLU A 1 76 ? -3.833  -3.425  -0.027  1.00 14.61 ? 138 GLU A CA  1 
ATOM   618  C C   . GLU A 1 76 ? -2.515  -3.058  0.651   1.00 15.54 ? 138 GLU A C   1 
ATOM   619  O O   . GLU A 1 76 ? -1.764  -2.224  0.148   1.00 15.87 ? 138 GLU A O   1 
ATOM   620  C CB  . GLU A 1 76 ? -4.991  -2.618  0.568   1.00 11.23 ? 138 GLU A CB  1 
ATOM   621  C CG  . GLU A 1 76 ? -6.350  -2.899  -0.072  1.00 12.74 ? 138 GLU A CG  1 
ATOM   622  C CD  . GLU A 1 76 ? -6.389  -2.584  -1.560  1.00 17.86 ? 138 GLU A CD  1 
ATOM   623  O OE1 . GLU A 1 76 ? -5.573  -1.760  -2.027  1.00 13.36 ? 138 GLU A OE1 1 
ATOM   624  O OE2 . GLU A 1 76 ? -7.242  -3.162  -2.265  1.00 22.93 ? 138 GLU A OE2 1 
ATOM   625  N N   . LEU A 1 77 ? -2.233  -3.695  1.784   1.00 13.26 ? 139 LEU A N   1 
ATOM   626  C CA  . LEU A 1 77 ? -0.991  -3.455  2.516   1.00 16.77 ? 139 LEU A CA  1 
ATOM   627  C C   . LEU A 1 77 ? 0.233   -3.904  1.722   1.00 23.23 ? 139 LEU A C   1 
ATOM   628  O O   . LEU A 1 77 ? 1.339   -3.407  1.936   1.00 22.92 ? 139 LEU A O   1 
ATOM   629  C CB  . LEU A 1 77 ? -1.021  -4.169  3.866   1.00 30.90 ? 139 LEU A CB  1 
ATOM   630  C CG  . LEU A 1 77 ? -1.984  -3.605  4.909   1.00 21.81 ? 139 LEU A CG  1 
ATOM   631  C CD1 . LEU A 1 77 ? -2.145  -4.585  6.053   1.00 22.70 ? 139 LEU A CD1 1 
ATOM   632  C CD2 . LEU A 1 77 ? -1.487  -2.260  5.418   1.00 24.07 ? 139 LEU A CD2 1 
ATOM   633  N N   . ASP A 1 78 ? 0.030   -4.848  0.810   1.00 20.67 ? 140 ASP A N   1 
ATOM   634  C CA  . ASP A 1 78 ? 1.116   -5.358  -0.017  1.00 18.60 ? 140 ASP A CA  1 
ATOM   635  C C   . ASP A 1 78 ? 1.244   -4.586  -1.325  1.00 13.61 ? 140 ASP A C   1 
ATOM   636  O O   . ASP A 1 78 ? 2.205   -4.777  -2.070  1.00 15.78 ? 140 ASP A O   1 
ATOM   637  C CB  . ASP A 1 78 ? 0.908   -6.844  -0.319  1.00 27.45 ? 140 ASP A CB  1 
ATOM   638  C CG  . ASP A 1 78 ? 0.965   -7.705  0.923   1.00 37.14 ? 140 ASP A CG  1 
ATOM   639  O OD1 . ASP A 1 78 ? 1.558   -7.262  1.928   1.00 39.96 ? 140 ASP A OD1 1 
ATOM   640  O OD2 . ASP A 1 78 ? 0.421   -8.830  0.895   1.00 41.62 ? 140 ASP A OD2 1 
ATOM   641  N N   . THR A 1 79 ? 0.279   -3.717  -1.611  1.00 13.78 ? 141 THR A N   1 
ATOM   642  C CA  . THR A 1 79 ? 0.239   -3.050  -2.912  1.00 16.24 ? 141 THR A CA  1 
ATOM   643  C C   . THR A 1 79 ? 0.126   -1.525  -2.865  1.00 20.87 ? 141 THR A C   1 
ATOM   644  O O   . THR A 1 79 ? -0.398  -0.920  -3.800  1.00 13.95 ? 141 THR A O   1 
ATOM   645  C CB  . THR A 1 79 ? -0.917  -3.586  -3.790  1.00 20.55 ? 141 THR A CB  1 
ATOM   646  O OG1 . THR A 1 79 ? -2.161  -3.433  -3.094  1.00 17.54 ? 141 THR A OG1 1 
ATOM   647  C CG2 . THR A 1 79 ? -0.705  -5.055  -4.137  1.00 13.62 ? 141 THR A CG2 1 
ATOM   648  N N   . GLY A 1 80 ? 0.611   -0.897  -1.796  1.00 14.35 ? 142 GLY A N   1 
ATOM   649  C CA  . GLY A 1 80 ? 0.617   0.556   -1.731  1.00 16.69 ? 142 GLY A CA  1 
ATOM   650  C C   . GLY A 1 80 ? 0.188   1.185   -0.415  1.00 16.22 ? 142 GLY A C   1 
ATOM   651  O O   . GLY A 1 80 ? 0.548   2.326   -0.124  1.00 19.51 ? 142 GLY A O   1 
ATOM   652  N N   . LEU A 1 81 ? -0.586  0.455   0.382   1.00 12.89 ? 143 LEU A N   1 
ATOM   653  C CA  . LEU A 1 81 ? -1.060  0.983   1.660   1.00 14.14 ? 143 LEU A CA  1 
ATOM   654  C C   . LEU A 1 81 ? 0.034   0.923   2.725   1.00 18.72 ? 143 LEU A C   1 
ATOM   655  O O   . LEU A 1 81 ? 0.358   -0.148  3.241   1.00 21.54 ? 143 LEU A O   1 
ATOM   656  C CB  . LEU A 1 81 ? -2.310  0.232   2.121   1.00 19.09 ? 143 LEU A CB  1 
ATOM   657  C CG  . LEU A 1 81 ? -2.993  0.678   3.416   1.00 23.63 ? 143 LEU A CG  1 
ATOM   658  C CD1 . LEU A 1 81 ? -3.176  2.187   3.455   1.00 16.46 ? 143 LEU A CD1 1 
ATOM   659  C CD2 . LEU A 1 81 ? -4.332  -0.028  3.554   1.00 17.76 ? 143 LEU A CD2 1 
ATOM   660  N N   . HIS A 1 82 ? 0.600   2.081   3.048   1.00 11.83 ? 144 HIS A N   1 
ATOM   661  C CA  . HIS A 1 82 ? 1.675   2.149   4.030   1.00 15.87 ? 144 HIS A CA  1 
ATOM   662  C C   . HIS A 1 82 ? 1.153   2.154   5.461   1.00 15.00 ? 144 HIS A C   1 
ATOM   663  O O   . HIS A 1 82 ? 1.627   1.390   6.302   1.00 16.33 ? 144 HIS A O   1 
ATOM   664  C CB  . HIS A 1 82 ? 2.560   3.376   3.796   1.00 16.21 ? 144 HIS A CB  1 
ATOM   665  C CG  . HIS A 1 82 ? 3.738   3.450   4.719   1.00 18.15 ? 144 HIS A CG  1 
ATOM   666  N ND1 . HIS A 1 82 ? 4.886   2.710   4.524   1.00 21.79 ? 144 HIS A ND1 1 
ATOM   667  C CD2 . HIS A 1 82 ? 3.943   4.170   5.846   1.00 15.50 ? 144 HIS A CD2 1 
ATOM   668  C CE1 . HIS A 1 82 ? 5.747   2.973   5.491   1.00 16.06 ? 144 HIS A CE1 1 
ATOM   669  N NE2 . HIS A 1 82 ? 5.199   3.857   6.308   1.00 15.39 ? 144 HIS A NE2 1 
ATOM   670  N N   . ALA A 1 83 ? 0.177   3.013   5.739   1.00 21.18 ? 145 ALA A N   1 
ATOM   671  C CA  . ALA A 1 83 ? -0.332  3.161   7.101   1.00 14.65 ? 145 ALA A CA  1 
ATOM   672  C C   . ALA A 1 83 ? -1.850  3.030   7.200   1.00 20.92 ? 145 ALA A C   1 
ATOM   673  O O   . ALA A 1 83 ? -2.596  3.721   6.502   1.00 14.80 ? 145 ALA A O   1 
ATOM   674  C CB  . ALA A 1 83 ? 0.129   4.479   7.700   1.00 17.16 ? 145 ALA A CB  1 
ATOM   675  N N   . LEU A 1 84 ? -2.287  2.140   8.086   1.00 14.94 ? 146 LEU A N   1 
ATOM   676  C CA  . LEU A 1 84 ? -3.700  1.873   8.308   1.00 14.76 ? 146 LEU A CA  1 
ATOM   677  C C   . LEU A 1 84 ? -4.035  2.027   9.788   1.00 28.41 ? 146 LEU A C   1 
ATOM   678  O O   . LEU A 1 84 ? -3.625  1.202   10.606  1.00 26.99 ? 146 LEU A O   1 
ATOM   679  C CB  . LEU A 1 84 ? -4.033  0.450   7.861   1.00 14.36 ? 146 LEU A CB  1 
ATOM   680  C CG  . LEU A 1 84 ? -5.455  -0.045  8.132   1.00 29.34 ? 146 LEU A CG  1 
ATOM   681  C CD1 . LEU A 1 84 ? -6.447  0.767   7.324   1.00 26.71 ? 146 LEU A CD1 1 
ATOM   682  C CD2 . LEU A 1 84 ? -5.580  -1.529  7.816   1.00 24.28 ? 146 LEU A CD2 1 
ATOM   683  N N   . SER A 1 85 ? -4.771  3.082   10.129  1.00 21.76 ? 147 SER A N   1 
ATOM   684  C CA  . SER A 1 85 ? -5.205  3.309   11.506  1.00 29.34 ? 147 SER A CA  1 
ATOM   685  C C   . SER A 1 85 ? -6.631  2.802   11.685  1.00 25.95 ? 147 SER A C   1 
ATOM   686  O O   . SER A 1 85 ? -7.508  3.140   10.901  1.00 19.40 ? 147 SER A O   1 
ATOM   687  C CB  . SER A 1 85 ? -5.127  4.796   11.847  1.00 22.20 ? 147 SER A CB  1 
ATOM   688  O OG  . SER A 1 85 ? -5.579  5.050   13.164  1.00 30.70 ? 147 SER A OG  1 
ATOM   689  N N   . ILE A 1 86 ? -6.870  1.996   12.716  1.00 16.07 ? 148 ILE A N   1 
ATOM   690  C CA  . ILE A 1 86 ? -8.159  1.313   12.833  1.00 13.79 ? 148 ILE A CA  1 
ATOM   691  C C   . ILE A 1 86 ? -8.927  1.587   14.123  1.00 20.82 ? 148 ILE A C   1 
ATOM   692  O O   . ILE A 1 86 ? -8.394  1.427   15.221  1.00 11.85 ? 148 ILE A O   1 
ATOM   693  C CB  . ILE A 1 86 ? -7.996  -0.211  12.702  1.00 22.48 ? 148 ILE A CB  1 
ATOM   694  C CG1 . ILE A 1 86 ? -7.252  -0.558  11.414  1.00 26.79 ? 148 ILE A CG1 1 
ATOM   695  C CG2 . ILE A 1 86 ? -9.354  -0.899  12.729  1.00 19.59 ? 148 ILE A CG2 1 
ATOM   696  C CD1 . ILE A 1 86 ? -7.037  -2.030  11.232  1.00 35.54 ? 148 ILE A CD1 1 
ATOM   697  N N   . VAL A 1 87 ? -10.185 1.993   13.974  1.00 17.53 ? 149 VAL A N   1 
ATOM   698  C CA  . VAL A 1 87 ? -11.118 2.006   15.091  1.00 23.09 ? 149 VAL A CA  1 
ATOM   699  C C   . VAL A 1 87 ? -12.234 1.022   14.778  1.00 21.84 ? 149 VAL A C   1 
ATOM   700  O O   . VAL A 1 87 ? -12.973 1.207   13.817  1.00 19.27 ? 149 VAL A O   1 
ATOM   701  C CB  . VAL A 1 87 ? -11.721 3.401   15.322  1.00 17.99 ? 149 VAL A CB  1 
ATOM   702  C CG1 . VAL A 1 87 ? -12.711 3.361   16.479  1.00 20.17 ? 149 VAL A CG1 1 
ATOM   703  C CG2 . VAL A 1 87 ? -10.620 4.418   15.586  1.00 17.12 ? 149 VAL A CG2 1 
ATOM   704  N N   . SER A 1 88 ? -12.346 -0.033  15.576  1.00 17.44 ? 150 SER A N   1 
ATOM   705  C CA  . SER A 1 88 ? -13.335 -1.073  15.311  1.00 14.81 ? 150 SER A CA  1 
ATOM   706  C C   . SER A 1 88 ? -14.272 -1.250  16.503  1.00 25.04 ? 150 SER A C   1 
ATOM   707  O O   . SER A 1 88 ? -13.851 -1.692  17.572  1.00 19.93 ? 150 SER A O   1 
ATOM   708  C CB  . SER A 1 88 ? -12.637 -2.393  14.975  1.00 24.69 ? 150 SER A CB  1 
ATOM   709  O OG  . SER A 1 88 ? -11.705 -2.744  15.982  1.00 33.82 ? 150 SER A OG  1 
ATOM   710  N N   . LYS A 1 89 ? -15.541 -0.894  16.320  1.00 23.44 ? 151 LYS A N   1 
ATOM   711  C CA  . LYS A 1 89 ? -16.502 -0.918  17.421  1.00 19.13 ? 151 LYS A CA  1 
ATOM   712  C C   . LYS A 1 89 ? -17.783 -1.675  17.074  1.00 19.36 ? 151 LYS A C   1 
ATOM   713  O O   . LYS A 1 89 ? -18.039 -1.991  15.911  1.00 15.10 ? 151 LYS A O   1 
ATOM   714  C CB  . LYS A 1 89 ? -16.857 0.510   17.856  1.00 20.94 ? 151 LYS A CB  1 
ATOM   715  C CG  . LYS A 1 89 ? -15.679 1.476   17.923  1.00 26.27 ? 151 LYS A CG  1 
ATOM   716  C CD  . LYS A 1 89 ? -14.695 1.120   19.030  1.00 34.17 ? 151 LYS A CD  1 
ATOM   717  C CE  . LYS A 1 89 ? -15.250 1.458   20.404  1.00 38.33 ? 151 LYS A CE  1 
ATOM   718  N NZ  . LYS A 1 89 ? -14.206 1.331   21.458  1.00 45.88 ? 151 LYS A NZ  1 
ATOM   719  N N   . THR A 1 90 ? -18.582 -1.965  18.099  1.00 14.63 ? 152 THR A N   1 
ATOM   720  C CA  . THR A 1 90 ? -19.925 -2.504  17.915  1.00 17.78 ? 152 THR A CA  1 
ATOM   721  C C   . THR A 1 90 ? -20.917 -1.345  18.010  1.00 15.30 ? 152 THR A C   1 
ATOM   722  O O   . THR A 1 90 ? -20.589 -0.302  18.572  1.00 16.10 ? 152 THR A O   1 
ATOM   723  C CB  . THR A 1 90 ? -20.254 -3.575  18.982  1.00 23.41 ? 152 THR A CB  1 
ATOM   724  O OG1 . THR A 1 90 ? -20.216 -2.988  20.288  1.00 15.19 ? 152 THR A OG1 1 
ATOM   725  C CG2 . THR A 1 90 ? -19.256 -4.722  18.915  1.00 18.82 ? 152 THR A CG2 1 
ATOM   726  N N   . PRO A 1 91 ? -22.126 -1.512  17.445  1.00 20.96 ? 153 PRO A N   1 
ATOM   727  C CA  . PRO A 1 91 ? -23.138 -0.453  17.545  1.00 27.62 ? 153 PRO A CA  1 
ATOM   728  C C   . PRO A 1 91 ? -23.474 -0.085  18.988  1.00 23.40 ? 153 PRO A C   1 
ATOM   729  O O   . PRO A 1 91 ? -23.795 1.071   19.261  1.00 29.40 ? 153 PRO A O   1 
ATOM   730  C CB  . PRO A 1 91 ? -24.360 -1.077  16.869  1.00 29.02 ? 153 PRO A CB  1 
ATOM   731  C CG  . PRO A 1 91 ? -23.791 -2.032  15.892  1.00 29.53 ? 153 PRO A CG  1 
ATOM   732  C CD  . PRO A 1 91 ? -22.557 -2.597  16.545  1.00 25.26 ? 153 PRO A CD  1 
ATOM   733  N N   . SER A 1 92 ? -23.404 -1.056  19.894  1.00 23.28 ? 154 SER A N   1 
ATOM   734  C CA  . SER A 1 92 ? -23.671 -0.807  21.307  1.00 22.05 ? 154 SER A CA  1 
ATOM   735  C C   . SER A 1 92 ? -22.597 0.093   21.906  1.00 23.80 ? 154 SER A C   1 
ATOM   736  O O   . SER A 1 92 ? -22.889 0.980   22.706  1.00 25.36 ? 154 SER A O   1 
ATOM   737  C CB  . SER A 1 92 ? -23.742 -2.123  22.081  1.00 17.81 ? 154 SER A CB  1 
ATOM   738  O OG  . SER A 1 92 ? -24.784 -2.948  21.590  1.00 33.77 ? 154 SER A OG  1 
ATOM   739  N N   . GLU A 1 93 ? -21.352 -0.142  21.503  1.00 21.93 ? 155 GLU A N   1 
ATOM   740  C CA  . GLU A 1 93 ? -20.224 0.669   21.952  1.00 24.57 ? 155 GLU A CA  1 
ATOM   741  C C   . GLU A 1 93 ? -20.272 2.081   21.371  1.00 29.61 ? 155 GLU A C   1 
ATOM   742  O O   . GLU A 1 93 ? -19.498 2.951   21.771  1.00 21.82 ? 155 GLU A O   1 
ATOM   743  C CB  . GLU A 1 93 ? -18.903 -0.005  21.573  1.00 21.79 ? 155 GLU A CB  1 
ATOM   744  C CG  . GLU A 1 93 ? -18.597 -1.273  22.356  1.00 19.94 ? 155 GLU A CG  1 
ATOM   745  C CD  . GLU A 1 93 ? -17.585 -2.165  21.656  1.00 27.83 ? 155 GLU A CD  1 
ATOM   746  O OE1 . GLU A 1 93 ? -17.166 -1.824  20.528  1.00 16.31 ? 155 GLU A OE1 1 
ATOM   747  O OE2 . GLU A 1 93 ? -17.212 -3.209  22.231  1.00 23.46 ? 155 GLU A OE2 1 
ATOM   748  N N   . SER A 1 94 ? -21.185 2.303   20.428  1.00 51.59 ? 156 SER A N   1 
ATOM   749  C CA  . SER A 1 94 ? -21.292 3.585   19.738  1.00 59.00 ? 156 SER A CA  1 
ATOM   750  C C   . SER A 1 94 ? -22.650 4.251   19.944  1.00 64.82 ? 156 SER A C   1 
ATOM   751  O O   . SER A 1 94 ? -23.614 3.599   20.342  1.00 65.37 ? 156 SER A O   1 
ATOM   752  C CB  . SER A 1 94 ? -21.061 3.395   18.237  1.00 49.88 ? 156 SER A CB  1 
ATOM   753  O OG  . SER A 1 94 ? -19.782 2.854   17.971  1.00 53.77 ? 156 SER A OG  1 
ATOM   754  N N   . PRO A 1 95 ? -22.720 5.567   19.689  1.00 75.37 ? 157 PRO A N   1 
ATOM   755  C CA  . PRO A 1 95 ? -24.003 6.249   19.500  1.00 72.00 ? 157 PRO A CA  1 
ATOM   756  C C   . PRO A 1 95 ? -24.639 5.836   18.177  1.00 58.40 ? 157 PRO A C   1 
ATOM   757  O O   . PRO A 1 95 ? -24.085 6.171   17.126  1.00 65.02 ? 157 PRO A O   1 
ATOM   758  C CB  . PRO A 1 95 ? -23.607 7.727   19.440  1.00 59.73 ? 157 PRO A CB  1 
ATOM   759  C CG  . PRO A 1 95 ? -22.341 7.804   20.211  1.00 51.17 ? 157 PRO A CG  1 
ATOM   760  C CD  . PRO A 1 95 ? -21.618 6.522   19.899  1.00 54.17 ? 157 PRO A CD  1 
ATOM   761  N N   . ILE B 1 3  ? 13.620  -14.112 -19.276 1.00 40.38 ? 65  ILE B N   1 
ATOM   762  C CA  . ILE B 1 3  ? 14.820  -14.379 -18.492 1.00 50.83 ? 65  ILE B CA  1 
ATOM   763  C C   . ILE B 1 3  ? 15.483  -13.063 -18.071 1.00 50.20 ? 65  ILE B C   1 
ATOM   764  O O   . ILE B 1 3  ? 15.901  -12.904 -16.922 1.00 44.53 ? 65  ILE B O   1 
ATOM   765  C CB  . ILE B 1 3  ? 15.799  -15.315 -19.262 1.00 49.72 ? 65  ILE B CB  1 
ATOM   766  C CG1 . ILE B 1 3  ? 17.083  -15.549 -18.461 1.00 42.19 ? 65  ILE B CG1 1 
ATOM   767  C CG2 . ILE B 1 3  ? 16.080  -14.792 -20.672 1.00 55.95 ? 65  ILE B CG2 1 
ATOM   768  C CD1 . ILE B 1 3  ? 16.917  -16.534 -17.319 1.00 39.76 ? 65  ILE B CD1 1 
ATOM   769  N N   . GLU B 1 4  ? 15.553  -12.119 -19.003 1.00 41.15 ? 66  GLU B N   1 
ATOM   770  C CA  . GLU B 1 4  ? 15.974  -10.758 -18.706 1.00 34.49 ? 66  GLU B CA  1 
ATOM   771  C C   . GLU B 1 4  ? 14.897  -9.810  -19.209 1.00 29.23 ? 66  GLU B C   1 
ATOM   772  O O   . GLU B 1 4  ? 14.645  -9.722  -20.410 1.00 30.37 ? 66  GLU B O   1 
ATOM   773  C CB  . GLU B 1 4  ? 17.316  -10.435 -19.370 1.00 47.52 ? 66  GLU B CB  1 
ATOM   774  C CG  . GLU B 1 4  ? 18.534  -10.846 -18.556 1.00 56.56 ? 66  GLU B CG  1 
ATOM   775  C CD  . GLU B 1 4  ? 19.838  -10.645 -19.306 1.00 64.40 ? 66  GLU B CD  1 
ATOM   776  O OE1 . GLU B 1 4  ? 20.234  -9.481  -19.527 1.00 72.30 ? 66  GLU B OE1 1 
ATOM   777  O OE2 . GLU B 1 4  ? 20.464  -11.659 -19.682 1.00 62.53 ? 66  GLU B OE2 1 
ATOM   778  N N   . ASN B 1 5  ? 14.245  -9.121  -18.282 1.00 22.31 ? 67  ASN B N   1 
ATOM   779  C CA  . ASN B 1 5  ? 13.190  -8.181  -18.628 1.00 21.87 ? 67  ASN B CA  1 
ATOM   780  C C   . ASN B 1 5  ? 13.187  -7.046  -17.619 1.00 14.14 ? 67  ASN B C   1 
ATOM   781  O O   . ASN B 1 5  ? 14.118  -6.931  -16.822 1.00 13.30 ? 67  ASN B O   1 
ATOM   782  C CB  . ASN B 1 5  ? 11.829  -8.883  -18.676 1.00 25.69 ? 67  ASN B CB  1 
ATOM   783  C CG  . ASN B 1 5  ? 11.584  -9.772  -17.469 1.00 21.86 ? 67  ASN B CG  1 
ATOM   784  O OD1 . ASN B 1 5  ? 12.291  -9.687  -16.465 1.00 23.13 ? 67  ASN B OD1 1 
ATOM   785  N ND2 . ASN B 1 5  ? 10.573  -10.630 -17.561 1.00 24.27 ? 67  ASN B ND2 1 
ATOM   786  N N   . ARG B 1 6  ? 12.156  -6.211  -17.648 1.00 14.60 ? 68  ARG B N   1 
ATOM   787  C CA  . ARG B 1 6  ? 12.067  -5.099  -16.709 1.00 13.27 ? 68  ARG B CA  1 
ATOM   788  C C   . ARG B 1 6  ? 12.034  -5.598  -15.261 1.00 18.21 ? 68  ARG B C   1 
ATOM   789  O O   . ARG B 1 6  ? 12.702  -5.039  -14.388 1.00 19.38 ? 68  ARG B O   1 
ATOM   790  C CB  . ARG B 1 6  ? 10.851  -4.224  -17.027 1.00 17.71 ? 68  ARG B CB  1 
ATOM   791  C CG  . ARG B 1 6  ? 10.524  -3.189  -15.965 1.00 22.05 ? 68  ARG B CG  1 
ATOM   792  C CD  . ARG B 1 6  ? 9.743   -2.018  -16.541 1.00 15.61 ? 68  ARG B CD  1 
ATOM   793  N NE  . ARG B 1 6  ? 10.573  -1.196  -17.416 1.00 23.00 ? 68  ARG B NE  1 
ATOM   794  C CZ  . ARG B 1 6  ? 10.273  -0.902  -18.676 1.00 23.25 ? 68  ARG B CZ  1 
ATOM   795  N NH1 . ARG B 1 6  ? 9.153   -1.356  -19.218 1.00 19.85 ? 68  ARG B NH1 1 
ATOM   796  N NH2 . ARG B 1 6  ? 11.095  -0.148  -19.394 1.00 20.75 ? 68  ARG B NH2 1 
ATOM   797  N N   . ALA B 1 7  ? 11.276  -6.667  -15.026 1.00 15.38 ? 69  ALA B N   1 
ATOM   798  C CA  . ALA B 1 7  ? 11.157  -7.266  -13.699 1.00 19.00 ? 69  ALA B CA  1 
ATOM   799  C C   . ALA B 1 7  ? 12.509  -7.667  -13.108 1.00 23.37 ? 69  ALA B C   1 
ATOM   800  O O   . ALA B 1 7  ? 12.852  -7.268  -11.994 1.00 17.75 ? 69  ALA B O   1 
ATOM   801  C CB  . ALA B 1 7  ? 10.216  -8.463  -13.748 1.00 21.30 ? 69  ALA B CB  1 
ATOM   802  N N   . SER B 1 8  ? 13.275  -8.451  -13.860 1.00 17.53 ? 70  SER B N   1 
ATOM   803  C CA  . SER B 1 8  ? 14.575  -8.923  -13.394 1.00 21.77 ? 70  SER B CA  1 
ATOM   804  C C   . SER B 1 8  ? 15.559  -7.781  -13.151 1.00 19.15 ? 70  SER B C   1 
ATOM   805  O O   . SER B 1 8  ? 16.325  -7.814  -12.190 1.00 23.01 ? 70  SER B O   1 
ATOM   806  C CB  . SER B 1 8  ? 15.175  -9.926  -14.380 1.00 25.21 ? 70  SER B CB  1 
ATOM   807  O OG  . SER B 1 8  ? 15.423  -9.327  -15.639 1.00 25.06 ? 70  SER B OG  1 
ATOM   808  N N   . ARG B 1 9  ? 15.539  -6.777  -14.025 1.00 15.22 ? 71  ARG B N   1 
ATOM   809  C CA  . ARG B 1 9  ? 16.415  -5.617  -13.876 1.00 17.19 ? 71  ARG B CA  1 
ATOM   810  C C   . ARG B 1 9  ? 16.083  -4.847  -12.609 1.00 19.05 ? 71  ARG B C   1 
ATOM   811  O O   . ARG B 1 9  ? 16.971  -4.520  -11.816 1.00 18.22 ? 71  ARG B O   1 
ATOM   812  C CB  . ARG B 1 9  ? 16.309  -4.683  -15.083 1.00 15.34 ? 71  ARG B CB  1 
ATOM   813  C CG  . ARG B 1 9  ? 16.853  -5.271  -16.373 1.00 22.93 ? 71  ARG B CG  1 
ATOM   814  C CD  . ARG B 1 9  ? 17.124  -4.188  -17.410 1.00 18.47 ? 71  ARG B CD  1 
ATOM   815  N NE  . ARG B 1 9  ? 15.921  -3.440  -17.767 1.00 12.28 ? 71  ARG B NE  1 
ATOM   816  C CZ  . ARG B 1 9  ? 15.083  -3.790  -18.738 1.00 20.18 ? 71  ARG B CZ  1 
ATOM   817  N NH1 . ARG B 1 9  ? 15.310  -4.882  -19.456 1.00 10.59 ? 71  ARG B NH1 1 
ATOM   818  N NH2 . ARG B 1 9  ? 14.014  -3.047  -18.993 1.00 16.04 ? 71  ARG B NH2 1 
ATOM   819  N N   . MET B 1 10 ? 14.798  -4.556  -12.426 1.00 17.68 ? 72  MET B N   1 
ATOM   820  C CA  . MET B 1 10 ? 14.343  -3.877  -11.222 1.00 16.96 ? 72  MET B CA  1 
ATOM   821  C C   . MET B 1 10 ? 14.752  -4.672  -9.990  1.00 14.85 ? 72  MET B C   1 
ATOM   822  O O   . MET B 1 10 ? 15.201  -4.105  -8.995  1.00 18.63 ? 72  MET B O   1 
ATOM   823  C CB  . MET B 1 10 ? 12.827  -3.666  -11.251 1.00 13.48 ? 72  MET B CB  1 
ATOM   824  C CG  . MET B 1 10 ? 12.356  -2.636  -12.267 1.00 16.58 ? 72  MET B CG  1 
ATOM   825  S SD  . MET B 1 10 ? 10.563  -2.421  -12.275 1.00 30.54 ? 72  MET B SD  1 
ATOM   826  C CE  . MET B 1 10 ? 9.998   -4.104  -12.462 1.00 20.61 ? 72  MET B CE  1 
ATOM   827  N N   . ARG B 1 11 ? 14.613  -5.992  -10.068 1.00 15.31 ? 73  ARG B N   1 
ATOM   828  C CA  . ARG B 1 11 ? 15.010  -6.855  -8.959  1.00 15.61 ? 73  ARG B CA  1 
ATOM   829  C C   . ARG B 1 11 ? 16.495  -6.747  -8.639  1.00 22.07 ? 73  ARG B C   1 
ATOM   830  O O   . ARG B 1 11 ? 16.864  -6.583  -7.479  1.00 18.73 ? 73  ARG B O   1 
ATOM   831  C CB  . ARG B 1 11 ? 14.627  -8.317  -9.204  1.00 24.44 ? 73  ARG B CB  1 
ATOM   832  C CG  . ARG B 1 11 ? 15.068  -9.239  -8.073  1.00 22.75 ? 73  ARG B CG  1 
ATOM   833  C CD  . ARG B 1 11 ? 14.363  -10.587 -8.106  1.00 26.59 ? 73  ARG B CD  1 
ATOM   834  N NE  . ARG B 1 11 ? 12.942  -10.483 -7.780  1.00 26.78 ? 73  ARG B NE  1 
ATOM   835  C CZ  . ARG B 1 11 ? 12.452  -10.431 -6.543  1.00 28.12 ? 73  ARG B CZ  1 
ATOM   836  N NH1 . ARG B 1 11 ? 13.266  -10.461 -5.496  1.00 18.97 ? 73  ARG B NH1 1 
ATOM   837  N NH2 . ARG B 1 11 ? 11.142  -10.342 -6.352  1.00 19.39 ? 73  ARG B NH2 1 
ATOM   838  N N   . GLU B 1 12 ? 17.342  -6.839  -9.661  1.00 23.00 ? 74  GLU B N   1 
ATOM   839  C CA  . GLU B 1 12 ? 18.788  -6.736  -9.471  1.00 24.20 ? 74  GLU B CA  1 
ATOM   840  C C   . GLU B 1 12 ? 19.153  -5.397  -8.840  1.00 22.47 ? 74  GLU B C   1 
ATOM   841  O O   . GLU B 1 12 ? 19.857  -5.343  -7.829  1.00 24.71 ? 74  GLU B O   1 
ATOM   842  C CB  . GLU B 1 12 ? 19.523  -6.911  -10.805 1.00 26.33 ? 74  GLU B CB  1 
ATOM   843  C CG  . GLU B 1 12 ? 21.046  -7.012  -10.691 1.00 35.82 ? 74  GLU B CG  1 
ATOM   844  C CD  . GLU B 1 12 ? 21.695  -7.366  -12.017 1.00 54.48 ? 74  GLU B CD  1 
ATOM   845  O OE1 . GLU B 1 12 ? 21.135  -8.227  -12.725 1.00 37.70 ? 74  GLU B OE1 1 
ATOM   846  O OE2 . GLU B 1 12 ? 22.754  -6.789  -12.352 1.00 56.15 ? 74  GLU B OE2 1 
ATOM   847  N N   . LYS B 1 13 ? 18.651  -4.322  -9.443  1.00 15.47 ? 75  LYS B N   1 
ATOM   848  C CA  . LYS B 1 13 ? 18.897  -2.964  -8.961  1.00 19.88 ? 75  LYS B CA  1 
ATOM   849  C C   . LYS B 1 13 ? 18.484  -2.752  -7.504  1.00 25.05 ? 75  LYS B C   1 
ATOM   850  O O   . LYS B 1 13 ? 19.295  -2.333  -6.677  1.00 18.65 ? 75  LYS B O   1 
ATOM   851  C CB  . LYS B 1 13 ? 18.182  -1.948  -9.852  1.00 19.90 ? 75  LYS B CB  1 
ATOM   852  C CG  . LYS B 1 13 ? 18.489  -0.510  -9.506  1.00 35.18 ? 75  LYS B CG  1 
ATOM   853  C CD  . LYS B 1 13 ? 19.971  -0.203  -9.671  1.00 31.38 ? 75  LYS B CD  1 
ATOM   854  C CE  . LYS B 1 13 ? 20.235  1.284   -9.536  1.00 37.34 ? 75  LYS B CE  1 
ATOM   855  N NZ  . LYS B 1 13 ? 19.502  2.052   -10.578 1.00 32.01 ? 75  LYS B NZ  1 
ATOM   856  N N   . LEU B 1 14 ? 17.225  -3.047  -7.193  1.00 22.38 ? 76  LEU B N   1 
ATOM   857  C CA  . LEU B 1 14 ? 16.707  -2.859  -5.841  1.00 18.89 ? 76  LEU B CA  1 
ATOM   858  C C   . LEU B 1 14 ? 17.417  -3.745  -4.821  1.00 21.31 ? 76  LEU B C   1 
ATOM   859  O O   . LEU B 1 14 ? 17.715  -3.304  -3.708  1.00 24.32 ? 76  LEU B O   1 
ATOM   860  C CB  . LEU B 1 14 ? 15.199  -3.110  -5.802  1.00 19.24 ? 76  LEU B CB  1 
ATOM   861  C CG  . LEU B 1 14 ? 14.359  -2.116  -6.597  1.00 16.14 ? 76  LEU B CG  1 
ATOM   862  C CD1 . LEU B 1 14 ? 12.899  -2.538  -6.599  1.00 20.37 ? 76  LEU B CD1 1 
ATOM   863  C CD2 . LEU B 1 14 ? 14.517  -0.716  -6.024  1.00 11.02 ? 76  LEU B CD2 1 
ATOM   864  N N   . GLN B 1 15 ? 17.689  -4.988  -5.204  1.00 19.94 ? 77  GLN B N   1 
ATOM   865  C CA  . GLN B 1 15 ? 18.376  -5.917  -4.320  1.00 23.99 ? 77  GLN B CA  1 
ATOM   866  C C   . GLN B 1 15 ? 19.778  -5.425  -4.008  1.00 29.57 ? 77  GLN B C   1 
ATOM   867  O O   . GLN B 1 15 ? 20.210  -5.467  -2.860  1.00 33.88 ? 77  GLN B O   1 
ATOM   868  C CB  . GLN B 1 15 ? 18.440  -7.314  -4.935  1.00 34.80 ? 77  GLN B CB  1 
ATOM   869  C CG  . GLN B 1 15 ? 19.074  -8.346  -4.027  1.00 36.36 ? 77  GLN B CG  1 
ATOM   870  C CD  . GLN B 1 15 ? 18.310  -8.524  -2.729  1.00 35.33 ? 77  GLN B CD  1 
ATOM   871  O OE1 . GLN B 1 15 ? 18.840  -8.282  -1.644  1.00 41.26 ? 77  GLN B OE1 1 
ATOM   872  N NE2 . GLN B 1 15 ? 17.058  -8.956  -2.835  1.00 32.16 ? 77  GLN B NE2 1 
ATOM   873  N N   . LYS B 1 16 ? 20.495  -4.955  -5.024  1.00 31.24 ? 78  LYS B N   1 
ATOM   874  C CA  . LYS B 1 16 ? 21.851  -4.467  -4.786  1.00 32.70 ? 78  LYS B CA  1 
ATOM   875  C C   . LYS B 1 16 ? 21.859  -3.180  -3.961  1.00 31.81 ? 78  LYS B C   1 
ATOM   876  O O   . LYS B 1 16 ? 22.626  -3.058  -3.007  1.00 33.26 ? 78  LYS B O   1 
ATOM   877  C CB  . LYS B 1 16 ? 22.624  -4.260  -6.091  1.00 36.70 ? 78  LYS B CB  1 
ATOM   878  C CG  . LYS B 1 16 ? 24.050  -3.788  -5.850  1.00 43.92 ? 78  LYS B CG  1 
ATOM   879  C CD  . LYS B 1 16 ? 24.577  -2.918  -6.971  1.00 60.87 ? 78  LYS B CD  1 
ATOM   880  C CE  . LYS B 1 16 ? 25.672  -1.990  -6.462  1.00 63.54 ? 78  LYS B CE  1 
ATOM   881  N NZ  . LYS B 1 16 ? 26.859  -2.728  -5.947  1.00 58.85 ? 78  LYS B NZ  1 
ATOM   882  N N   . GLU B 1 17 ? 20.998  -2.228  -4.315  1.00 24.17 ? 79  GLU B N   1 
ATOM   883  C CA  . GLU B 1 17 ? 20.993  -0.924  -3.648  1.00 22.10 ? 79  GLU B CA  1 
ATOM   884  C C   . GLU B 1 17 ? 20.435  -0.916  -2.220  1.00 30.96 ? 79  GLU B C   1 
ATOM   885  O O   . GLU B 1 17 ? 20.939  -0.191  -1.361  1.00 27.89 ? 79  GLU B O   1 
ATOM   886  C CB  . GLU B 1 17 ? 20.261  0.120   -4.498  1.00 30.60 ? 79  GLU B CB  1 
ATOM   887  C CG  . GLU B 1 17 ? 21.137  0.757   -5.555  1.00 47.71 ? 79  GLU B CG  1 
ATOM   888  C CD  . GLU B 1 17 ? 22.446  1.255   -4.980  1.00 51.37 ? 79  GLU B CD  1 
ATOM   889  O OE1 . GLU B 1 17 ? 22.409  2.067   -4.032  1.00 49.89 ? 79  GLU B OE1 1 
ATOM   890  O OE2 . GLU B 1 17 ? 23.513  0.821   -5.464  1.00 50.11 ? 79  GLU B OE2 1 
ATOM   891  N N   . LEU B 1 18 ? 19.407  -1.717  -1.963  1.00 22.67 ? 80  LEU B N   1 
ATOM   892  C CA  . LEU B 1 18 ? 18.713  -1.655  -0.678  1.00 24.14 ? 80  LEU B CA  1 
ATOM   893  C C   . LEU B 1 18 ? 18.915  -2.888  0.206   1.00 19.55 ? 80  LEU B C   1 
ATOM   894  O O   . LEU B 1 18 ? 18.640  -2.844  1.408   1.00 27.00 ? 80  LEU B O   1 
ATOM   895  C CB  . LEU B 1 18 ? 17.221  -1.404  -0.903  1.00 25.06 ? 80  LEU B CB  1 
ATOM   896  C CG  . LEU B 1 18 ? 16.901  -0.038  -1.509  1.00 22.67 ? 80  LEU B CG  1 
ATOM   897  C CD1 . LEU B 1 18 ? 15.503  -0.012  -2.109  1.00 19.52 ? 80  LEU B CD1 1 
ATOM   898  C CD2 . LEU B 1 18 ? 17.059  1.049   -0.456  1.00 27.96 ? 80  LEU B CD2 1 
ATOM   899  N N   . GLU B 1 19 ? 19.404  -3.969  -0.400  1.00 32.01 ? 81  GLU B N   1 
ATOM   900  C CA  . GLU B 1 19 ? 19.563  -5.272  0.257   1.00 30.33 ? 81  GLU B CA  1 
ATOM   901  C C   . GLU B 1 19 ? 18.372  -5.681  1.125   1.00 32.37 ? 81  GLU B C   1 
ATOM   902  O O   . GLU B 1 19 ? 18.538  -5.982  2.305   1.00 31.65 ? 81  GLU B O   1 
ATOM   903  C CB  . GLU B 1 19 ? 20.858  -5.319  1.075   1.00 27.11 ? 81  GLU B CB  1 
ATOM   904  C CG  . GLU B 1 19 ? 22.116  -5.120  0.238   1.00 36.70 ? 81  GLU B CG  1 
ATOM   905  C CD  . GLU B 1 19 ? 23.370  -4.955  1.083   1.00 32.20 ? 81  GLU B CD  1 
ATOM   906  O OE1 . GLU B 1 19 ? 23.254  -4.582  2.269   1.00 54.75 ? 81  GLU B OE1 1 
ATOM   907  O OE2 . GLU B 1 19 ? 24.476  -5.197  0.556   1.00 49.93 ? 81  GLU B OE2 1 
ATOM   908  N N   . PRO B 1 20 ? 17.165  -5.704  0.544   1.00 31.17 ? 82  PRO B N   1 
ATOM   909  C CA  . PRO B 1 20 ? 15.998  -5.967  1.390   1.00 28.30 ? 82  PRO B CA  1 
ATOM   910  C C   . PRO B 1 20 ? 15.932  -7.407  1.899   1.00 33.08 ? 82  PRO B C   1 
ATOM   911  O O   . PRO B 1 20 ? 16.444  -8.317  1.249   1.00 34.45 ? 82  PRO B O   1 
ATOM   912  C CB  . PRO B 1 20 ? 14.828  -5.700  0.443   1.00 36.36 ? 82  PRO B CB  1 
ATOM   913  C CG  . PRO B 1 20 ? 15.360  -6.039  -0.903  1.00 34.57 ? 82  PRO B CG  1 
ATOM   914  C CD  . PRO B 1 20 ? 16.805  -5.606  -0.883  1.00 38.80 ? 82  PRO B CD  1 
ATOM   915  N N   . VAL B 1 21 ? 15.311  -7.605  3.058   1.00 21.13 ? 83  VAL B N   1 
ATOM   916  C CA  . VAL B 1 21 ? 15.004  -8.954  3.504   1.00 23.88 ? 83  VAL B CA  1 
ATOM   917  C C   . VAL B 1 21 ? 13.788  -9.447  2.735   1.00 23.46 ? 83  VAL B C   1 
ATOM   918  O O   . VAL B 1 21 ? 13.602  -10.656 2.564   1.00 25.35 ? 83  VAL B O   1 
ATOM   919  C CB  . VAL B 1 21 ? 14.751  -9.045  5.029   1.00 28.97 ? 83  VAL B CB  1 
ATOM   920  C CG1 . VAL B 1 21 ? 15.987  -8.605  5.798   1.00 34.78 ? 83  VAL B CG1 1 
ATOM   921  C CG2 . VAL B 1 21 ? 13.527  -8.228  5.438   1.00 25.23 ? 83  VAL B CG2 1 
ATOM   922  N N   . GLU B 1 22 ? 12.965  -8.515  2.259   1.00 28.70 ? 84  GLU B N   1 
ATOM   923  C CA  . GLU B 1 22 ? 11.849  -8.919  1.404   1.00 23.84 ? 84  GLU B CA  1 
ATOM   924  C C   . GLU B 1 22 ? 11.703  -8.046  0.160   1.00 24.55 ? 84  GLU B C   1 
ATOM   925  O O   . GLU B 1 22 ? 11.715  -6.824  0.242   1.00 25.60 ? 84  GLU B O   1 
ATOM   926  C CB  . GLU B 1 22 ? 10.536  -8.978  2.189   1.00 23.00 ? 84  GLU B CB  1 
ATOM   927  C CG  . GLU B 1 22 ? 9.418   -9.661  1.425   1.00 23.04 ? 84  GLU B CG  1 
ATOM   928  C CD  . GLU B 1 22 ? 8.144   -9.803  2.228   1.00 34.05 ? 84  GLU B CD  1 
ATOM   929  O OE1 . GLU B 1 22 ? 8.108   -9.351  3.393   1.00 26.69 ? 84  GLU B OE1 1 
ATOM   930  O OE2 . GLU B 1 22 ? 7.174   -10.369 1.683   1.00 31.74 ? 84  GLU B OE2 1 
ATOM   931  N N   . LEU B 1 23 ? 11.572  -8.683  -0.998  1.00 17.26 ? 85  LEU B N   1 
ATOM   932  C CA  . LEU B 1 23 ? 11.443  -7.944  -2.246  1.00 14.97 ? 85  LEU B CA  1 
ATOM   933  C C   . LEU B 1 23 ? 10.431  -8.624  -3.153  1.00 15.64 ? 85  LEU B C   1 
ATOM   934  O O   . LEU B 1 23 ? 10.693  -9.692  -3.705  1.00 13.55 ? 85  LEU B O   1 
ATOM   935  C CB  . LEU B 1 23 ? 12.798  -7.821  -2.949  1.00 20.97 ? 85  LEU B CB  1 
ATOM   936  C CG  . LEU B 1 23 ? 12.789  -7.062  -4.276  1.00 18.78 ? 85  LEU B CG  1 
ATOM   937  C CD1 . LEU B 1 23 ? 12.240  -5.657  -4.077  1.00 21.52 ? 85  LEU B CD1 1 
ATOM   938  C CD2 . LEU B 1 23 ? 14.184  -7.017  -4.880  1.00 20.77 ? 85  LEU B CD2 1 
ATOM   939  N N   . VAL B 1 24 ? 9.267   -7.999  -3.290  1.00 18.71 ? 86  VAL B N   1 
ATOM   940  C CA  . VAL B 1 24 ? 8.219   -8.509  -4.159  1.00 12.74 ? 86  VAL B CA  1 
ATOM   941  C C   . VAL B 1 24 ? 8.016   -7.572  -5.339  1.00 20.13 ? 86  VAL B C   1 
ATOM   942  O O   . VAL B 1 24 ? 7.726   -6.393  -5.163  1.00 13.41 ? 86  VAL B O   1 
ATOM   943  C CB  . VAL B 1 24 ? 6.885   -8.655  -3.412  1.00 19.78 ? 86  VAL B CB  1 
ATOM   944  C CG1 . VAL B 1 24 ? 5.835   -9.285  -4.319  1.00 19.66 ? 86  VAL B CG1 1 
ATOM   945  C CG2 . VAL B 1 24 ? 7.074   -9.485  -2.156  1.00 16.53 ? 86  VAL B CG2 1 
ATOM   946  N N   . ILE B 1 25 ? 8.175   -8.100  -6.545  1.00 17.53 ? 87  ILE B N   1 
ATOM   947  C CA  . ILE B 1 25 ? 7.962   -7.307  -7.743  1.00 15.38 ? 87  ILE B CA  1 
ATOM   948  C C   . ILE B 1 25 ? 6.891   -7.960  -8.605  1.00 16.19 ? 87  ILE B C   1 
ATOM   949  O O   . ILE B 1 25 ? 7.096   -9.038  -9.165  1.00 17.55 ? 87  ILE B O   1 
ATOM   950  C CB  . ILE B 1 25 ? 9.265   -7.121  -8.528  1.00 17.64 ? 87  ILE B CB  1 
ATOM   951  C CG1 . ILE B 1 25 ? 10.262  -6.322  -7.687  1.00 15.31 ? 87  ILE B CG1 1 
ATOM   952  C CG2 . ILE B 1 25 ? 8.992   -6.418  -9.841  1.00 16.60 ? 87  ILE B CG2 1 
ATOM   953  C CD1 . ILE B 1 25 ? 11.629  -6.229  -8.293  1.00 17.48 ? 87  ILE B CD1 1 
ATOM   954  N N   . GLU B 1 26 ? 5.742   -7.301  -8.691  1.00 13.56 ? 88  GLU B N   1 
ATOM   955  C CA  . GLU B 1 26 ? 4.576   -7.885  -9.336  1.00 16.89 ? 88  GLU B CA  1 
ATOM   956  C C   . GLU B 1 26 ? 4.149   -7.087  -10.561 1.00 16.58 ? 88  GLU B C   1 
ATOM   957  O O   . GLU B 1 26 ? 3.806   -5.908  -10.458 1.00 13.82 ? 88  GLU B O   1 
ATOM   958  C CB  . GLU B 1 26 ? 3.416   -7.970  -8.344  1.00 15.07 ? 88  GLU B CB  1 
ATOM   959  C CG  . GLU B 1 26 ? 2.179   -8.647  -8.901  1.00 20.20 ? 88  GLU B CG  1 
ATOM   960  C CD  . GLU B 1 26 ? 0.938   -8.348  -8.085  1.00 20.95 ? 88  GLU B CD  1 
ATOM   961  O OE1 . GLU B 1 26 ? 1.012   -7.501  -7.170  1.00 19.66 ? 88  GLU B OE1 1 
ATOM   962  O OE2 . GLU B 1 26 ? -0.113  -8.958  -8.364  1.00 18.81 ? 88  GLU B OE2 1 
ATOM   963  N N   . ASP B 1 27 ? 4.173   -7.742  -11.718 1.00 15.51 ? 89  ASP B N   1 
ATOM   964  C CA  . ASP B 1 27 ? 3.719   -7.138  -12.964 1.00 19.34 ? 89  ASP B CA  1 
ATOM   965  C C   . ASP B 1 27 ? 2.194   -7.109  -12.980 1.00 14.77 ? 89  ASP B C   1 
ATOM   966  O O   . ASP B 1 27 ? 1.548   -8.154  -13.037 1.00 15.96 ? 89  ASP B O   1 
ATOM   967  C CB  . ASP B 1 27 ? 4.249   -7.940  -14.160 1.00 14.67 ? 89  ASP B CB  1 
ATOM   968  C CG  . ASP B 1 27 ? 4.097   -7.202  -15.484 1.00 14.58 ? 89  ASP B CG  1 
ATOM   969  O OD1 . ASP B 1 27 ? 3.171   -6.378  -15.623 1.00 19.42 ? 89  ASP B OD1 1 
ATOM   970  O OD2 . ASP B 1 27 ? 4.909   -7.457  -16.399 1.00 21.36 ? 89  ASP B OD2 1 
ATOM   971  N N   . VAL B 1 28 ? 1.623   -5.910  -12.922 1.00 15.30 ? 90  VAL B N   1 
ATOM   972  C CA  . VAL B 1 28 ? 0.172   -5.758  -12.964 1.00 13.56 ? 90  VAL B CA  1 
ATOM   973  C C   . VAL B 1 28 ? -0.270  -4.940  -14.176 1.00 15.66 ? 90  VAL B C   1 
ATOM   974  O O   . VAL B 1 28 ? -1.248  -4.197  -14.109 1.00 18.76 ? 90  VAL B O   1 
ATOM   975  C CB  . VAL B 1 28 ? -0.379  -5.121  -11.666 1.00 13.28 ? 90  VAL B CB  1 
ATOM   976  C CG1 . VAL B 1 28 ? -0.305  -6.110  -10.514 1.00 13.54 ? 90  VAL B CG1 1 
ATOM   977  C CG2 . VAL B 1 28 ? 0.377   -3.843  -11.330 1.00 13.11 ? 90  VAL B CG2 1 
ATOM   978  N N   . SER B 1 29 ? 0.456   -5.092  -15.281 1.00 14.44 ? 91  SER B N   1 
ATOM   979  C CA  . SER B 1 29 ? 0.142   -4.386  -16.520 1.00 15.02 ? 91  SER B CA  1 
ATOM   980  C C   . SER B 1 29 ? -1.244  -4.748  -17.049 1.00 13.55 ? 91  SER B C   1 
ATOM   981  O O   . SER B 1 29 ? -1.902  -3.932  -17.696 1.00 15.82 ? 91  SER B O   1 
ATOM   982  C CB  . SER B 1 29 ? 1.200   -4.679  -17.587 1.00 13.23 ? 91  SER B CB  1 
ATOM   983  O OG  . SER B 1 29 ? 2.476   -4.217  -17.182 1.00 16.01 ? 91  SER B OG  1 
ATOM   984  N N   . TYR B 1 30 ? -1.681  -5.970  -16.763 1.00 18.02 ? 92  TYR B N   1 
ATOM   985  C CA  . TYR B 1 30 ? -2.975  -6.461  -17.231 1.00 20.49 ? 92  TYR B CA  1 
ATOM   986  C C   . TYR B 1 30 ? -4.156  -5.751  -16.572 1.00 19.92 ? 92  TYR B C   1 
ATOM   987  O O   . TYR B 1 30 ? -5.294  -5.876  -17.024 1.00 21.51 ? 92  TYR B O   1 
ATOM   988  C CB  . TYR B 1 30 ? -3.084  -7.972  -17.012 1.00 12.35 ? 92  TYR B CB  1 
ATOM   989  C CG  . TYR B 1 30 ? -3.035  -8.407  -15.562 1.00 14.01 ? 92  TYR B CG  1 
ATOM   990  C CD1 . TYR B 1 30 ? -4.195  -8.488  -14.800 1.00 12.60 ? 92  TYR B CD1 1 
ATOM   991  C CD2 . TYR B 1 30 ? -1.833  -8.753  -14.961 1.00 13.85 ? 92  TYR B CD2 1 
ATOM   992  C CE1 . TYR B 1 30 ? -4.155  -8.890  -13.478 1.00 15.60 ? 92  TYR B CE1 1 
ATOM   993  C CE2 . TYR B 1 30 ? -1.784  -9.159  -13.640 1.00 14.95 ? 92  TYR B CE2 1 
ATOM   994  C CZ  . TYR B 1 30 ? -2.948  -9.225  -12.904 1.00 13.99 ? 92  TYR B CZ  1 
ATOM   995  O OH  . TYR B 1 30 ? -2.907  -9.628  -11.590 1.00 14.17 ? 92  TYR B OH  1 
ATOM   996  N N   . GLN B 1 31 ? -3.882  -5.016  -15.500 1.00 13.96 ? 93  GLN B N   1 
ATOM   997  C CA  . GLN B 1 31 ? -4.919  -4.257  -14.814 1.00 17.07 ? 93  GLN B CA  1 
ATOM   998  C C   . GLN B 1 31 ? -5.093  -2.869  -15.424 1.00 15.31 ? 93  GLN B C   1 
ATOM   999  O O   . GLN B 1 31 ? -5.863  -2.056  -14.912 1.00 30.41 ? 93  GLN B O   1 
ATOM   1000 C CB  . GLN B 1 31 ? -4.584  -4.100  -13.330 1.00 22.61 ? 93  GLN B CB  1 
ATOM   1001 C CG  . GLN B 1 31 ? -4.655  -5.368  -12.505 1.00 20.12 ? 93  GLN B CG  1 
ATOM   1002 C CD  . GLN B 1 31 ? -4.622  -5.071  -11.018 1.00 26.80 ? 93  GLN B CD  1 
ATOM   1003 O OE1 . GLN B 1 31 ? -3.563  -4.806  -10.448 1.00 20.64 ? 93  GLN B OE1 1 
ATOM   1004 N NE2 . GLN B 1 31 ? -5.790  -5.095  -10.386 1.00 20.89 ? 93  GLN B NE2 1 
ATOM   1005 N N   . HIS B 1 32 ? -4.379  -2.593  -16.509 1.00 21.13 ? 94  HIS B N   1 
ATOM   1006 C CA  . HIS B 1 32 ? -4.375  -1.252  -17.084 1.00 28.89 ? 94  HIS B CA  1 
ATOM   1007 C C   . HIS B 1 32 ? -4.488  -1.236  -18.607 1.00 27.37 ? 94  HIS B C   1 
ATOM   1008 O O   . HIS B 1 32 ? -3.841  -2.022  -19.302 1.00 36.58 ? 94  HIS B O   1 
ATOM   1009 C CB  . HIS B 1 32 ? -3.129  -0.487  -16.632 1.00 23.59 ? 94  HIS B CB  1 
ATOM   1010 C CG  . HIS B 1 32 ? -3.027  -0.335  -15.144 1.00 22.93 ? 94  HIS B CG  1 
ATOM   1011 N ND1 . HIS B 1 32 ? -3.532  0.757   -14.472 1.00 24.31 ? 94  HIS B ND1 1 
ATOM   1012 C CD2 . HIS B 1 32 ? -2.494  -1.143  -14.200 1.00 20.01 ? 94  HIS B CD2 1 
ATOM   1013 C CE1 . HIS B 1 32 ? -3.308  0.619   -13.178 1.00 24.22 ? 94  HIS B CE1 1 
ATOM   1014 N NE2 . HIS B 1 32 ? -2.678  -0.528  -12.985 1.00 20.57 ? 94  HIS B NE2 1 
ATOM   1015 N N   . ALA B 1 33 ? -5.313  -0.326  -19.115 1.00 40.65 ? 95  ALA B N   1 
ATOM   1016 C CA  . ALA B 1 33 ? -5.514  -0.172  -20.551 1.00 48.77 ? 95  ALA B CA  1 
ATOM   1017 C C   . ALA B 1 33 ? -4.250  0.344   -21.231 1.00 51.05 ? 95  ALA B C   1 
ATOM   1018 O O   . ALA B 1 33 ? -3.796  1.455   -20.961 1.00 53.32 ? 95  ALA B O   1 
ATOM   1019 C CB  . ALA B 1 33 ? -6.684  0.763   -20.820 1.00 31.49 ? 95  ALA B CB  1 
ATOM   1020 N N   . ASP B 1 43 ? -0.402  -3.333  -22.352 1.00 45.92 ? 105 ASP B N   1 
ATOM   1021 C CA  . ASP B 1 43 ? 0.928   -3.511  -22.925 1.00 50.83 ? 105 ASP B CA  1 
ATOM   1022 C C   . ASP B 1 43 ? 1.854   -4.226  -21.942 1.00 41.60 ? 105 ASP B C   1 
ATOM   1023 O O   . ASP B 1 43 ? 1.415   -4.667  -20.882 1.00 34.53 ? 105 ASP B O   1 
ATOM   1024 C CB  . ASP B 1 43 ? 1.507   -2.161  -23.352 1.00 55.04 ? 105 ASP B CB  1 
ATOM   1025 C CG  . ASP B 1 43 ? 0.594   -1.415  -24.310 1.00 58.60 ? 105 ASP B CG  1 
ATOM   1026 O OD1 . ASP B 1 43 ? 0.354   -0.213  -24.082 1.00 60.31 ? 105 ASP B OD1 1 
ATOM   1027 O OD2 . ASP B 1 43 ? 0.117   -2.032  -25.287 1.00 51.62 ? 105 ASP B OD2 1 
ATOM   1028 N N   . ASP B 1 44 ? 3.133   -4.339  -22.290 1.00 43.99 ? 106 ASP B N   1 
ATOM   1029 C CA  . ASP B 1 44 ? 4.054   -5.162  -21.508 1.00 38.17 ? 106 ASP B CA  1 
ATOM   1030 C C   . ASP B 1 44 ? 4.906   -4.386  -20.506 1.00 24.29 ? 106 ASP B C   1 
ATOM   1031 O O   . ASP B 1 44 ? 5.553   -3.396  -20.854 1.00 27.43 ? 106 ASP B O   1 
ATOM   1032 C CB  . ASP B 1 44 ? 4.958   -5.978  -22.431 1.00 45.41 ? 106 ASP B CB  1 
ATOM   1033 C CG  . ASP B 1 44 ? 4.177   -6.727  -23.488 1.00 71.64 ? 106 ASP B CG  1 
ATOM   1034 O OD1 . ASP B 1 44 ? 3.766   -7.878  -23.229 1.00 64.45 ? 106 ASP B OD1 1 
ATOM   1035 O OD2 . ASP B 1 44 ? 3.971   -6.159  -24.581 1.00 76.71 ? 106 ASP B OD2 1 
ATOM   1036 N N   . GLU B 1 45 ? 4.898   -4.863  -19.263 1.00 21.41 ? 107 GLU B N   1 
ATOM   1037 C CA  . GLU B 1 45 ? 5.715   -4.315  -18.179 1.00 17.64 ? 107 GLU B CA  1 
ATOM   1038 C C   . GLU B 1 45 ? 5.584   -2.802  -18.023 1.00 10.09 ? 107 GLU B C   1 
ATOM   1039 O O   . GLU B 1 45 ? 6.581   -2.091  -17.899 1.00 19.10 ? 107 GLU B O   1 
ATOM   1040 C CB  . GLU B 1 45 ? 7.182   -4.720  -18.355 1.00 20.44 ? 107 GLU B CB  1 
ATOM   1041 C CG  . GLU B 1 45 ? 7.374   -6.216  -18.544 1.00 22.10 ? 107 GLU B CG  1 
ATOM   1042 C CD  . GLU B 1 45 ? 8.817   -6.654  -18.388 1.00 20.11 ? 107 GLU B CD  1 
ATOM   1043 O OE1 . GLU B 1 45 ? 9.637   -6.347  -19.277 1.00 17.70 ? 107 GLU B OE1 1 
ATOM   1044 O OE2 . GLU B 1 45 ? 9.130   -7.312  -17.373 1.00 25.34 ? 107 GLU B OE2 1 
ATOM   1045 N N   . THR B 1 46 ? 4.346   -2.322  -18.019 1.00 13.86 ? 108 THR B N   1 
ATOM   1046 C CA  . THR B 1 46 ? 4.075   -0.896  -17.887 1.00 15.48 ? 108 THR B CA  1 
ATOM   1047 C C   . THR B 1 46 ? 3.746   -0.491  -16.448 1.00 13.79 ? 108 THR B C   1 
ATOM   1048 O O   . THR B 1 46 ? 4.018   0.639   -16.039 1.00 14.72 ? 108 THR B O   1 
ATOM   1049 C CB  . THR B 1 46 ? 2.923   -0.461  -18.810 1.00 12.01 ? 108 THR B CB  1 
ATOM   1050 O OG1 . THR B 1 46 ? 1.749   -1.222  -18.503 1.00 10.76 ? 108 THR B OG1 1 
ATOM   1051 C CG2 . THR B 1 46 ? 3.296   -0.686  -20.271 1.00 21.76 ? 108 THR B CG2 1 
ATOM   1052 N N   . HIS B 1 47 ? 3.163   -1.415  -15.687 1.00 20.46 ? 109 HIS B N   1 
ATOM   1053 C CA  . HIS B 1 47 ? 2.720   -1.124  -14.326 1.00 18.02 ? 109 HIS B CA  1 
ATOM   1054 C C   . HIS B 1 47 ? 3.214   -2.170  -13.330 1.00 18.15 ? 109 HIS B C   1 
ATOM   1055 O O   . HIS B 1 47 ? 3.089   -3.372  -13.575 1.00 14.13 ? 109 HIS B O   1 
ATOM   1056 C CB  . HIS B 1 47 ? 1.193   -1.029  -14.267 1.00 12.93 ? 109 HIS B CB  1 
ATOM   1057 C CG  . HIS B 1 47 ? 0.628   0.118   -15.048 1.00 12.77 ? 109 HIS B CG  1 
ATOM   1058 N ND1 . HIS B 1 47 ? 0.547   0.116   -16.425 1.00 12.98 ? 109 HIS B ND1 1 
ATOM   1059 C CD2 . HIS B 1 47 ? 0.119   1.303   -14.644 1.00 13.87 ? 109 HIS B CD2 1 
ATOM   1060 C CE1 . HIS B 1 47 ? 0.010   1.251   -16.834 1.00 14.29 ? 109 HIS B CE1 1 
ATOM   1061 N NE2 . HIS B 1 47 ? -0.258  1.991   -15.771 1.00 20.74 ? 109 HIS B NE2 1 
ATOM   1062 N N   . PHE B 1 48 ? 3.771   -1.719  -12.209 1.00 10.05 ? 110 PHE B N   1 
ATOM   1063 C CA  . PHE B 1 48 ? 4.274   -2.669  -11.212 1.00 18.78 ? 110 PHE B CA  1 
ATOM   1064 C C   . PHE B 1 48 ? 3.866   -2.359  -9.773  1.00 20.53 ? 110 PHE B C   1 
ATOM   1065 O O   . PHE B 1 48 ? 3.684   -1.205  -9.398  1.00 16.89 ? 110 PHE B O   1 
ATOM   1066 C CB  . PHE B 1 48 ? 5.799   -2.805  -11.297 1.00 13.57 ? 110 PHE B CB  1 
ATOM   1067 C CG  . PHE B 1 48 ? 6.270   -3.680  -12.427 1.00 11.86 ? 110 PHE B CG  1 
ATOM   1068 C CD1 . PHE B 1 48 ? 6.512   -5.031  -12.224 1.00 13.84 ? 110 PHE B CD1 1 
ATOM   1069 C CD2 . PHE B 1 48 ? 6.466   -3.154  -13.692 1.00 11.58 ? 110 PHE B CD2 1 
ATOM   1070 C CE1 . PHE B 1 48 ? 6.944   -5.838  -13.267 1.00 16.58 ? 110 PHE B CE1 1 
ATOM   1071 C CE2 . PHE B 1 48 ? 6.895   -3.953  -14.735 1.00 8.93  ? 110 PHE B CE2 1 
ATOM   1072 C CZ  . PHE B 1 48 ? 7.133   -5.297  -14.524 1.00 18.22 ? 110 PHE B CZ  1 
ATOM   1073 N N   . ASN B 1 49 ? 3.708   -3.413  -8.978  1.00 17.09 ? 111 ASN B N   1 
ATOM   1074 C CA  . ASN B 1 49 ? 3.627   -3.281  -7.532  1.00 12.04 ? 111 ASN B CA  1 
ATOM   1075 C C   . ASN B 1 49 ? 4.962   -3.722  -6.956  1.00 19.98 ? 111 ASN B C   1 
ATOM   1076 O O   . ASN B 1 49 ? 5.376   -4.866  -7.141  1.00 18.13 ? 111 ASN B O   1 
ATOM   1077 C CB  . ASN B 1 49 ? 2.494   -4.137  -6.958  1.00 20.76 ? 111 ASN B CB  1 
ATOM   1078 C CG  . ASN B 1 49 ? 1.118   -3.637  -7.358  1.00 15.94 ? 111 ASN B CG  1 
ATOM   1079 O OD1 . ASN B 1 49 ? 0.913   -2.442  -7.567  1.00 18.29 ? 111 ASN B OD1 1 
ATOM   1080 N ND2 . ASN B 1 49 ? 0.165   -4.557  -7.464  1.00 14.20 ? 111 ASN B ND2 1 
ATOM   1081 N N   . VAL B 1 50 ? 5.646   -2.806  -6.280  1.00 16.77 ? 112 VAL B N   1 
ATOM   1082 C CA  . VAL B 1 50 ? 6.957   -3.093  -5.713  1.00 13.46 ? 112 VAL B CA  1 
ATOM   1083 C C   . VAL B 1 50 ? 6.932   -2.981  -4.190  1.00 17.41 ? 112 VAL B C   1 
ATOM   1084 O O   . VAL B 1 50 ? 6.661   -1.915  -3.635  1.00 19.63 ? 112 VAL B O   1 
ATOM   1085 C CB  . VAL B 1 50 ? 8.044   -2.157  -6.287  1.00 15.59 ? 112 VAL B CB  1 
ATOM   1086 C CG1 . VAL B 1 50 ? 9.359   -2.349  -5.551  1.00 13.95 ? 112 VAL B CG1 1 
ATOM   1087 C CG2 . VAL B 1 50 ? 8.222   -2.398  -7.782  1.00 11.38 ? 112 VAL B CG2 1 
ATOM   1088 N N   . LYS B 1 51 ? 7.205   -4.096  -3.521  1.00 12.31 ? 113 LYS B N   1 
ATOM   1089 C CA  . LYS B 1 51 ? 7.247   -4.136  -2.068  1.00 15.17 ? 113 LYS B CA  1 
ATOM   1090 C C   . LYS B 1 51 ? 8.664   -4.416  -1.582  1.00 15.69 ? 113 LYS B C   1 
ATOM   1091 O O   . LYS B 1 51 ? 9.265   -5.434  -1.926  1.00 17.17 ? 113 LYS B O   1 
ATOM   1092 C CB  . LYS B 1 51 ? 6.277   -5.187  -1.530  1.00 13.80 ? 113 LYS B CB  1 
ATOM   1093 C CG  . LYS B 1 51 ? 6.289   -5.325  -0.017  1.00 16.72 ? 113 LYS B CG  1 
ATOM   1094 C CD  . LYS B 1 51 ? 5.365   -6.446  0.431   1.00 18.92 ? 113 LYS B CD  1 
ATOM   1095 C CE  . LYS B 1 51 ? 5.383   -6.622  1.943   1.00 24.40 ? 113 LYS B CE  1 
ATOM   1096 N NZ  . LYS B 1 51 ? 4.457   -7.707  2.378   1.00 25.93 ? 113 LYS B NZ  1 
ATOM   1097 N N   . ILE B 1 52 ? 9.189   -3.498  -0.780  1.00 13.21 ? 114 ILE B N   1 
ATOM   1098 C CA  . ILE B 1 52 ? 10.561  -3.568  -0.305  1.00 14.13 ? 114 ILE B CA  1 
ATOM   1099 C C   . ILE B 1 52 ? 10.603  -3.505  1.222   1.00 16.36 ? 114 ILE B C   1 
ATOM   1100 O O   . ILE B 1 52 ? 10.220  -2.497  1.827   1.00 15.72 ? 114 ILE B O   1 
ATOM   1101 C CB  . ILE B 1 52 ? 11.396  -2.402  -0.874  1.00 14.90 ? 114 ILE B CB  1 
ATOM   1102 C CG1 . ILE B 1 52 ? 11.208  -2.290  -2.389  1.00 17.22 ? 114 ILE B CG1 1 
ATOM   1103 C CG2 . ILE B 1 52 ? 12.867  -2.564  -0.515  1.00 18.57 ? 114 ILE B CG2 1 
ATOM   1104 C CD1 . ILE B 1 52 ? 11.743  -1.001  -2.969  1.00 13.72 ? 114 ILE B CD1 1 
ATOM   1105 N N   . VAL B 1 53 ? 11.052  -4.592  1.841   1.00 15.76 ? 115 VAL B N   1 
ATOM   1106 C CA  . VAL B 1 53 ? 11.306  -4.623  3.275   1.00 16.36 ? 115 VAL B CA  1 
ATOM   1107 C C   . VAL B 1 53 ? 12.812  -4.687  3.546   1.00 22.43 ? 115 VAL B C   1 
ATOM   1108 O O   . VAL B 1 53 ? 13.466  -5.722  3.306   1.00 24.36 ? 115 VAL B O   1 
ATOM   1109 C CB  . VAL B 1 53 ? 10.571  -5.790  3.973   1.00 21.46 ? 115 VAL B CB  1 
ATOM   1110 C CG1 . VAL B 1 53 ? 10.836  -5.754  5.467   1.00 18.10 ? 115 VAL B CG1 1 
ATOM   1111 C CG2 . VAL B 1 53 ? 9.075   -5.707  3.701   1.00 23.44 ? 115 VAL B CG2 1 
ATOM   1112 N N   . SER B 1 54 ? 13.334  -3.568  4.049   1.00 17.34 ? 116 SER B N   1 
ATOM   1113 C CA  . SER B 1 54 ? 14.766  -3.341  4.203   1.00 21.54 ? 116 SER B CA  1 
ATOM   1114 C C   . SER B 1 54 ? 15.029  -2.416  5.386   1.00 26.11 ? 116 SER B C   1 
ATOM   1115 O O   . SER B 1 54 ? 14.267  -1.479  5.628   1.00 20.72 ? 116 SER B O   1 
ATOM   1116 C CB  . SER B 1 54 ? 15.321  -2.696  2.934   1.00 16.06 ? 116 SER B CB  1 
ATOM   1117 O OG  . SER B 1 54 ? 16.609  -2.151  3.157   1.00 24.15 ? 116 SER B OG  1 
ATOM   1118 N N   . LYS B 1 55 ? 16.124  -2.661  6.097   1.00 25.78 ? 117 LYS B N   1 
ATOM   1119 C CA  . LYS B 1 55 ? 16.507  -1.840  7.243   1.00 31.20 ? 117 LYS B CA  1 
ATOM   1120 C C   . LYS B 1 55 ? 17.134  -0.511  6.827   1.00 31.75 ? 117 LYS B C   1 
ATOM   1121 O O   . LYS B 1 55 ? 17.336  0.376   7.658   1.00 34.15 ? 117 LYS B O   1 
ATOM   1122 C CB  . LYS B 1 55 ? 17.488  -2.608  8.122   1.00 30.84 ? 117 LYS B CB  1 
ATOM   1123 C CG  . LYS B 1 55 ? 18.739  -3.055  7.385   1.00 42.48 ? 117 LYS B CG  1 
ATOM   1124 C CD  . LYS B 1 55 ? 19.472  -4.126  8.169   1.00 56.80 ? 117 LYS B CD  1 
ATOM   1125 C CE  . LYS B 1 55 ? 20.922  -4.243  7.732   1.00 60.70 ? 117 LYS B CE  1 
ATOM   1126 N NZ  . LYS B 1 55 ? 21.855  -4.004  8.874   1.00 65.35 ? 117 LYS B NZ  1 
ATOM   1127 N N   . GLY B 1 56 ? 17.447  -0.380  5.541   1.00 25.18 ? 118 GLY B N   1 
ATOM   1128 C CA  . GLY B 1 56 ? 18.010  0.850   5.013   1.00 26.30 ? 118 GLY B CA  1 
ATOM   1129 C C   . GLY B 1 56 ? 17.011  1.991   5.063   1.00 24.59 ? 118 GLY B C   1 
ATOM   1130 O O   . GLY B 1 56 ? 17.365  3.152   4.851   1.00 30.28 ? 118 GLY B O   1 
ATOM   1131 N N   . PHE B 1 57 ? 15.757  1.648   5.344   1.00 19.55 ? 119 PHE B N   1 
ATOM   1132 C CA  . PHE B 1 57 ? 14.681  2.623   5.478   1.00 17.59 ? 119 PHE B CA  1 
ATOM   1133 C C   . PHE B 1 57 ? 14.539  3.140   6.910   1.00 19.29 ? 119 PHE B C   1 
ATOM   1134 O O   . PHE B 1 57 ? 13.702  4.003   7.177   1.00 17.87 ? 119 PHE B O   1 
ATOM   1135 C CB  . PHE B 1 57 ? 13.350  2.004   5.043   1.00 12.31 ? 119 PHE B CB  1 
ATOM   1136 C CG  . PHE B 1 57 ? 13.261  1.721   3.570   1.00 12.37 ? 119 PHE B CG  1 
ATOM   1137 C CD1 . PHE B 1 57 ? 13.765  2.620   2.646   1.00 17.56 ? 119 PHE B CD1 1 
ATOM   1138 C CD2 . PHE B 1 57 ? 12.670  0.554   3.111   1.00 15.57 ? 119 PHE B CD2 1 
ATOM   1139 C CE1 . PHE B 1 57 ? 13.682  2.362   1.291   1.00 20.01 ? 119 PHE B CE1 1 
ATOM   1140 C CE2 . PHE B 1 57 ? 12.583  0.291   1.757   1.00 17.23 ? 119 PHE B CE2 1 
ATOM   1141 C CZ  . PHE B 1 57 ? 13.090  1.196   0.845   1.00 15.73 ? 119 PHE B CZ  1 
ATOM   1142 N N   . GLU B 1 58 ? 15.345  2.605   7.826   1.00 20.35 ? 120 GLU B N   1 
ATOM   1143 C CA  . GLU B 1 58 ? 15.237  2.950   9.247   1.00 29.37 ? 120 GLU B CA  1 
ATOM   1144 C C   . GLU B 1 58 ? 15.324  4.451   9.516   1.00 23.05 ? 120 GLU B C   1 
ATOM   1145 O O   . GLU B 1 58 ? 16.313  5.098   9.172   1.00 23.69 ? 120 GLU B O   1 
ATOM   1146 C CB  . GLU B 1 58 ? 16.297  2.213   10.070  1.00 29.70 ? 120 GLU B CB  1 
ATOM   1147 C CG  . GLU B 1 58 ? 16.297  2.572   11.550  1.00 34.79 ? 120 GLU B CG  1 
ATOM   1148 C CD  . GLU B 1 58 ? 15.003  2.193   12.247  1.00 45.07 ? 120 GLU B CD  1 
ATOM   1149 O OE1 . GLU B 1 58 ? 14.371  1.197   11.835  1.00 35.05 ? 120 GLU B OE1 1 
ATOM   1150 O OE2 . GLU B 1 58 ? 14.618  2.894   13.206  1.00 40.58 ? 120 GLU B OE2 1 
ATOM   1151 N N   . GLY B 1 59 ? 14.275  4.998   10.124  1.00 24.03 ? 121 GLY B N   1 
ATOM   1152 C CA  . GLY B 1 59 ? 14.234  6.406   10.474  1.00 19.21 ? 121 GLY B CA  1 
ATOM   1153 C C   . GLY B 1 59 ? 13.997  7.340   9.300   1.00 27.88 ? 121 GLY B C   1 
ATOM   1154 O O   . GLY B 1 59 ? 13.731  8.527   9.489   1.00 26.79 ? 121 GLY B O   1 
ATOM   1155 N N   . MET B 1 60 ? 14.093  6.810   8.084   1.00 17.41 ? 122 MET B N   1 
ATOM   1156 C CA  . MET B 1 60 ? 13.943  7.623   6.883   1.00 16.47 ? 122 MET B CA  1 
ATOM   1157 C C   . MET B 1 60 ? 12.481  8.004   6.680   1.00 19.68 ? 122 MET B C   1 
ATOM   1158 O O   . MET B 1 60 ? 11.602  7.142   6.724   1.00 17.12 ? 122 MET B O   1 
ATOM   1159 C CB  . MET B 1 60 ? 14.468  6.862   5.660   1.00 23.59 ? 122 MET B CB  1 
ATOM   1160 C CG  . MET B 1 60 ? 14.596  7.705   4.401   1.00 15.70 ? 122 MET B CG  1 
ATOM   1161 S SD  . MET B 1 60 ? 15.143  6.754   2.970   1.00 18.76 ? 122 MET B SD  1 
ATOM   1162 C CE  . MET B 1 60 ? 16.719  6.122   3.542   1.00 19.22 ? 122 MET B CE  1 
ATOM   1163 N N   . ASN B 1 61 ? 12.215  9.289   6.466   1.00 14.46 ? 123 ASN B N   1 
ATOM   1164 C CA  . ASN B 1 61 ? 10.843  9.729   6.229   1.00 23.82 ? 123 ASN B CA  1 
ATOM   1165 C C   . ASN B 1 61 ? 10.293  9.128   4.936   1.00 14.85 ? 123 ASN B C   1 
ATOM   1166 O O   . ASN B 1 61 ? 11.039  8.905   3.983   1.00 12.85 ? 123 ASN B O   1 
ATOM   1167 C CB  . ASN B 1 61 ? 10.724  11.259  6.242   1.00 22.10 ? 123 ASN B CB  1 
ATOM   1168 C CG  . ASN B 1 61 ? 11.300  11.905  4.999   1.00 24.77 ? 123 ASN B CG  1 
ATOM   1169 O OD1 . ASN B 1 61 ? 10.600  12.092  4.003   1.00 23.33 ? 123 ASN B OD1 1 
ATOM   1170 N ND2 . ASN B 1 61 ? 12.578  12.260  5.055   1.00 23.56 ? 123 ASN B ND2 1 
ATOM   1171 N N   . LEU B 1 62 ? 8.992   8.856   4.919   1.00 21.27 ? 124 LEU B N   1 
ATOM   1172 C CA  . LEU B 1 62 ? 8.362   8.096   3.837   1.00 19.95 ? 124 LEU B CA  1 
ATOM   1173 C C   . LEU B 1 62 ? 8.543   8.680   2.432   1.00 15.27 ? 124 LEU B C   1 
ATOM   1174 O O   . LEU B 1 62 ? 8.876   7.953   1.485   1.00 18.75 ? 124 LEU B O   1 
ATOM   1175 C CB  . LEU B 1 62 ? 6.872   7.920   4.117   1.00 15.68 ? 124 LEU B CB  1 
ATOM   1176 C CG  . LEU B 1 62 ? 6.178   7.083   3.049   1.00 13.58 ? 124 LEU B CG  1 
ATOM   1177 C CD1 . LEU B 1 62 ? 6.427   5.607   3.303   1.00 17.19 ? 124 LEU B CD1 1 
ATOM   1178 C CD2 . LEU B 1 62 ? 4.704   7.388   3.002   1.00 28.75 ? 124 LEU B CD2 1 
ATOM   1179 N N   . VAL B 1 63 ? 8.298   9.982   2.296   1.00 17.80 ? 125 VAL B N   1 
ATOM   1180 C CA  . VAL B 1 63 ? 8.461   10.662  1.013   1.00 18.33 ? 125 VAL B CA  1 
ATOM   1181 C C   . VAL B 1 63 ? 9.872   10.448  0.481   1.00 12.72 ? 125 VAL B C   1 
ATOM   1182 O O   . VAL B 1 63 ? 10.061  10.159  -0.700  1.00 10.22 ? 125 VAL B O   1 
ATOM   1183 C CB  . VAL B 1 63 ? 8.165   12.176  1.114   1.00 14.40 ? 125 VAL B CB  1 
ATOM   1184 C CG1 . VAL B 1 63 ? 8.532   12.882  -0.186  1.00 20.96 ? 125 VAL B CG1 1 
ATOM   1185 C CG2 . VAL B 1 63 ? 6.701   12.415  1.452   1.00 19.33 ? 125 VAL B CG2 1 
ATOM   1186 N N   . LYS B 1 64 ? 10.850  10.567  1.373   1.00 11.07 ? 126 LYS B N   1 
ATOM   1187 C CA  . LYS B 1 64 ? 12.243  10.330  1.021   1.00 13.16 ? 126 LYS B CA  1 
ATOM   1188 C C   . LYS B 1 64 ? 12.481  8.890   0.573   1.00 16.46 ? 126 LYS B C   1 
ATOM   1189 O O   . LYS B 1 64 ? 13.209  8.659   -0.392  1.00 13.13 ? 126 LYS B O   1 
ATOM   1190 C CB  . LYS B 1 64 ? 13.165  10.680  2.190   1.00 16.39 ? 126 LYS B CB  1 
ATOM   1191 C CG  . LYS B 1 64 ? 14.643  10.491  1.887   1.00 13.44 ? 126 LYS B CG  1 
ATOM   1192 C CD  . LYS B 1 64 ? 15.514  11.001  3.028   1.00 13.48 ? 126 LYS B CD  1 
ATOM   1193 C CE  . LYS B 1 64 ? 16.990  10.762  2.748   1.00 16.81 ? 126 LYS B CE  1 
ATOM   1194 N NZ  . LYS B 1 64 ? 17.870  11.283  3.833   1.00 19.59 ? 126 LYS B NZ  1 
ATOM   1195 N N   . ARG B 1 65 ? 11.877  7.926   1.269   1.00 11.19 ? 127 ARG B N   1 
ATOM   1196 C CA  . ARG B 1 65 ? 12.001  6.519   0.883   1.00 14.62 ? 127 ARG B CA  1 
ATOM   1197 C C   . ARG B 1 65 ? 11.508  6.324   -0.550  1.00 13.26 ? 127 ARG B C   1 
ATOM   1198 O O   . ARG B 1 65 ? 12.205  5.768   -1.402  1.00 16.57 ? 127 ARG B O   1 
ATOM   1199 C CB  . ARG B 1 65 ? 11.191  5.615   1.824   1.00 13.02 ? 127 ARG B CB  1 
ATOM   1200 C CG  . ARG B 1 65 ? 11.525  5.704   3.315   1.00 11.85 ? 127 ARG B CG  1 
ATOM   1201 C CD  . ARG B 1 65 ? 10.695  4.687   4.107   1.00 14.63 ? 127 ARG B CD  1 
ATOM   1202 N NE  . ARG B 1 65 ? 10.886  4.792   5.553   1.00 13.99 ? 127 ARG B NE  1 
ATOM   1203 C CZ  . ARG B 1 65 ? 10.294  4.003   6.447   1.00 17.30 ? 127 ARG B CZ  1 
ATOM   1204 N NH1 . ARG B 1 65 ? 9.469   3.042   6.050   1.00 12.01 ? 127 ARG B NH1 1 
ATOM   1205 N NH2 . ARG B 1 65 ? 10.528  4.175   7.739   1.00 14.46 ? 127 ARG B NH2 1 
ATOM   1206 N N   . HIS B 1 66 ? 10.295  6.807   -0.800  1.00 10.94 ? 128 HIS B N   1 
ATOM   1207 C CA  . HIS B 1 66 ? 9.676   6.690   -2.116  1.00 9.00  ? 128 HIS B CA  1 
ATOM   1208 C C   . HIS B 1 66 ? 10.457  7.418   -3.216  1.00 13.02 ? 128 HIS B C   1 
ATOM   1209 O O   . HIS B 1 66 ? 10.493  6.960   -4.358  1.00 13.52 ? 128 HIS B O   1 
ATOM   1210 C CB  . HIS B 1 66 ? 8.218   7.153   -2.079  1.00 14.87 ? 128 HIS B CB  1 
ATOM   1211 C CG  . HIS B 1 66 ? 7.310   6.214   -1.350  1.00 14.92 ? 128 HIS B CG  1 
ATOM   1212 N ND1 . HIS B 1 66 ? 5.936   6.309   -1.409  1.00 10.10 ? 128 HIS B ND1 1 
ATOM   1213 C CD2 . HIS B 1 66 ? 7.576   5.157   -0.545  1.00 12.30 ? 128 HIS B CD2 1 
ATOM   1214 C CE1 . HIS B 1 66 ? 5.395   5.354   -0.676  1.00 14.68 ? 128 HIS B CE1 1 
ATOM   1215 N NE2 . HIS B 1 66 ? 6.373   4.640   -0.139  1.00 9.03  ? 128 HIS B NE2 1 
ATOM   1216 N N   . ARG B 1 67 ? 11.084  8.542   -2.883  1.00 10.53 ? 129 ARG B N   1 
ATOM   1217 C CA  . ARG B 1 67 ? 11.883  9.271   -3.869  1.00 13.58 ? 129 ARG B CA  1 
ATOM   1218 C C   . ARG B 1 67 ? 13.195  8.546   -4.152  1.00 13.78 ? 129 ARG B C   1 
ATOM   1219 O O   . ARG B 1 67 ? 13.717  8.596   -5.267  1.00 14.61 ? 129 ARG B O   1 
ATOM   1220 C CB  . ARG B 1 67 ? 12.135  10.709  -3.405  1.00 25.24 ? 129 ARG B CB  1 
ATOM   1221 C CG  . ARG B 1 67 ? 10.908  11.596  -3.505  1.00 23.33 ? 129 ARG B CG  1 
ATOM   1222 C CD  . ARG B 1 67 ? 11.008  12.554  -4.679  1.00 35.41 ? 129 ARG B CD  1 
ATOM   1223 N NE  . ARG B 1 67 ? 11.395  13.891  -4.239  1.00 42.72 ? 129 ARG B NE  1 
ATOM   1224 C CZ  . ARG B 1 67 ? 11.727  14.885  -5.056  1.00 32.30 ? 129 ARG B CZ  1 
ATOM   1225 N NH1 . ARG B 1 67 ? 11.729  14.699  -6.369  1.00 39.02 ? 129 ARG B NH1 1 
ATOM   1226 N NH2 . ARG B 1 67 ? 12.063  16.066  -4.557  1.00 34.93 ? 129 ARG B NH2 1 
ATOM   1227 N N   . LEU B 1 68 ? 13.719  7.867   -3.135  1.00 11.97 ? 130 LEU B N   1 
ATOM   1228 C CA  . LEU B 1 68 ? 14.905  7.041   -3.310  1.00 7.04  ? 130 LEU B CA  1 
ATOM   1229 C C   . LEU B 1 68 ? 14.579  5.887   -4.250  1.00 12.68 ? 130 LEU B C   1 
ATOM   1230 O O   . LEU B 1 68 ? 15.298  5.644   -5.222  1.00 10.79 ? 130 LEU B O   1 
ATOM   1231 C CB  . LEU B 1 68 ? 15.403  6.510   -1.965  1.00 8.66  ? 130 LEU B CB  1 
ATOM   1232 C CG  . LEU B 1 68 ? 16.470  5.411   -2.002  1.00 13.85 ? 130 LEU B CG  1 
ATOM   1233 C CD1 . LEU B 1 68 ? 17.698  5.855   -2.791  1.00 18.17 ? 130 LEU B CD1 1 
ATOM   1234 C CD2 . LEU B 1 68 ? 16.864  4.981   -0.594  1.00 12.93 ? 130 LEU B CD2 1 
ATOM   1235 N N   . VAL B 1 69 ? 13.486  5.187   -3.960  1.00 10.52 ? 131 VAL B N   1 
ATOM   1236 C CA  . VAL B 1 69 ? 13.049  4.085   -4.815  1.00 11.15 ? 131 VAL B CA  1 
ATOM   1237 C C   . VAL B 1 69 ? 12.814  4.561   -6.250  1.00 12.87 ? 131 VAL B C   1 
ATOM   1238 O O   . VAL B 1 69 ? 13.262  3.924   -7.207  1.00 15.05 ? 131 VAL B O   1 
ATOM   1239 C CB  . VAL B 1 69 ? 11.777  3.396   -4.271  1.00 8.80  ? 131 VAL B CB  1 
ATOM   1240 C CG1 . VAL B 1 69 ? 11.268  2.359   -5.260  1.00 12.80 ? 131 VAL B CG1 1 
ATOM   1241 C CG2 . VAL B 1 69 ? 12.057  2.743   -2.923  1.00 9.65  ? 131 VAL B CG2 1 
ATOM   1242 N N   . TYR B 1 70 ? 12.128  5.693   -6.381  1.00 13.27 ? 132 TYR B N   1 
ATOM   1243 C CA  . TYR B 1 70 ? 11.816  6.291   -7.678  1.00 16.56 ? 132 TYR B CA  1 
ATOM   1244 C C   . TYR B 1 70 ? 13.087  6.609   -8.453  1.00 15.40 ? 132 TYR B C   1 
ATOM   1245 O O   . TYR B 1 70 ? 13.158  6.405   -9.664  1.00 16.51 ? 132 TYR B O   1 
ATOM   1246 C CB  . TYR B 1 70 ? 11.019  7.576   -7.459  1.00 20.29 ? 132 TYR B CB  1 
ATOM   1247 C CG  . TYR B 1 70 ? 10.276  8.111   -8.666  1.00 18.54 ? 132 TYR B CG  1 
ATOM   1248 C CD1 . TYR B 1 70 ? 10.811  9.133   -9.441  1.00 21.38 ? 132 TYR B CD1 1 
ATOM   1249 C CD2 . TYR B 1 70 ? 9.022   7.621   -9.005  1.00 21.51 ? 132 TYR B CD2 1 
ATOM   1250 C CE1 . TYR B 1 70 ? 10.124  9.639   -10.533 1.00 25.24 ? 132 TYR B CE1 1 
ATOM   1251 C CE2 . TYR B 1 70 ? 8.328   8.120   -10.094 1.00 24.37 ? 132 TYR B CE2 1 
ATOM   1252 C CZ  . TYR B 1 70 ? 8.883   9.128   -10.854 1.00 20.59 ? 132 TYR B CZ  1 
ATOM   1253 O OH  . TYR B 1 70 ? 8.193   9.625   -11.938 1.00 21.78 ? 132 TYR B OH  1 
ATOM   1254 N N   . HIS B 1 71 ? 14.088  7.116   -7.740  1.00 14.82 ? 133 HIS B N   1 
ATOM   1255 C CA  . HIS B 1 71 ? 15.389  7.401   -8.329  1.00 13.68 ? 133 HIS B CA  1 
ATOM   1256 C C   . HIS B 1 71 ? 16.100  6.136   -8.795  1.00 18.17 ? 133 HIS B C   1 
ATOM   1257 O O   . HIS B 1 71 ? 16.692  6.111   -9.871  1.00 16.38 ? 133 HIS B O   1 
ATOM   1258 C CB  . HIS B 1 71 ? 16.269  8.136   -7.323  1.00 16.92 ? 133 HIS B CB  1 
ATOM   1259 C CG  . HIS B 1 71 ? 17.701  8.245   -7.745  1.00 23.27 ? 133 HIS B CG  1 
ATOM   1260 N ND1 . HIS B 1 71 ? 18.116  9.074   -8.765  1.00 20.19 ? 133 HIS B ND1 1 
ATOM   1261 C CD2 . HIS B 1 71 ? 18.813  7.624   -7.289  1.00 26.50 ? 133 HIS B CD2 1 
ATOM   1262 C CE1 . HIS B 1 71 ? 19.423  8.962   -8.917  1.00 23.31 ? 133 HIS B CE1 1 
ATOM   1263 N NE2 . HIS B 1 71 ? 19.871  8.086   -8.032  1.00 20.02 ? 133 HIS B NE2 1 
ATOM   1264 N N   . LEU B 1 72 ? 16.050  5.083   -7.983  1.00 15.03 ? 134 LEU B N   1 
ATOM   1265 C CA  . LEU B 1 72 ? 16.710  3.829   -8.343  1.00 17.94 ? 134 LEU B CA  1 
ATOM   1266 C C   . LEU B 1 72 ? 16.109  3.205   -9.600  1.00 16.75 ? 134 LEU B C   1 
ATOM   1267 O O   . LEU B 1 72 ? 16.766  2.427   -10.291 1.00 16.39 ? 134 LEU B O   1 
ATOM   1268 C CB  . LEU B 1 72 ? 16.650  2.828   -7.186  1.00 14.79 ? 134 LEU B CB  1 
ATOM   1269 C CG  . LEU B 1 72 ? 17.326  3.254   -5.885  1.00 14.37 ? 134 LEU B CG  1 
ATOM   1270 C CD1 . LEU B 1 72 ? 17.304  2.106   -4.893  1.00 26.00 ? 134 LEU B CD1 1 
ATOM   1271 C CD2 . LEU B 1 72 ? 18.747  3.729   -6.141  1.00 17.74 ? 134 LEU B CD2 1 
ATOM   1272 N N   . LEU B 1 73 ? 14.860  3.556   -9.892  1.00 18.89 ? 135 LEU B N   1 
ATOM   1273 C CA  . LEU B 1 73 ? 14.145  2.984   -11.028 1.00 21.45 ? 135 LEU B CA  1 
ATOM   1274 C C   . LEU B 1 73 ? 13.972  3.979   -12.175 1.00 15.01 ? 135 LEU B C   1 
ATOM   1275 O O   . LEU B 1 73 ? 13.140  3.775   -13.056 1.00 14.71 ? 135 LEU B O   1 
ATOM   1276 C CB  . LEU B 1 73 ? 12.776  2.472   -10.578 1.00 20.02 ? 135 LEU B CB  1 
ATOM   1277 C CG  . LEU B 1 73 ? 12.794  1.404   -9.485  1.00 15.15 ? 135 LEU B CG  1 
ATOM   1278 C CD1 . LEU B 1 73 ? 11.384  1.047   -9.045  1.00 19.22 ? 135 LEU B CD1 1 
ATOM   1279 C CD2 . LEU B 1 73 ? 13.536  0.170   -9.969  1.00 10.70 ? 135 LEU B CD2 1 
ATOM   1280 N N   . ARG B 1 74 ? 14.764  5.047   -12.162 1.00 15.52 ? 136 ARG B N   1 
ATOM   1281 C CA  . ARG B 1 74 ? 14.606  6.136   -13.123 1.00 16.03 ? 136 ARG B CA  1 
ATOM   1282 C C   . ARG B 1 74 ? 14.805  5.719   -14.583 1.00 14.82 ? 136 ARG B C   1 
ATOM   1283 O O   . ARG B 1 74 ? 14.109  6.221   -15.471 1.00 12.75 ? 136 ARG B O   1 
ATOM   1284 C CB  . ARG B 1 74 ? 15.533  7.305   -12.773 1.00 22.74 ? 136 ARG B CB  1 
ATOM   1285 C CG  . ARG B 1 74 ? 17.023  6.983   -12.870 1.00 36.05 ? 136 ARG B CG  1 
ATOM   1286 C CD  . ARG B 1 74 ? 17.870  8.143   -12.385 1.00 43.36 ? 136 ARG B CD  1 
ATOM   1287 N NE  . ARG B 1 74 ? 19.276  7.982   -12.745 1.00 46.65 ? 136 ARG B NE  1 
ATOM   1288 C CZ  . ARG B 1 74 ? 20.182  8.951   -12.664 1.00 62.13 ? 136 ARG B CZ  1 
ATOM   1289 N NH1 . ARG B 1 74 ? 21.441  8.720   -13.015 1.00 67.25 ? 136 ARG B NH1 1 
ATOM   1290 N NH2 . ARG B 1 74 ? 19.829  10.154  -12.235 1.00 56.16 ? 136 ARG B NH2 1 
ATOM   1291 N N   A GLU B 1 75 ? 15.737  4.801   -14.821 0.60 12.35 ? 137 GLU B N   1 
ATOM   1292 N N   B GLU B 1 75 ? 15.751  4.814   -14.819 0.40 12.44 ? 137 GLU B N   1 
ATOM   1293 C CA  A GLU B 1 75 ? 16.023  4.339   -16.176 0.60 15.79 ? 137 GLU B CA  1 
ATOM   1294 C CA  B GLU B 1 75 ? 16.018  4.320   -16.165 0.40 15.82 ? 137 GLU B CA  1 
ATOM   1295 C C   A GLU B 1 75 ? 14.871  3.514   -16.746 0.60 15.99 ? 137 GLU B C   1 
ATOM   1296 C C   B GLU B 1 75 ? 14.808  3.591   -16.724 0.40 16.05 ? 137 GLU B C   1 
ATOM   1297 O O   A GLU B 1 75 ? 14.630  3.524   -17.951 0.60 13.43 ? 137 GLU B O   1 
ATOM   1298 O O   B GLU B 1 75 ? 14.465  3.742   -17.894 0.40 13.61 ? 137 GLU B O   1 
ATOM   1299 C CB  A GLU B 1 75 ? 17.336  3.550   -16.223 0.60 20.49 ? 137 GLU B CB  1 
ATOM   1300 C CB  B GLU B 1 75 ? 17.224  3.382   -16.169 0.40 20.69 ? 137 GLU B CB  1 
ATOM   1301 C CG  A GLU B 1 75 ? 17.353  2.291   -15.363 0.60 25.03 ? 137 GLU B CG  1 
ATOM   1302 C CG  B GLU B 1 75 ? 18.520  4.005   -16.658 0.40 21.23 ? 137 GLU B CG  1 
ATOM   1303 C CD  A GLU B 1 75 ? 17.529  2.585   -13.884 0.60 26.47 ? 137 GLU B CD  1 
ATOM   1304 C CD  B GLU B 1 75 ? 19.541  2.964   -17.068 0.40 25.81 ? 137 GLU B CD  1 
ATOM   1305 O OE1 A GLU B 1 75 ? 18.199  3.583   -13.546 0.60 21.69 ? 137 GLU B OE1 1 
ATOM   1306 O OE1 B GLU B 1 75 ? 20.621  3.353   -17.555 0.40 28.68 ? 137 GLU B OE1 1 
ATOM   1307 O OE2 A GLU B 1 75 ? 16.991  1.820   -13.059 0.60 22.48 ? 137 GLU B OE2 1 
ATOM   1308 O OE2 B GLU B 1 75 ? 19.261  1.758   -16.913 0.40 26.87 ? 137 GLU B OE2 1 
ATOM   1309 N N   . GLU B 1 76 ? 14.164  2.803   -15.875 1.00 14.85 ? 138 GLU B N   1 
ATOM   1310 C CA  . GLU B 1 76 ? 12.994  2.029   -16.281 1.00 16.04 ? 138 GLU B CA  1 
ATOM   1311 C C   . GLU B 1 76 ? 11.812  2.961   -16.523 1.00 17.17 ? 138 GLU B C   1 
ATOM   1312 O O   . GLU B 1 76 ? 11.069  2.802   -17.490 1.00 13.03 ? 138 GLU B O   1 
ATOM   1313 C CB  . GLU B 1 76 ? 12.634  0.983   -15.218 1.00 17.96 ? 138 GLU B CB  1 
ATOM   1314 C CG  . GLU B 1 76 ? 13.778  0.035   -14.863 1.00 18.45 ? 138 GLU B CG  1 
ATOM   1315 C CD  . GLU B 1 76 ? 14.205  -0.859  -16.018 1.00 17.16 ? 138 GLU B CD  1 
ATOM   1316 O OE1 . GLU B 1 76 ? 13.397  -1.090  -16.940 1.00 16.06 ? 138 GLU B OE1 1 
ATOM   1317 O OE2 . GLU B 1 76 ? 15.359  -1.335  -15.999 1.00 13.87 ? 138 GLU B OE2 1 
ATOM   1318 N N   . LEU B 1 77 ? 11.663  3.950   -15.645 1.00 14.10 ? 139 LEU B N   1 
ATOM   1319 C CA  . LEU B 1 77 ? 10.614  4.959   -15.770 1.00 20.00 ? 139 LEU B CA  1 
ATOM   1320 C C   . LEU B 1 77 ? 10.789  5.791   -17.034 1.00 15.98 ? 139 LEU B C   1 
ATOM   1321 O O   . LEU B 1 77 ? 9.824   6.349   -17.556 1.00 18.44 ? 139 LEU B O   1 
ATOM   1322 C CB  . LEU B 1 77 ? 10.612  5.878   -14.548 1.00 12.44 ? 139 LEU B CB  1 
ATOM   1323 C CG  . LEU B 1 77 ? 10.107  5.272   -13.237 1.00 15.37 ? 139 LEU B CG  1 
ATOM   1324 C CD1 . LEU B 1 77 ? 10.498  6.154   -12.066 1.00 15.95 ? 139 LEU B CD1 1 
ATOM   1325 C CD2 . LEU B 1 77 ? 8.600   5.085   -13.287 1.00 11.99 ? 139 LEU B CD2 1 
ATOM   1326 N N   . ASP B 1 78 ? 12.022  5.874   -17.521 1.00 18.31 ? 140 ASP B N   1 
ATOM   1327 C CA  . ASP B 1 78 ? 12.304  6.605   -18.749 1.00 18.22 ? 140 ASP B CA  1 
ATOM   1328 C C   . ASP B 1 78 ? 12.257  5.703   -19.979 1.00 23.69 ? 140 ASP B C   1 
ATOM   1329 O O   . ASP B 1 78 ? 12.445  6.177   -21.100 1.00 20.38 ? 140 ASP B O   1 
ATOM   1330 C CB  . ASP B 1 78 ? 13.666  7.298   -18.672 1.00 21.97 ? 140 ASP B CB  1 
ATOM   1331 C CG  . ASP B 1 78 ? 13.669  8.470   -17.714 1.00 32.07 ? 140 ASP B CG  1 
ATOM   1332 O OD1 . ASP B 1 78 ? 12.586  9.037   -17.458 1.00 30.89 ? 140 ASP B OD1 1 
ATOM   1333 O OD2 . ASP B 1 78 ? 14.758  8.828   -17.221 1.00 28.19 ? 140 ASP B OD2 1 
ATOM   1334 N N   . THR B 1 79 ? 12.014  4.410   -19.779 1.00 17.52 ? 141 THR B N   1 
ATOM   1335 C CA  . THR B 1 79 ? 11.988  3.475   -20.905 1.00 16.48 ? 141 THR B CA  1 
ATOM   1336 C C   . THR B 1 79 ? 10.759  2.561   -20.965 1.00 17.95 ? 141 THR B C   1 
ATOM   1337 O O   . THR B 1 79 ? 10.869  1.412   -21.394 1.00 24.18 ? 141 THR B O   1 
ATOM   1338 C CB  . THR B 1 79 ? 13.253  2.582   -20.951 1.00 16.67 ? 141 THR B CB  1 
ATOM   1339 O OG1 . THR B 1 79 ? 13.395  1.880   -19.709 1.00 13.64 ? 141 THR B OG1 1 
ATOM   1340 C CG2 . THR B 1 79 ? 14.502  3.413   -21.216 1.00 14.46 ? 141 THR B CG2 1 
ATOM   1341 N N   . GLY B 1 80 ? 9.596   3.055   -20.546 1.00 18.19 ? 142 GLY B N   1 
ATOM   1342 C CA  . GLY B 1 80 ? 8.376   2.269   -20.655 1.00 19.37 ? 142 GLY B CA  1 
ATOM   1343 C C   . GLY B 1 80 ? 7.677   1.887   -19.360 1.00 21.24 ? 142 GLY B C   1 
ATOM   1344 O O   . GLY B 1 80 ? 6.588   1.309   -19.389 1.00 16.39 ? 142 GLY B O   1 
ATOM   1345 N N   . LEU B 1 81 ? 8.285   2.190   -18.219 1.00 14.50 ? 143 LEU B N   1 
ATOM   1346 C CA  . LEU B 1 81 ? 7.591   1.972   -16.956 1.00 17.27 ? 143 LEU B CA  1 
ATOM   1347 C C   . LEU B 1 81 ? 6.682   3.164   -16.679 1.00 16.97 ? 143 LEU B C   1 
ATOM   1348 O O   . LEU B 1 81 ? 7.147   4.251   -16.327 1.00 17.85 ? 143 LEU B O   1 
ATOM   1349 C CB  . LEU B 1 81 ? 8.567   1.731   -15.802 1.00 16.09 ? 143 LEU B CB  1 
ATOM   1350 C CG  . LEU B 1 81 ? 7.955   1.432   -14.429 1.00 14.53 ? 143 LEU B CG  1 
ATOM   1351 C CD1 . LEU B 1 81 ? 6.903   0.335   -14.517 1.00 15.39 ? 143 LEU B CD1 1 
ATOM   1352 C CD2 . LEU B 1 81 ? 9.041   1.051   -13.431 1.00 20.03 ? 143 LEU B CD2 1 
ATOM   1353 N N   . HIS B 1 82 ? 5.382   2.956   -16.869 1.00 12.90 ? 144 HIS B N   1 
ATOM   1354 C CA  . HIS B 1 82 ? 4.406   4.027   -16.710 1.00 15.83 ? 144 HIS B CA  1 
ATOM   1355 C C   . HIS B 1 82 ? 4.198   4.346   -15.242 1.00 16.68 ? 144 HIS B C   1 
ATOM   1356 O O   . HIS B 1 82 ? 4.343   5.496   -14.819 1.00 18.11 ? 144 HIS B O   1 
ATOM   1357 C CB  . HIS B 1 82 ? 3.054   3.647   -17.316 1.00 19.16 ? 144 HIS B CB  1 
ATOM   1358 C CG  . HIS B 1 82 ? 3.078   3.418   -18.794 1.00 22.95 ? 144 HIS B CG  1 
ATOM   1359 N ND1 . HIS B 1 82 ? 1.931   3.372   -19.553 1.00 29.03 ? 144 HIS B ND1 1 
ATOM   1360 C CD2 . HIS B 1 82 ? 4.103   3.202   -19.658 1.00 27.01 ? 144 HIS B CD2 1 
ATOM   1361 C CE1 . HIS B 1 82 ? 2.239   3.146   -20.817 1.00 25.04 ? 144 HIS B CE1 1 
ATOM   1362 N NE2 . HIS B 1 82 ? 3.557   3.038   -20.903 1.00 24.07 ? 144 HIS B NE2 1 
ATOM   1363 N N   . ALA B 1 83 ? 3.842   3.328   -14.465 1.00 17.40 ? 145 ALA B N   1 
ATOM   1364 C CA  . ALA B 1 83 ? 3.500   3.567   -13.071 1.00 13.32 ? 145 ALA B CA  1 
ATOM   1365 C C   . ALA B 1 83 ? 3.745   2.383   -12.146 1.00 20.78 ? 145 ALA B C   1 
ATOM   1366 O O   . ALA B 1 83 ? 3.892   1.232   -12.578 1.00 16.79 ? 145 ALA B O   1 
ATOM   1367 C CB  . ALA B 1 83 ? 2.066   4.054   -12.952 1.00 13.56 ? 145 ALA B CB  1 
ATOM   1368 N N   . LEU B 1 84 ? 3.780   2.695   -10.856 1.00 23.77 ? 146 LEU B N   1 
ATOM   1369 C CA  . LEU B 1 84 ? 4.128   1.721   -9.844  1.00 20.40 ? 146 LEU B CA  1 
ATOM   1370 C C   . LEU B 1 84 ? 3.598   2.101   -8.464  1.00 17.47 ? 146 LEU B C   1 
ATOM   1371 O O   . LEU B 1 84 ? 3.481   3.283   -8.132  1.00 17.35 ? 146 LEU B O   1 
ATOM   1372 C CB  . LEU B 1 84 ? 5.646   1.522   -9.798  1.00 21.87 ? 146 LEU B CB  1 
ATOM   1373 C CG  . LEU B 1 84 ? 6.531   2.535   -9.064  1.00 22.62 ? 146 LEU B CG  1 
ATOM   1374 C CD1 . LEU B 1 84 ? 7.917   1.942   -8.908  1.00 26.35 ? 146 LEU B CD1 1 
ATOM   1375 C CD2 . LEU B 1 84 ? 6.604   3.875   -9.785  1.00 27.16 ? 146 LEU B CD2 1 
ATOM   1376 N N   . SER B 1 85 ? 3.260   1.084   -7.677  1.00 21.06 ? 147 SER B N   1 
ATOM   1377 C CA  . SER B 1 85 ? 2.912   1.264   -6.278  1.00 14.29 ? 147 SER B CA  1 
ATOM   1378 C C   . SER B 1 85 ? 4.152   0.909   -5.478  1.00 21.24 ? 147 SER B C   1 
ATOM   1379 O O   . SER B 1 85 ? 4.779   -0.116  -5.729  1.00 22.88 ? 147 SER B O   1 
ATOM   1380 C CB  . SER B 1 85 ? 1.751   0.348   -5.889  1.00 12.78 ? 147 SER B CB  1 
ATOM   1381 O OG  . SER B 1 85 ? 0.559   0.721   -6.557  1.00 28.11 ? 147 SER B OG  1 
ATOM   1382 N N   . ILE B 1 86 ? 4.527   1.765   -4.537  1.00 13.48 ? 148 ILE B N   1 
ATOM   1383 C CA  . ILE B 1 86 ? 5.711   1.507   -3.731  1.00 9.29  ? 148 ILE B CA  1 
ATOM   1384 C C   . ILE B 1 86 ? 5.336   1.274   -2.281  1.00 14.77 ? 148 ILE B C   1 
ATOM   1385 O O   . ILE B 1 86 ? 4.686   2.110   -1.653  1.00 12.20 ? 148 ILE B O   1 
ATOM   1386 C CB  . ILE B 1 86 ? 6.728   2.663   -3.799  1.00 14.31 ? 148 ILE B CB  1 
ATOM   1387 C CG1 . ILE B 1 86 ? 7.138   2.942   -5.246  1.00 16.95 ? 148 ILE B CG1 1 
ATOM   1388 C CG2 . ILE B 1 86 ? 7.959   2.339   -2.956  1.00 10.63 ? 148 ILE B CG2 1 
ATOM   1389 C CD1 . ILE B 1 86 ? 8.023   4.166   -5.398  1.00 19.94 ? 148 ILE B CD1 1 
ATOM   1390 N N   . VAL B 1 87 ? 5.734   0.118   -1.764  1.00 10.76 ? 149 VAL B N   1 
ATOM   1391 C CA  . VAL B 1 87 ? 5.657   -0.153  -0.341  1.00 18.47 ? 149 VAL B CA  1 
ATOM   1392 C C   . VAL B 1 87 ? 7.085   -0.174  0.172   1.00 15.00 ? 149 VAL B C   1 
ATOM   1393 O O   . VAL B 1 87 ? 7.875   -1.016  -0.233  1.00 15.16 ? 149 VAL B O   1 
ATOM   1394 C CB  . VAL B 1 87 ? 5.007   -1.515  -0.058  1.00 20.77 ? 149 VAL B CB  1 
ATOM   1395 C CG1 . VAL B 1 87 ? 5.205   -1.908  1.402   1.00 19.47 ? 149 VAL B CG1 1 
ATOM   1396 C CG2 . VAL B 1 87 ? 3.532   -1.486  -0.425  1.00 16.15 ? 149 VAL B CG2 1 
ATOM   1397 N N   . SER B 1 88 ? 7.428   0.767   1.041   1.00 13.80 ? 150 SER B N   1 
ATOM   1398 C CA  . SER B 1 88 ? 8.789   0.838   1.561   1.00 16.34 ? 150 SER B CA  1 
ATOM   1399 C C   . SER B 1 88 ? 8.773   0.748   3.079   1.00 17.04 ? 150 SER B C   1 
ATOM   1400 O O   . SER B 1 88 ? 8.411   1.706   3.759   1.00 15.60 ? 150 SER B O   1 
ATOM   1401 C CB  . SER B 1 88 ? 9.475   2.129   1.108   1.00 14.89 ? 150 SER B CB  1 
ATOM   1402 O OG  . SER B 1 88 ? 8.714   3.264   1.473   1.00 11.28 ? 150 SER B OG  1 
ATOM   1403 N N   . LYS B 1 89 ? 9.151   -0.409  3.611   1.00 10.59 ? 151 LYS B N   1 
ATOM   1404 C CA  . LYS B 1 89 ? 9.056   -0.622  5.052   1.00 13.11 ? 151 LYS B CA  1 
ATOM   1405 C C   . LYS B 1 89 ? 10.296  -1.254  5.669   1.00 15.85 ? 151 LYS B C   1 
ATOM   1406 O O   . LYS B 1 89 ? 11.070  -1.926  4.992   1.00 17.15 ? 151 LYS B O   1 
ATOM   1407 C CB  . LYS B 1 89 ? 7.814   -1.451  5.393   1.00 20.28 ? 151 LYS B CB  1 
ATOM   1408 C CG  . LYS B 1 89 ? 6.515   -0.710  5.154   1.00 26.83 ? 151 LYS B CG  1 
ATOM   1409 C CD  . LYS B 1 89 ? 5.312   -1.488  5.640   1.00 30.39 ? 151 LYS B CD  1 
ATOM   1410 C CE  . LYS B 1 89 ? 4.089   -0.593  5.669   1.00 35.59 ? 151 LYS B CE  1 
ATOM   1411 N NZ  . LYS B 1 89 ? 2.836   -1.346  5.402   1.00 38.66 ? 151 LYS B NZ  1 
ATOM   1412 N N   . THR B 1 90 ? 10.480  -1.018  6.964   1.00 16.48 ? 152 THR B N   1 
ATOM   1413 C CA  . THR B 1 90 ? 11.522  -1.686  7.730   1.00 19.15 ? 152 THR B CA  1 
ATOM   1414 C C   . THR B 1 90 ? 10.974  -3.015  8.241   1.00 16.56 ? 152 THR B C   1 
ATOM   1415 O O   . THR B 1 90 ? 9.759   -3.214  8.268   1.00 16.45 ? 152 THR B O   1 
ATOM   1416 C CB  . THR B 1 90 ? 11.978  -0.825  8.928   1.00 24.70 ? 152 THR B CB  1 
ATOM   1417 O OG1 . THR B 1 90 ? 10.870  -0.587  9.803   1.00 21.05 ? 152 THR B OG1 1 
ATOM   1418 C CG2 . THR B 1 90 ? 12.541  0.506   8.450   1.00 20.18 ? 152 THR B CG2 1 
ATOM   1419 N N   . PRO B 1 91 ? 11.867  -3.941  8.627   1.00 16.67 ? 153 PRO B N   1 
ATOM   1420 C CA  . PRO B 1 91 ? 11.424  -5.180  9.277   1.00 25.13 ? 153 PRO B CA  1 
ATOM   1421 C C   . PRO B 1 91 ? 10.518  -4.920  10.484  1.00 22.95 ? 153 PRO B C   1 
ATOM   1422 O O   . PRO B 1 91 ? 9.551   -5.655  10.695  1.00 25.06 ? 153 PRO B O   1 
ATOM   1423 C CB  . PRO B 1 91 ? 12.738  -5.809  9.735   1.00 32.18 ? 153 PRO B CB  1 
ATOM   1424 C CG  . PRO B 1 91 ? 13.723  -5.367  8.712   1.00 30.15 ? 153 PRO B CG  1 
ATOM   1425 C CD  . PRO B 1 91 ? 13.306  -3.972  8.309   1.00 24.59 ? 153 PRO B CD  1 
ATOM   1426 N N   . SER B 1 92 ? 10.832  -3.883  11.258  1.00 26.25 ? 154 SER B N   1 
ATOM   1427 C CA  . SER B 1 92 ? 10.027  -3.503  12.416  1.00 22.46 ? 154 SER B CA  1 
ATOM   1428 C C   . SER B 1 92 ? 8.621   -3.066  12.013  1.00 21.85 ? 154 SER B C   1 
ATOM   1429 O O   . SER B 1 92 ? 7.647   -3.354  12.710  1.00 28.43 ? 154 SER B O   1 
ATOM   1430 C CB  . SER B 1 92 ? 10.713  -2.380  13.198  1.00 26.13 ? 154 SER B CB  1 
ATOM   1431 O OG  . SER B 1 92 ? 11.894  -2.842  13.829  1.00 34.29 ? 154 SER B OG  1 
ATOM   1432 N N   . GLU B 1 93 ? 8.526   -2.368  10.887  1.00 17.95 ? 155 GLU B N   1 
ATOM   1433 C CA  . GLU B 1 93 ? 7.246   -1.881  10.384  1.00 21.46 ? 155 GLU B CA  1 
ATOM   1434 C C   . GLU B 1 93 ? 6.421   -2.973  9.704   1.00 18.65 ? 155 GLU B C   1 
ATOM   1435 O O   . GLU B 1 93 ? 5.265   -2.745  9.348   1.00 25.50 ? 155 GLU B O   1 
ATOM   1436 C CB  . GLU B 1 93 ? 7.461   -0.734  9.394   1.00 19.87 ? 155 GLU B CB  1 
ATOM   1437 C CG  . GLU B 1 93 ? 7.934   0.573   10.009  1.00 19.42 ? 155 GLU B CG  1 
ATOM   1438 C CD  . GLU B 1 93 ? 8.492   1.522   8.965   1.00 19.62 ? 155 GLU B CD  1 
ATOM   1439 O OE1 . GLU B 1 93 ? 8.708   1.076   7.819   1.00 14.99 ? 155 GLU B OE1 1 
ATOM   1440 O OE2 . GLU B 1 93 ? 8.715   2.708   9.286   1.00 20.50 ? 155 GLU B OE2 1 
ATOM   1441 N N   . SER B 1 94 ? 7.007   -4.151  9.512   1.00 22.90 ? 156 SER B N   1 
ATOM   1442 C CA  . SER B 1 94 ? 6.328   -5.217  8.773   1.00 29.80 ? 156 SER B CA  1 
ATOM   1443 C C   . SER B 1 94 ? 5.776   -6.338  9.651   1.00 39.91 ? 156 SER B C   1 
ATOM   1444 O O   . SER B 1 94 ? 6.531   -7.050  10.314  1.00 42.43 ? 156 SER B O   1 
ATOM   1445 C CB  . SER B 1 94 ? 7.245   -5.803  7.696   1.00 47.38 ? 156 SER B CB  1 
ATOM   1446 O OG  . SER B 1 94 ? 7.473   -4.871  6.653   1.00 51.68 ? 156 SER B OG  1 
ATOM   1447 N N   . PRO B 1 95 ? 4.444   -6.501  9.644   1.00 42.24 ? 157 PRO B N   1 
ATOM   1448 C CA  . PRO B 1 95 ? 3.763   -7.596  10.339  1.00 57.89 ? 157 PRO B CA  1 
ATOM   1449 C C   . PRO B 1 95 ? 4.110   -8.945  9.715   1.00 59.35 ? 157 PRO B C   1 
ATOM   1450 O O   . PRO B 1 95 ? 5.104   -9.552  10.116  1.00 57.51 ? 157 PRO B O   1 
ATOM   1451 C CB  . PRO B 1 95 ? 2.279   -7.283  10.116  1.00 45.18 ? 157 PRO B CB  1 
ATOM   1452 C CG  . PRO B 1 95 ? 2.249   -6.439  8.885   1.00 53.03 ? 157 PRO B CG  1 
ATOM   1453 C CD  . PRO B 1 95 ? 3.496   -5.613  8.949   1.00 39.21 ? 157 PRO B CD  1 
HETATM 1454 O O   . HOH C 2 .  ? -19.501 -4.291  -0.560  1.00 21.62 ? 201 HOH A O   1 
HETATM 1455 O O   . HOH C 2 .  ? 2.811   8.352   -3.879  1.00 24.27 ? 202 HOH A O   1 
HETATM 1456 O O   . HOH C 2 .  ? -4.360  9.834   -1.903  1.00 15.63 ? 203 HOH A O   1 
HETATM 1457 O O   . HOH C 2 .  ? -4.899  2.133   14.864  1.00 22.60 ? 204 HOH A O   1 
HETATM 1458 O O   . HOH C 2 .  ? -15.625 1.225   -9.110  1.00 31.10 ? 205 HOH A O   1 
HETATM 1459 O O   . HOH C 2 .  ? -11.042 9.230   10.699  1.00 27.67 ? 206 HOH A O   1 
HETATM 1460 O O   . HOH C 2 .  ? -9.086  12.759  10.907  1.00 20.15 ? 207 HOH A O   1 
HETATM 1461 O O   . HOH C 2 .  ? -0.140  -0.325  9.382   1.00 34.73 ? 208 HOH A O   1 
HETATM 1462 O O   . HOH C 2 .  ? -11.488 -2.374  19.123  1.00 21.17 ? 209 HOH A O   1 
HETATM 1463 O O   . HOH C 2 .  ? -10.981 8.339   0.334   1.00 20.45 ? 210 HOH A O   1 
HETATM 1464 O O   . HOH C 2 .  ? -8.425  -3.115  -13.412 1.00 30.63 ? 211 HOH A O   1 
HETATM 1465 O O   . HOH C 2 .  ? -18.262 -3.858  24.724  1.00 23.55 ? 212 HOH A O   1 
HETATM 1466 O O   . HOH C 2 .  ? -21.168 4.420   6.751   1.00 28.68 ? 213 HOH A O   1 
HETATM 1467 O O   . HOH C 2 .  ? -15.367 1.272   -11.792 1.00 25.76 ? 214 HOH A O   1 
HETATM 1468 O O   . HOH C 2 .  ? -10.833 10.378  2.098   0.50 17.50 ? 215 HOH A O   1 
HETATM 1469 O O   . HOH C 2 .  ? -19.981 1.693   3.048   1.00 22.99 ? 216 HOH A O   1 
HETATM 1470 O O   . HOH C 2 .  ? 0.012   10.112  -8.174  1.00 20.83 ? 217 HOH A O   1 
HETATM 1471 O O   . HOH C 2 .  ? -8.594  13.431  4.911   1.00 21.66 ? 218 HOH A O   1 
HETATM 1472 O O   . HOH C 2 .  ? -6.652  -11.580 2.701   1.00 31.74 ? 219 HOH A O   1 
HETATM 1473 O O   . HOH C 2 .  ? -3.902  -5.669  14.012  1.00 29.01 ? 220 HOH A O   1 
HETATM 1474 O O   . HOH C 2 .  ? -23.847 -4.130  19.358  1.00 27.56 ? 221 HOH A O   1 
HETATM 1475 O O   . HOH C 2 .  ? -13.202 6.868   -12.761 1.00 28.62 ? 222 HOH A O   1 
HETATM 1476 O O   . HOH C 2 .  ? -3.150  6.234   9.138   1.00 29.12 ? 223 HOH A O   1 
HETATM 1477 O O   . HOH C 2 .  ? -20.614 -4.845  22.419  1.00 24.07 ? 224 HOH A O   1 
HETATM 1478 O O   . HOH C 2 .  ? -8.618  -12.601 11.392  1.00 32.16 ? 225 HOH A O   1 
HETATM 1479 O O   . HOH C 2 .  ? -12.165 8.868   -4.675  1.00 24.03 ? 226 HOH A O   1 
HETATM 1480 O O   . HOH C 2 .  ? -10.622 -0.165  17.763  1.00 24.75 ? 227 HOH A O   1 
HETATM 1481 O O   . HOH C 2 .  ? -4.277  -2.884  14.633  1.00 37.46 ? 228 HOH A O   1 
HETATM 1482 O O   . HOH C 2 .  ? -1.022  18.501  1.981   1.00 35.03 ? 229 HOH A O   1 
HETATM 1483 O O   . HOH C 2 .  ? -5.100  10.351  -4.319  1.00 30.63 ? 230 HOH A O   1 
HETATM 1484 O O   . HOH C 2 .  ? -4.232  -9.945  10.194  1.00 33.22 ? 231 HOH A O   1 
HETATM 1485 O O   . HOH C 2 .  ? 3.145   -3.745  3.779   1.00 31.88 ? 232 HOH A O   1 
HETATM 1486 O O   . HOH C 2 .  ? -6.002  1.308   -8.442  1.00 26.83 ? 233 HOH A O   1 
HETATM 1487 O O   . HOH C 2 .  ? 9.822   9.156   -17.408 1.00 30.61 ? 234 HOH A O   1 
HETATM 1488 O O   . HOH C 2 .  ? -12.093 -12.272 21.818  1.00 29.04 ? 235 HOH A O   1 
HETATM 1489 O O   . HOH C 2 .  ? -4.236  1.135   -6.131  1.00 26.02 ? 236 HOH A O   1 
HETATM 1490 O O   . HOH C 2 .  ? 4.321   8.026   7.131   1.00 21.87 ? 237 HOH A O   1 
HETATM 1491 O O   . HOH C 2 .  ? 5.477   18.034  -3.830  1.00 24.97 ? 238 HOH A O   1 
HETATM 1492 O O   . HOH C 2 .  ? -15.966 9.661   12.384  0.50 45.03 ? 239 HOH A O   1 
HETATM 1493 O O   . HOH C 2 .  ? -2.117  -0.787  -6.330  1.00 28.01 ? 240 HOH A O   1 
HETATM 1494 O O   . HOH C 2 .  ? -11.755 6.885   10.162  1.00 26.45 ? 241 HOH A O   1 
HETATM 1495 O O   . HOH C 2 .  ? -3.254  -9.097  -5.314  1.00 21.29 ? 242 HOH A O   1 
HETATM 1496 O O   . HOH C 2 .  ? -13.319 8.390   12.305  1.00 33.33 ? 243 HOH A O   1 
HETATM 1497 O O   . HOH C 2 .  ? -23.091 -5.932  2.790   1.00 38.13 ? 244 HOH A O   1 
HETATM 1498 O O   . HOH C 2 .  ? -4.712  -3.799  -4.022  1.00 27.77 ? 245 HOH A O   1 
HETATM 1499 O O   . HOH C 2 .  ? -21.907 1.244   5.696   1.00 38.16 ? 246 HOH A O   1 
HETATM 1500 O O   . HOH C 2 .  ? 2.384   17.221  5.881   1.00 28.87 ? 247 HOH A O   1 
HETATM 1501 O O   . HOH C 2 .  ? -23.056 -4.852  11.537  1.00 27.35 ? 248 HOH A O   1 
HETATM 1502 O O   . HOH C 2 .  ? -15.216 -12.644 24.552  1.00 23.95 ? 249 HOH A O   1 
HETATM 1503 O O   . HOH C 2 .  ? -3.785  -3.049  -6.193  1.00 32.28 ? 250 HOH A O   1 
HETATM 1504 O O   . HOH C 2 .  ? -2.588  7.164   -6.838  1.00 21.08 ? 251 HOH A O   1 
HETATM 1505 O O   . HOH C 2 .  ? 6.834   20.245  -4.647  1.00 24.36 ? 252 HOH A O   1 
HETATM 1506 O O   . HOH C 2 .  ? -9.281  -11.813 2.568   1.00 32.64 ? 253 HOH A O   1 
HETATM 1507 O O   . HOH C 2 .  ? -12.236 7.273   14.254  1.00 31.88 ? 254 HOH A O   1 
HETATM 1508 O O   . HOH C 2 .  ? -20.142 5.971   16.083  1.00 36.02 ? 255 HOH A O   1 
HETATM 1509 O O   . HOH C 2 .  ? -23.972 -3.763  4.177   1.00 32.09 ? 256 HOH A O   1 
HETATM 1510 O O   . HOH C 2 .  ? -15.352 -8.378  -4.895  1.00 34.96 ? 257 HOH A O   1 
HETATM 1511 O O   . HOH C 2 .  ? -9.186  11.848  13.614  1.00 36.05 ? 258 HOH A O   1 
HETATM 1512 O O   . HOH C 2 .  ? -9.884  4.135   -14.662 1.00 35.59 ? 259 HOH A O   1 
HETATM 1513 O O   . HOH C 2 .  ? -16.104 10.696  14.903  1.00 33.10 ? 260 HOH A O   1 
HETATM 1514 O O   . HOH C 2 .  ? -14.111 -1.269  -12.759 1.00 40.04 ? 261 HOH A O   1 
HETATM 1515 O O   . HOH C 2 .  ? -5.040  -13.255 2.497   1.00 38.23 ? 262 HOH A O   1 
HETATM 1516 O O   . HOH C 2 .  ? 3.461   -7.111  -2.600  1.00 35.41 ? 263 HOH A O   1 
HETATM 1517 O O   . HOH C 2 .  ? -1.849  -11.209 -4.730  1.00 32.49 ? 264 HOH A O   1 
HETATM 1518 O O   . HOH C 2 .  ? -13.573 3.345   -13.091 1.00 33.13 ? 265 HOH A O   1 
HETATM 1519 O O   . HOH C 2 .  ? -10.415 5.522   12.506  1.00 26.14 ? 266 HOH A O   1 
HETATM 1520 O O   . HOH C 2 .  ? 6.966   12.052  4.679   1.00 34.72 ? 267 HOH A O   1 
HETATM 1521 O O   . HOH C 2 .  ? -1.431  -10.423 -0.772  1.00 41.64 ? 268 HOH A O   1 
HETATM 1522 O O   . HOH C 2 .  ? -0.355  4.939   -9.817  1.00 37.08 ? 269 HOH A O   1 
HETATM 1523 O O   . HOH C 2 .  ? -3.797  19.855  4.954   1.00 26.81 ? 270 HOH A O   1 
HETATM 1524 O O   . HOH C 2 .  ? -20.616 0.749   0.211   1.00 25.32 ? 271 HOH A O   1 
HETATM 1525 O O   . HOH C 2 .  ? 3.036   -9.537  -1.138  1.00 35.09 ? 272 HOH A O   1 
HETATM 1526 O O   . HOH C 2 .  ? -25.291 -10.313 17.091  1.00 36.42 ? 273 HOH A O   1 
HETATM 1527 O O   . HOH C 2 .  ? -2.554  4.024   -10.640 1.00 44.48 ? 274 HOH A O   1 
HETATM 1528 O O   . HOH C 2 .  ? -13.398 5.968   19.020  1.00 41.69 ? 275 HOH A O   1 
HETATM 1529 O O   . HOH C 2 .  ? -22.527 -8.444  2.787   1.00 37.33 ? 276 HOH A O   1 
HETATM 1530 O O   . HOH C 2 .  ? -25.216 0.956   24.133  1.00 33.98 ? 277 HOH A O   1 
HETATM 1531 O O   . HOH C 2 .  ? -13.839 7.380   16.564  1.00 40.10 ? 278 HOH A O   1 
HETATM 1532 O O   . HOH C 2 .  ? -17.481 0.431   -7.980  1.00 46.49 ? 279 HOH A O   1 
HETATM 1533 O O   . HOH C 2 .  ? 4.940   13.998  4.274   1.00 33.90 ? 280 HOH A O   1 
HETATM 1534 O O   . HOH C 2 .  ? -10.843 -16.394 18.880  1.00 34.70 ? 281 HOH A O   1 
HETATM 1535 O O   . HOH C 2 .  ? -4.647  8.733   -6.388  1.00 36.83 ? 282 HOH A O   1 
HETATM 1536 O O   . HOH C 2 .  ? 2.394   -10.805 2.072   1.00 35.64 ? 283 HOH A O   1 
HETATM 1537 O O   . HOH C 2 .  ? -26.751 -4.814  5.273   1.00 37.91 ? 284 HOH A O   1 
HETATM 1538 O O   . HOH C 2 .  ? -12.503 -4.601  -2.859  1.00 35.17 ? 285 HOH A O   1 
HETATM 1539 O O   . HOH C 2 .  ? -6.636  -9.116  0.791   1.00 17.12 ? 286 HOH A O   1 
HETATM 1540 O O   . HOH C 2 .  ? -7.145  -6.634  0.694   1.00 24.18 ? 287 HOH A O   1 
HETATM 1541 O O   . HOH C 2 .  ? -3.069  13.020  9.281   1.00 32.22 ? 288 HOH A O   1 
HETATM 1542 O O   . HOH C 2 .  ? -4.795  11.102  10.574  1.00 29.23 ? 289 HOH A O   1 
HETATM 1543 O O   . HOH C 2 .  ? -7.405  9.399   -4.830  1.00 39.98 ? 290 HOH A O   1 
HETATM 1544 O O   . HOH C 2 .  ? 1.953   12.796  -5.979  1.00 24.11 ? 291 HOH A O   1 
HETATM 1545 O O   . HOH C 2 .  ? -8.262  -5.544  -1.600  1.00 22.78 ? 292 HOH A O   1 
HETATM 1546 O O   . HOH C 2 .  ? -21.867 -5.002  0.396   1.00 24.43 ? 293 HOH A O   1 
HETATM 1547 O O   . HOH C 2 .  ? -8.553  8.203   -2.014  1.00 28.04 ? 294 HOH A O   1 
HETATM 1548 O O   . HOH C 2 .  ? -9.239  -12.107 14.043  1.00 26.80 ? 295 HOH A O   1 
HETATM 1549 O O   . HOH C 2 .  ? -14.130 -0.702  -7.888  1.00 36.64 ? 296 HOH A O   1 
HETATM 1550 O O   . HOH C 2 .  ? -4.045  3.841   -5.494  1.00 26.40 ? 297 HOH A O   1 
HETATM 1551 O O   . HOH C 2 .  ? -4.525  5.691   -6.738  1.00 38.51 ? 298 HOH A O   1 
HETATM 1552 O O   . HOH C 2 .  ? 3.426   11.064  -5.603  1.00 22.24 ? 299 HOH A O   1 
HETATM 1553 O O   . HOH C 2 .  ? -8.024  -14.011 14.495  1.00 38.34 ? 300 HOH A O   1 
HETATM 1554 O O   . HOH C 2 .  ? -14.492 -3.547  23.310  1.00 40.94 ? 301 HOH A O   1 
HETATM 1555 O O   . HOH C 2 .  ? 6.154   15.174  -12.495 1.00 43.42 ? 302 HOH A O   1 
HETATM 1556 O O   . HOH C 2 .  ? -1.699  -8.026  7.098   1.00 35.47 ? 303 HOH A O   1 
HETATM 1557 O O   . HOH C 2 .  ? 6.827   5.078   8.202   1.00 30.80 ? 304 HOH A O   1 
HETATM 1558 O O   . HOH C 2 .  ? -21.859 -11.190 1.509   1.00 36.75 ? 305 HOH A O   1 
HETATM 1559 O O   . HOH C 2 .  ? -2.820  -10.013 8.010   1.00 44.71 ? 306 HOH A O   1 
HETATM 1560 O O   . HOH C 2 .  ? -26.922 -9.501  15.565  1.00 42.42 ? 307 HOH A O   1 
HETATM 1561 O O   . HOH C 2 .  ? -6.097  13.001  10.844  1.00 42.58 ? 308 HOH A O   1 
HETATM 1562 O O   . HOH C 2 .  ? -8.702  8.169   -7.183  1.00 37.19 ? 309 HOH A O   1 
HETATM 1563 O O   . HOH C 2 .  ? -28.985 -8.665  16.392  1.00 43.80 ? 310 HOH A O   1 
HETATM 1564 O O   . HOH C 2 .  ? 0.133   -11.580 -6.953  1.00 35.85 ? 311 HOH A O   1 
HETATM 1565 O O   . HOH D 2 .  ? 5.502   2.550   1.800   1.00 14.19 ? 201 HOH B O   1 
HETATM 1566 O O   . HOH D 2 .  ? 12.770  -11.302 -11.963 1.00 25.05 ? 202 HOH B O   1 
HETATM 1567 O O   . HOH D 2 .  ? 17.083  -10.484 -11.139 1.00 33.58 ? 203 HOH B O   1 
HETATM 1568 O O   . HOH D 2 .  ? -2.622  -4.898  -7.823  1.00 16.24 ? 204 HOH B O   1 
HETATM 1569 O O   . HOH D 2 .  ? 13.379  11.028  -7.028  1.00 27.01 ? 205 HOH B O   1 
HETATM 1570 O O   . HOH D 2 .  ? 7.928   -10.857 -6.836  1.00 29.42 ? 206 HOH B O   1 
HETATM 1571 O O   . HOH D 2 .  ? 18.028  -8.324  -15.544 1.00 25.18 ? 207 HOH B O   1 
HETATM 1572 O O   . HOH D 2 .  ? 7.127   -8.852  -15.952 1.00 21.32 ? 208 HOH B O   1 
HETATM 1573 O O   . HOH D 2 .  ? 8.582   -12.677 -4.802  1.00 32.20 ? 209 HOH B O   1 
HETATM 1574 O O   . HOH D 2 .  ? 3.336   4.097   -4.251  1.00 24.62 ? 210 HOH B O   1 
HETATM 1575 O O   . HOH D 2 .  ? 2.938   -10.747 -5.506  1.00 27.89 ? 211 HOH B O   1 
HETATM 1576 O O   . HOH D 2 .  ? 11.271  1.147   11.769  1.00 29.24 ? 212 HOH B O   1 
HETATM 1577 O O   . HOH D 2 .  ? -6.438  -4.242  -7.763  1.00 28.50 ? 213 HOH B O   1 
HETATM 1578 O O   . HOH D 2 .  ? -2.911  -1.954  -10.556 1.00 26.06 ? 214 HOH B O   1 
HETATM 1579 O O   . HOH D 2 .  ? -8.232  -5.264  -11.846 1.00 21.76 ? 215 HOH B O   1 
HETATM 1580 O O   . HOH D 2 .  ? 11.103  14.348  2.395   1.00 27.03 ? 216 HOH B O   1 
HETATM 1581 O O   . HOH D 2 .  ? 8.843   -10.299 -10.788 1.00 27.30 ? 217 HOH B O   1 
HETATM 1582 O O   . HOH D 2 .  ? -0.420  -10.514 -10.508 1.00 26.25 ? 218 HOH B O   1 
HETATM 1583 O O   . HOH D 2 .  ? 9.294   1.207   13.586  1.00 27.33 ? 219 HOH B O   1 
HETATM 1584 O O   . HOH D 2 .  ? 4.856   8.596   -1.669  1.00 19.78 ? 220 HOH B O   1 
HETATM 1585 O O   . HOH D 2 .  ? 3.399   -1.761  -3.755  1.00 23.67 ? 221 HOH B O   1 
HETATM 1586 O O   . HOH D 2 .  ? 5.323   6.346   -4.090  1.00 20.77 ? 222 HOH B O   1 
HETATM 1587 O O   . HOH D 2 .  ? 7.418   9.962   6.955   1.00 25.93 ? 223 HOH B O   1 
HETATM 1588 O O   . HOH D 2 .  ? 19.178  -3.231  -13.136 1.00 34.11 ? 224 HOH B O   1 
HETATM 1589 O O   . HOH D 2 .  ? 9.528   -9.748  5.700   1.00 34.28 ? 225 HOH B O   1 
HETATM 1590 O O   . HOH D 2 .  ? 15.015  -12.253 -11.563 1.00 30.39 ? 226 HOH B O   1 
HETATM 1591 O O   . HOH D 2 .  ? 15.272  -10.227 -0.915  1.00 29.21 ? 227 HOH B O   1 
HETATM 1592 O O   . HOH D 2 .  ? 5.443   -11.371 -7.641  1.00 32.98 ? 228 HOH B O   1 
HETATM 1593 O O   . HOH D 2 .  ? 15.851  -10.153 -4.734  1.00 29.52 ? 229 HOH B O   1 
HETATM 1594 O O   . HOH D 2 .  ? 7.081   5.082   -19.324 1.00 34.51 ? 230 HOH B O   1 
HETATM 1595 O O   . HOH D 2 .  ? 1.453   -10.829 -12.595 1.00 34.64 ? 231 HOH B O   1 
HETATM 1596 O O   . HOH D 2 .  ? 12.916  -0.565  -21.750 0.50 33.36 ? 232 HOH B O   1 
HETATM 1597 O O   . HOH D 2 .  ? 8.881   6.892   7.771   1.00 31.86 ? 233 HOH B O   1 
HETATM 1598 O O   . HOH D 2 .  ? 10.732  -8.825  8.127   1.00 32.22 ? 234 HOH B O   1 
HETATM 1599 O O   . HOH D 2 .  ? 3.292   3.052   0.123   1.00 18.60 ? 235 HOH B O   1 
HETATM 1600 O O   . HOH D 2 .  ? 11.604  -9.751  -10.308 1.00 19.01 ? 236 HOH B O   1 
HETATM 1601 O O   . HOH D 2 .  ? 12.016  -11.842 -14.569 1.00 33.19 ? 237 HOH B O   1 
HETATM 1602 O O   . HOH D 2 .  ? 14.872  10.790  -9.430  1.00 33.10 ? 238 HOH B O   1 
HETATM 1603 O O   . HOH D 2 .  ? 3.991   -7.489  -18.890 1.00 22.96 ? 239 HOH B O   1 
HETATM 1604 O O   . HOH D 2 .  ? 12.233  18.213  -6.319  1.00 32.65 ? 240 HOH B O   1 
HETATM 1605 O O   . HOH D 2 .  ? 9.031   6.015   -20.561 1.00 29.63 ? 241 HOH B O   1 
HETATM 1606 O O   . HOH D 2 .  ? 5.957   -8.105  4.819   1.00 31.17 ? 242 HOH B O   1 
HETATM 1607 O O   . HOH D 2 .  ? 4.830   -6.223  -4.775  1.00 33.05 ? 243 HOH B O   1 
HETATM 1608 O O   . HOH D 2 .  ? 13.447  -2.923  11.559  1.00 30.39 ? 244 HOH B O   1 
HETATM 1609 O O   . HOH D 2 .  ? 21.591  -7.844  -7.326  1.00 32.84 ? 245 HOH B O   1 
HETATM 1610 O O   . HOH D 2 .  ? 11.626  8.583   -21.932 1.00 28.35 ? 246 HOH B O   1 
HETATM 1611 O O   . HOH D 2 .  ? 17.791  -0.714  -14.158 1.00 34.51 ? 247 HOH B O   1 
HETATM 1612 O O   . HOH D 2 .  ? 6.848   -12.203 0.010   1.00 36.29 ? 248 HOH B O   1 
HETATM 1613 O O   . HOH D 2 .  ? 7.349   -10.307 -13.664 1.00 30.64 ? 249 HOH B O   1 
HETATM 1614 O O   . HOH D 2 .  ? -4.124  -3.896  -24.043 1.00 35.55 ? 250 HOH B O   1 
HETATM 1615 O O   . HOH D 2 .  ? 1.839   -8.185  -4.550  1.00 27.41 ? 251 HOH B O   1 
HETATM 1616 O O   . HOH D 2 .  ? 8.458   3.703   11.774  1.00 22.56 ? 252 HOH B O   1 
HETATM 1617 O O   . HOH D 2 .  ? 11.171  -0.459  -23.899 1.00 37.47 ? 253 HOH B O   1 
HETATM 1618 O O   . HOH D 2 .  ? 16.323  -8.646  -22.430 1.00 37.85 ? 254 HOH B O   1 
HETATM 1619 O O   . HOH D 2 .  ? -5.478  -1.054  -10.134 1.00 33.44 ? 255 HOH B O   1 
HETATM 1620 O O   . HOH D 2 .  ? 10.176  9.547   -23.597 1.00 36.47 ? 256 HOH B O   1 
HETATM 1621 O O   . HOH D 2 .  ? 19.421  -8.645  3.303   1.00 36.76 ? 257 HOH B O   1 
HETATM 1622 O O   . HOH D 2 .  ? 12.385  -13.028 1.326   1.00 44.97 ? 258 HOH B O   1 
HETATM 1623 O O   . HOH D 2 .  ? 9.278   -12.597 -15.407 1.00 41.92 ? 259 HOH B O   1 
HETATM 1624 O O   . HOH D 2 .  ? 8.555   8.652   -20.021 1.00 32.00 ? 260 HOH B O   1 
HETATM 1625 O O   . HOH D 2 .  ? 19.357  5.411   -11.105 1.00 32.15 ? 261 HOH B O   1 
HETATM 1626 O O   . HOH D 2 .  ? 0.940   -8.023  -17.109 1.00 26.62 ? 262 HOH B O   1 
HETATM 1627 O O   . HOH D 2 .  ? 5.616   -11.782 3.671   1.00 40.26 ? 263 HOH B O   1 
HETATM 1628 O O   . HOH D 2 .  ? -0.901  -0.805  -8.788  1.00 28.21 ? 264 HOH B O   1 
HETATM 1629 O O   . HOH D 2 .  ? 11.280  9.890   10.030  1.00 30.01 ? 265 HOH B O   1 
HETATM 1630 O O   . HOH D 2 .  ? 8.619   0.954   -24.052 1.00 28.33 ? 266 HOH B O   1 
HETATM 1631 O O   . HOH D 2 .  ? 11.450  4.112   10.604  1.00 23.03 ? 267 HOH B O   1 
HETATM 1632 O O   . HOH D 2 .  ? 3.071   -11.833 9.720   1.00 38.01 ? 268 HOH B O   1 
HETATM 1633 O O   . HOH D 2 .  ? 15.289  -0.840  10.981  1.00 29.00 ? 269 HOH B O   1 
HETATM 1634 O O   . HOH D 2 .  ? 5.032   7.155   -19.311 1.00 36.03 ? 270 HOH B O   1 
HETATM 1635 O O   . HOH D 2 .  ? -2.008  -1.918  -26.165 1.00 38.06 ? 271 HOH B O   1 
HETATM 1636 O O   . HOH D 2 .  ? 10.733  9.949   -26.005 1.00 35.10 ? 272 HOH B O   1 
HETATM 1637 O O   . HOH D 2 .  ? 1.677   -1.614  7.624   1.00 38.12 ? 273 HOH B O   1 
HETATM 1638 O O   . HOH D 2 .  ? 9.250   -12.699 -1.901  1.00 36.79 ? 274 HOH B O   1 
HETATM 1639 O O   . HOH D 2 .  ? 11.237  -11.585 -1.149  1.00 36.16 ? 275 HOH B O   1 
HETATM 1640 O O   . HOH D 2 .  ? -1.285  4.844   -15.417 1.00 41.50 ? 276 HOH B O   1 
HETATM 1641 O O   . HOH D 2 .  ? 23.741  -1.427  -0.859  1.00 39.54 ? 277 HOH B O   1 
HETATM 1642 O O   . HOH D 2 .  ? -1.456  4.328   -18.207 1.00 42.15 ? 278 HOH B O   1 
HETATM 1643 O O   . HOH D 2 .  ? 13.689  20.362  -5.246  1.00 40.66 ? 279 HOH B O   1 
HETATM 1644 O O   . HOH D 2 .  ? 22.400  3.351   -18.891 1.00 34.46 ? 280 HOH B O   1 
HETATM 1645 O O   . HOH D 2 .  ? 8.597   -8.139  10.383  1.00 39.91 ? 281 HOH B O   1 
HETATM 1646 O O   . HOH D 2 .  ? 4.686   -10.853 -23.976 1.00 40.48 ? 282 HOH B O   1 
HETATM 1647 O O   . HOH D 2 .  ? -7.145  -4.036  -24.943 1.00 44.94 ? 283 HOH B O   1 
HETATM 1648 O O   . HOH D 2 .  ? 22.575  -7.888  -4.828  1.00 33.36 ? 284 HOH B O   1 
HETATM 1649 O O   . HOH D 2 .  ? 0.965   -7.438  -19.870 1.00 29.74 ? 285 HOH B O   1 
HETATM 1650 O O   . HOH D 2 .  ? 4.513   -10.557 -12.093 1.00 40.04 ? 286 HOH B O   1 
HETATM 1651 O O   . HOH D 2 .  ? -1.765  -5.448  -22.948 1.00 47.21 ? 287 HOH B O   1 
HETATM 1652 O O   . HOH D 2 .  ? 5.864   -12.391 -12.427 1.00 41.25 ? 288 HOH B O   1 
HETATM 1653 O O   . HOH D 2 .  ? 22.987  -7.263  -2.654  1.00 43.04 ? 289 HOH B O   1 
HETATM 1654 O O   . HOH D 2 .  ? 17.626  -6.442  -19.939 1.00 29.20 ? 290 HOH B O   1 
HETATM 1655 O O   . HOH D 2 .  ? -2.964  -5.891  -20.661 1.00 34.10 ? 291 HOH B O   1 
HETATM 1656 O O   . HOH D 2 .  ? 4.693   -10.500 0.693   1.00 40.56 ? 292 HOH B O   1 
HETATM 1657 O O   . HOH D 2 .  ? -3.854  -3.753  -21.178 1.00 44.58 ? 293 HOH B O   1 
HETATM 1658 O O   . HOH D 2 .  ? 6.477   -10.297 -18.271 1.00 36.54 ? 294 HOH B O   1 
HETATM 1659 O O   . HOH D 2 .  ? 9.989   -14.226 2.081   1.00 43.31 ? 295 HOH B O   1 
# 
loop_
_pdbx_poly_seq_scheme.asym_id 
_pdbx_poly_seq_scheme.entity_id 
_pdbx_poly_seq_scheme.seq_id 
_pdbx_poly_seq_scheme.mon_id 
_pdbx_poly_seq_scheme.ndb_seq_num 
_pdbx_poly_seq_scheme.pdb_seq_num 
_pdbx_poly_seq_scheme.auth_seq_num 
_pdbx_poly_seq_scheme.pdb_mon_id 
_pdbx_poly_seq_scheme.auth_mon_id 
_pdbx_poly_seq_scheme.pdb_strand_id 
_pdbx_poly_seq_scheme.pdb_ins_code 
_pdbx_poly_seq_scheme.hetero 
A 1 1  MET 1  63  ?   ?   ?   A . n 
A 1 2  ALA 2  64  64  ALA ALA A . n 
A 1 3  ILE 3  65  65  ILE ILE A . n 
A 1 4  GLU 4  66  66  GLU GLU A . n 
A 1 5  ASN 5  67  67  ASN ASN A . n 
A 1 6  ARG 6  68  68  ARG ARG A . n 
A 1 7  ALA 7  69  69  ALA ALA A . n 
A 1 8  SER 8  70  70  SER SER A . n 
A 1 9  ARG 9  71  71  ARG ARG A . n 
A 1 10 MET 10 72  72  MET MET A . n 
A 1 11 ARG 11 73  73  ARG ARG A . n 
A 1 12 GLU 12 74  74  GLU GLU A . n 
A 1 13 LYS 13 75  75  LYS LYS A . n 
A 1 14 LEU 14 76  76  LEU LEU A . n 
A 1 15 GLN 15 77  77  GLN GLN A . n 
A 1 16 LYS 16 78  78  LYS LYS A . n 
A 1 17 GLU 17 79  79  GLU GLU A . n 
A 1 18 LEU 18 80  80  LEU LEU A . n 
A 1 19 GLU 19 81  81  GLU GLU A . n 
A 1 20 PRO 20 82  82  PRO PRO A . n 
A 1 21 VAL 21 83  83  VAL VAL A . n 
A 1 22 GLU 22 84  84  GLU GLU A . n 
A 1 23 LEU 23 85  85  LEU LEU A . n 
A 1 24 VAL 24 86  86  VAL VAL A . n 
A 1 25 ILE 25 87  87  ILE ILE A . n 
A 1 26 GLU 26 88  88  GLU GLU A . n 
A 1 27 ASP 27 89  89  ASP ASP A . n 
A 1 28 VAL 28 90  90  VAL VAL A . n 
A 1 29 SER 29 91  91  SER SER A . n 
A 1 30 TYR 30 92  92  TYR TYR A . n 
A 1 31 GLN 31 93  93  GLN GLN A . n 
A 1 32 HIS 32 94  94  HIS HIS A . n 
A 1 33 ALA 33 95  95  ALA ALA A . n 
A 1 34 GLY 34 96  96  GLY GLY A . n 
A 1 35 HIS 35 97  97  HIS HIS A . n 
A 1 36 ALA 36 98  98  ALA ALA A . n 
A 1 37 GLY 37 99  99  GLY GLY A . n 
A 1 38 MET 38 100 100 MET MET A . n 
A 1 39 LYS 39 101 101 LYS LYS A . n 
A 1 40 GLY 40 102 102 GLY GLY A . n 
A 1 41 ARG 41 103 103 ARG ARG A . n 
A 1 42 THR 42 104 104 THR THR A . n 
A 1 43 ASP 43 105 105 ASP ASP A . n 
A 1 44 ASP 44 106 106 ASP ASP A . n 
A 1 45 GLU 45 107 107 GLU GLU A . n 
A 1 46 THR 46 108 108 THR THR A . n 
A 1 47 HIS 47 109 109 HIS HIS A . n 
A 1 48 PHE 48 110 110 PHE PHE A . n 
A 1 49 ASN 49 111 111 ASN ASN A . n 
A 1 50 VAL 50 112 112 VAL VAL A . n 
A 1 51 LYS 51 113 113 LYS LYS A . n 
A 1 52 ILE 52 114 114 ILE ILE A . n 
A 1 53 VAL 53 115 115 VAL VAL A . n 
A 1 54 SER 54 116 116 SER SER A . n 
A 1 55 LYS 55 117 117 LYS LYS A . n 
A 1 56 GLY 56 118 118 GLY GLY A . n 
A 1 57 PHE 57 119 119 PHE PHE A . n 
A 1 58 GLU 58 120 120 GLU GLU A . n 
A 1 59 GLY 59 121 121 GLY GLY A . n 
A 1 60 MET 60 122 122 MET MET A . n 
A 1 61 ASN 61 123 123 ASN ASN A . n 
A 1 62 LEU 62 124 124 LEU LEU A . n 
A 1 63 VAL 63 125 125 VAL VAL A . n 
A 1 64 LYS 64 126 126 LYS LYS A . n 
A 1 65 ARG 65 127 127 ARG ARG A . n 
A 1 66 HIS 66 128 128 HIS HIS A . n 
A 1 67 ARG 67 129 129 ARG ARG A . n 
A 1 68 LEU 68 130 130 LEU LEU A . n 
A 1 69 VAL 69 131 131 VAL VAL A . n 
A 1 70 TYR 70 132 132 TYR TYR A . n 
A 1 71 HIS 71 133 133 HIS HIS A . n 
A 1 72 LEU 72 134 134 LEU LEU A . n 
A 1 73 LEU 73 135 135 LEU LEU A . n 
A 1 74 ARG 74 136 136 ARG ARG A . n 
A 1 75 GLU 75 137 137 GLU GLU A . n 
A 1 76 GLU 76 138 138 GLU GLU A . n 
A 1 77 LEU 77 139 139 LEU LEU A . n 
A 1 78 ASP 78 140 140 ASP ASP A . n 
A 1 79 THR 79 141 141 THR THR A . n 
A 1 80 GLY 80 142 142 GLY GLY A . n 
A 1 81 LEU 81 143 143 LEU LEU A . n 
A 1 82 HIS 82 144 144 HIS HIS A . n 
A 1 83 ALA 83 145 145 ALA ALA A . n 
A 1 84 LEU 84 146 146 LEU LEU A . n 
A 1 85 SER 85 147 147 SER SER A . n 
A 1 86 ILE 86 148 148 ILE ILE A . n 
A 1 87 VAL 87 149 149 VAL VAL A . n 
A 1 88 SER 88 150 150 SER SER A . n 
A 1 89 LYS 89 151 151 LYS LYS A . n 
A 1 90 THR 90 152 152 THR THR A . n 
A 1 91 PRO 91 153 153 PRO PRO A . n 
A 1 92 SER 92 154 154 SER SER A . n 
A 1 93 GLU 93 155 155 GLU GLU A . n 
A 1 94 SER 94 156 156 SER SER A . n 
A 1 95 PRO 95 157 157 PRO PRO A . n 
A 1 96 SER 96 158 ?   ?   ?   A . n 
A 1 97 LYS 97 159 ?   ?   ?   A . n 
A 1 98 ASP 98 160 ?   ?   ?   A . n 
B 1 1  MET 1  63  ?   ?   ?   B . n 
B 1 2  ALA 2  64  ?   ?   ?   B . n 
B 1 3  ILE 3  65  65  ILE ILE B . n 
B 1 4  GLU 4  66  66  GLU GLU B . n 
B 1 5  ASN 5  67  67  ASN ASN B . n 
B 1 6  ARG 6  68  68  ARG ARG B . n 
B 1 7  ALA 7  69  69  ALA ALA B . n 
B 1 8  SER 8  70  70  SER SER B . n 
B 1 9  ARG 9  71  71  ARG ARG B . n 
B 1 10 MET 10 72  72  MET MET B . n 
B 1 11 ARG 11 73  73  ARG ARG B . n 
B 1 12 GLU 12 74  74  GLU GLU B . n 
B 1 13 LYS 13 75  75  LYS LYS B . n 
B 1 14 LEU 14 76  76  LEU LEU B . n 
B 1 15 GLN 15 77  77  GLN GLN B . n 
B 1 16 LYS 16 78  78  LYS LYS B . n 
B 1 17 GLU 17 79  79  GLU GLU B . n 
B 1 18 LEU 18 80  80  LEU LEU B . n 
B 1 19 GLU 19 81  81  GLU GLU B . n 
B 1 20 PRO 20 82  82  PRO PRO B . n 
B 1 21 VAL 21 83  83  VAL VAL B . n 
B 1 22 GLU 22 84  84  GLU GLU B . n 
B 1 23 LEU 23 85  85  LEU LEU B . n 
B 1 24 VAL 24 86  86  VAL VAL B . n 
B 1 25 ILE 25 87  87  ILE ILE B . n 
B 1 26 GLU 26 88  88  GLU GLU B . n 
B 1 27 ASP 27 89  89  ASP ASP B . n 
B 1 28 VAL 28 90  90  VAL VAL B . n 
B 1 29 SER 29 91  91  SER SER B . n 
B 1 30 TYR 30 92  92  TYR TYR B . n 
B 1 31 GLN 31 93  93  GLN GLN B . n 
B 1 32 HIS 32 94  94  HIS HIS B . n 
B 1 33 ALA 33 95  95  ALA ALA B . n 
B 1 34 GLY 34 96  ?   ?   ?   B . n 
B 1 35 HIS 35 97  ?   ?   ?   B . n 
B 1 36 ALA 36 98  ?   ?   ?   B . n 
B 1 37 GLY 37 99  ?   ?   ?   B . n 
B 1 38 MET 38 100 ?   ?   ?   B . n 
B 1 39 LYS 39 101 ?   ?   ?   B . n 
B 1 40 GLY 40 102 ?   ?   ?   B . n 
B 1 41 ARG 41 103 ?   ?   ?   B . n 
B 1 42 THR 42 104 ?   ?   ?   B . n 
B 1 43 ASP 43 105 105 ASP ASP B . n 
B 1 44 ASP 44 106 106 ASP ASP B . n 
B 1 45 GLU 45 107 107 GLU GLU B . n 
B 1 46 THR 46 108 108 THR THR B . n 
B 1 47 HIS 47 109 109 HIS HIS B . n 
B 1 48 PHE 48 110 110 PHE PHE B . n 
B 1 49 ASN 49 111 111 ASN ASN B . n 
B 1 50 VAL 50 112 112 VAL VAL B . n 
B 1 51 LYS 51 113 113 LYS LYS B . n 
B 1 52 ILE 52 114 114 ILE ILE B . n 
B 1 53 VAL 53 115 115 VAL VAL B . n 
B 1 54 SER 54 116 116 SER SER B . n 
B 1 55 LYS 55 117 117 LYS LYS B . n 
B 1 56 GLY 56 118 118 GLY GLY B . n 
B 1 57 PHE 57 119 119 PHE PHE B . n 
B 1 58 GLU 58 120 120 GLU GLU B . n 
B 1 59 GLY 59 121 121 GLY GLY B . n 
B 1 60 MET 60 122 122 MET MET B . n 
B 1 61 ASN 61 123 123 ASN ASN B . n 
B 1 62 LEU 62 124 124 LEU LEU B . n 
B 1 63 VAL 63 125 125 VAL VAL B . n 
B 1 64 LYS 64 126 126 LYS LYS B . n 
B 1 65 ARG 65 127 127 ARG ARG B . n 
B 1 66 HIS 66 128 128 HIS HIS B . n 
B 1 67 ARG 67 129 129 ARG ARG B . n 
B 1 68 LEU 68 130 130 LEU LEU B . n 
B 1 69 VAL 69 131 131 VAL VAL B . n 
B 1 70 TYR 70 132 132 TYR TYR B . n 
B 1 71 HIS 71 133 133 HIS HIS B . n 
B 1 72 LEU 72 134 134 LEU LEU B . n 
B 1 73 LEU 73 135 135 LEU LEU B . n 
B 1 74 ARG 74 136 136 ARG ARG B . n 
B 1 75 GLU 75 137 137 GLU GLU B . n 
B 1 76 GLU 76 138 138 GLU GLU B . n 
B 1 77 LEU 77 139 139 LEU LEU B . n 
B 1 78 ASP 78 140 140 ASP ASP B . n 
B 1 79 THR 79 141 141 THR THR B . n 
B 1 80 GLY 80 142 142 GLY GLY B . n 
B 1 81 LEU 81 143 143 LEU LEU B . n 
B 1 82 HIS 82 144 144 HIS HIS B . n 
B 1 83 ALA 83 145 145 ALA ALA B . n 
B 1 84 LEU 84 146 146 LEU LEU B . n 
B 1 85 SER 85 147 147 SER SER B . n 
B 1 86 ILE 86 148 148 ILE ILE B . n 
B 1 87 VAL 87 149 149 VAL VAL B . n 
B 1 88 SER 88 150 150 SER SER B . n 
B 1 89 LYS 89 151 151 LYS LYS B . n 
B 1 90 THR 90 152 152 THR THR B . n 
B 1 91 PRO 91 153 153 PRO PRO B . n 
B 1 92 SER 92 154 154 SER SER B . n 
B 1 93 GLU 93 155 155 GLU GLU B . n 
B 1 94 SER 94 156 156 SER SER B . n 
B 1 95 PRO 95 157 157 PRO PRO B . n 
B 1 96 SER 96 158 ?   ?   ?   B . n 
B 1 97 LYS 97 159 ?   ?   ?   B . n 
B 1 98 ASP 98 160 ?   ?   ?   B . n 
# 
loop_
_pdbx_nonpoly_scheme.asym_id 
_pdbx_nonpoly_scheme.entity_id 
_pdbx_nonpoly_scheme.mon_id 
_pdbx_nonpoly_scheme.ndb_seq_num 
_pdbx_nonpoly_scheme.pdb_seq_num 
_pdbx_nonpoly_scheme.auth_seq_num 
_pdbx_nonpoly_scheme.pdb_mon_id 
_pdbx_nonpoly_scheme.auth_mon_id 
_pdbx_nonpoly_scheme.pdb_strand_id 
_pdbx_nonpoly_scheme.pdb_ins_code 
C 2 HOH 1   201 3   HOH HOH A . 
C 2 HOH 2   202 4   HOH HOH A . 
C 2 HOH 3   203 6   HOH HOH A . 
C 2 HOH 4   204 7   HOH HOH A . 
C 2 HOH 5   205 8   HOH HOH A . 
C 2 HOH 6   206 9   HOH HOH A . 
C 2 HOH 7   207 11  HOH HOH A . 
C 2 HOH 8   208 14  HOH HOH A . 
C 2 HOH 9   209 16  HOH HOH A . 
C 2 HOH 10  210 18  HOH HOH A . 
C 2 HOH 11  211 19  HOH HOH A . 
C 2 HOH 12  212 21  HOH HOH A . 
C 2 HOH 13  213 23  HOH HOH A . 
C 2 HOH 14  214 24  HOH HOH A . 
C 2 HOH 15  215 28  HOH HOH A . 
C 2 HOH 16  216 30  HOH HOH A . 
C 2 HOH 17  217 33  HOH HOH A . 
C 2 HOH 18  218 34  HOH HOH A . 
C 2 HOH 19  219 35  HOH HOH A . 
C 2 HOH 20  220 36  HOH HOH A . 
C 2 HOH 21  221 39  HOH HOH A . 
C 2 HOH 22  222 40  HOH HOH A . 
C 2 HOH 23  223 41  HOH HOH A . 
C 2 HOH 24  224 42  HOH HOH A . 
C 2 HOH 25  225 45  HOH HOH A . 
C 2 HOH 26  226 49  HOH HOH A . 
C 2 HOH 27  227 50  HOH HOH A . 
C 2 HOH 28  228 52  HOH HOH A . 
C 2 HOH 29  229 54  HOH HOH A . 
C 2 HOH 30  230 56  HOH HOH A . 
C 2 HOH 31  231 57  HOH HOH A . 
C 2 HOH 32  232 58  HOH HOH A . 
C 2 HOH 33  233 60  HOH HOH A . 
C 2 HOH 34  234 61  HOH HOH A . 
C 2 HOH 35  235 69  HOH HOH A . 
C 2 HOH 36  236 74  HOH HOH A . 
C 2 HOH 37  237 75  HOH HOH A . 
C 2 HOH 38  238 76  HOH HOH A . 
C 2 HOH 39  239 77  HOH HOH A . 
C 2 HOH 40  240 80  HOH HOH A . 
C 2 HOH 41  241 81  HOH HOH A . 
C 2 HOH 42  242 82  HOH HOH A . 
C 2 HOH 43  243 83  HOH HOH A . 
C 2 HOH 44  244 85  HOH HOH A . 
C 2 HOH 45  245 86  HOH HOH A . 
C 2 HOH 46  246 90  HOH HOH A . 
C 2 HOH 47  247 92  HOH HOH A . 
C 2 HOH 48  248 93  HOH HOH A . 
C 2 HOH 49  249 98  HOH HOH A . 
C 2 HOH 50  250 101 HOH HOH A . 
C 2 HOH 51  251 103 HOH HOH A . 
C 2 HOH 52  252 104 HOH HOH A . 
C 2 HOH 53  253 107 HOH HOH A . 
C 2 HOH 54  254 109 HOH HOH A . 
C 2 HOH 55  255 112 HOH HOH A . 
C 2 HOH 56  256 113 HOH HOH A . 
C 2 HOH 57  257 114 HOH HOH A . 
C 2 HOH 58  258 117 HOH HOH A . 
C 2 HOH 59  259 122 HOH HOH A . 
C 2 HOH 60  260 124 HOH HOH A . 
C 2 HOH 61  261 125 HOH HOH A . 
C 2 HOH 62  262 129 HOH HOH A . 
C 2 HOH 63  263 130 HOH HOH A . 
C 2 HOH 64  264 131 HOH HOH A . 
C 2 HOH 65  265 132 HOH HOH A . 
C 2 HOH 66  266 135 HOH HOH A . 
C 2 HOH 67  267 136 HOH HOH A . 
C 2 HOH 68  268 138 HOH HOH A . 
C 2 HOH 69  269 139 HOH HOH A . 
C 2 HOH 70  270 140 HOH HOH A . 
C 2 HOH 71  271 141 HOH HOH A . 
C 2 HOH 72  272 142 HOH HOH A . 
C 2 HOH 73  273 143 HOH HOH A . 
C 2 HOH 74  274 146 HOH HOH A . 
C 2 HOH 75  275 147 HOH HOH A . 
C 2 HOH 76  276 148 HOH HOH A . 
C 2 HOH 77  277 149 HOH HOH A . 
C 2 HOH 78  278 151 HOH HOH A . 
C 2 HOH 79  279 152 HOH HOH A . 
C 2 HOH 80  280 153 HOH HOH A . 
C 2 HOH 81  281 154 HOH HOH A . 
C 2 HOH 82  282 155 HOH HOH A . 
C 2 HOH 83  283 160 HOH HOH A . 
C 2 HOH 84  284 161 HOH HOH A . 
C 2 HOH 85  285 164 HOH HOH A . 
C 2 HOH 86  286 166 HOH HOH A . 
C 2 HOH 87  287 168 HOH HOH A . 
C 2 HOH 88  288 169 HOH HOH A . 
C 2 HOH 89  289 172 HOH HOH A . 
C 2 HOH 90  290 173 HOH HOH A . 
C 2 HOH 91  291 175 HOH HOH A . 
C 2 HOH 92  292 176 HOH HOH A . 
C 2 HOH 93  293 177 HOH HOH A . 
C 2 HOH 94  294 180 HOH HOH A . 
C 2 HOH 95  295 181 HOH HOH A . 
C 2 HOH 96  296 182 HOH HOH A . 
C 2 HOH 97  297 183 HOH HOH A . 
C 2 HOH 98  298 185 HOH HOH A . 
C 2 HOH 99  299 188 HOH HOH A . 
C 2 HOH 100 300 192 HOH HOH A . 
C 2 HOH 101 301 193 HOH HOH A . 
C 2 HOH 102 302 194 HOH HOH A . 
C 2 HOH 103 303 195 HOH HOH A . 
C 2 HOH 104 304 196 HOH HOH A . 
C 2 HOH 105 305 198 HOH HOH A . 
C 2 HOH 106 306 200 HOH HOH A . 
C 2 HOH 107 307 201 HOH HOH A . 
C 2 HOH 108 308 202 HOH HOH A . 
C 2 HOH 109 309 203 HOH HOH A . 
C 2 HOH 110 310 206 HOH HOH A . 
C 2 HOH 111 311 55  HOH HOH A . 
D 2 HOH 1   201 1   HOH HOH B . 
D 2 HOH 2   202 2   HOH HOH B . 
D 2 HOH 3   203 5   HOH HOH B . 
D 2 HOH 4   204 10  HOH HOH B . 
D 2 HOH 5   205 12  HOH HOH B . 
D 2 HOH 6   206 13  HOH HOH B . 
D 2 HOH 7   207 15  HOH HOH B . 
D 2 HOH 8   208 17  HOH HOH B . 
D 2 HOH 9   209 20  HOH HOH B . 
D 2 HOH 10  210 22  HOH HOH B . 
D 2 HOH 11  211 25  HOH HOH B . 
D 2 HOH 12  212 26  HOH HOH B . 
D 2 HOH 13  213 27  HOH HOH B . 
D 2 HOH 14  214 29  HOH HOH B . 
D 2 HOH 15  215 31  HOH HOH B . 
D 2 HOH 16  216 32  HOH HOH B . 
D 2 HOH 17  217 37  HOH HOH B . 
D 2 HOH 18  218 38  HOH HOH B . 
D 2 HOH 19  219 43  HOH HOH B . 
D 2 HOH 20  220 44  HOH HOH B . 
D 2 HOH 21  221 46  HOH HOH B . 
D 2 HOH 22  222 47  HOH HOH B . 
D 2 HOH 23  223 48  HOH HOH B . 
D 2 HOH 24  224 51  HOH HOH B . 
D 2 HOH 25  225 53  HOH HOH B . 
D 2 HOH 26  226 59  HOH HOH B . 
D 2 HOH 27  227 62  HOH HOH B . 
D 2 HOH 28  228 63  HOH HOH B . 
D 2 HOH 29  229 64  HOH HOH B . 
D 2 HOH 30  230 65  HOH HOH B . 
D 2 HOH 31  231 66  HOH HOH B . 
D 2 HOH 32  232 67  HOH HOH B . 
D 2 HOH 33  233 68  HOH HOH B . 
D 2 HOH 34  234 70  HOH HOH B . 
D 2 HOH 35  235 71  HOH HOH B . 
D 2 HOH 36  236 72  HOH HOH B . 
D 2 HOH 37  237 73  HOH HOH B . 
D 2 HOH 38  238 78  HOH HOH B . 
D 2 HOH 39  239 79  HOH HOH B . 
D 2 HOH 40  240 84  HOH HOH B . 
D 2 HOH 41  241 87  HOH HOH B . 
D 2 HOH 42  242 88  HOH HOH B . 
D 2 HOH 43  243 89  HOH HOH B . 
D 2 HOH 44  244 91  HOH HOH B . 
D 2 HOH 45  245 94  HOH HOH B . 
D 2 HOH 46  246 95  HOH HOH B . 
D 2 HOH 47  247 96  HOH HOH B . 
D 2 HOH 48  248 97  HOH HOH B . 
D 2 HOH 49  249 99  HOH HOH B . 
D 2 HOH 50  250 100 HOH HOH B . 
D 2 HOH 51  251 102 HOH HOH B . 
D 2 HOH 52  252 105 HOH HOH B . 
D 2 HOH 53  253 106 HOH HOH B . 
D 2 HOH 54  254 108 HOH HOH B . 
D 2 HOH 55  255 110 HOH HOH B . 
D 2 HOH 56  256 111 HOH HOH B . 
D 2 HOH 57  257 115 HOH HOH B . 
D 2 HOH 58  258 116 HOH HOH B . 
D 2 HOH 59  259 118 HOH HOH B . 
D 2 HOH 60  260 119 HOH HOH B . 
D 2 HOH 61  261 120 HOH HOH B . 
D 2 HOH 62  262 121 HOH HOH B . 
D 2 HOH 63  263 123 HOH HOH B . 
D 2 HOH 64  264 126 HOH HOH B . 
D 2 HOH 65  265 127 HOH HOH B . 
D 2 HOH 66  266 128 HOH HOH B . 
D 2 HOH 67  267 133 HOH HOH B . 
D 2 HOH 68  268 134 HOH HOH B . 
D 2 HOH 69  269 137 HOH HOH B . 
D 2 HOH 70  270 144 HOH HOH B . 
D 2 HOH 71  271 145 HOH HOH B . 
D 2 HOH 72  272 150 HOH HOH B . 
D 2 HOH 73  273 156 HOH HOH B . 
D 2 HOH 74  274 157 HOH HOH B . 
D 2 HOH 75  275 158 HOH HOH B . 
D 2 HOH 76  276 159 HOH HOH B . 
D 2 HOH 77  277 162 HOH HOH B . 
D 2 HOH 78  278 163 HOH HOH B . 
D 2 HOH 79  279 165 HOH HOH B . 
D 2 HOH 80  280 167 HOH HOH B . 
D 2 HOH 81  281 170 HOH HOH B . 
D 2 HOH 82  282 171 HOH HOH B . 
D 2 HOH 83  283 174 HOH HOH B . 
D 2 HOH 84  284 178 HOH HOH B . 
D 2 HOH 85  285 179 HOH HOH B . 
D 2 HOH 86  286 184 HOH HOH B . 
D 2 HOH 87  287 186 HOH HOH B . 
D 2 HOH 88  288 187 HOH HOH B . 
D 2 HOH 89  289 189 HOH HOH B . 
D 2 HOH 90  290 190 HOH HOH B . 
D 2 HOH 91  291 191 HOH HOH B . 
D 2 HOH 92  292 197 HOH HOH B . 
D 2 HOH 93  293 199 HOH HOH B . 
D 2 HOH 94  294 204 HOH HOH B . 
D 2 HOH 95  295 205 HOH HOH B . 
# 
loop_
_pdbx_struct_assembly.id 
_pdbx_struct_assembly.details 
_pdbx_struct_assembly.method_details 
_pdbx_struct_assembly.oligomeric_details 
_pdbx_struct_assembly.oligomeric_count 
1 author_defined_assembly ? monomeric 1 
2 author_defined_assembly ? monomeric 1 
# 
loop_
_pdbx_struct_assembly_gen.assembly_id 
_pdbx_struct_assembly_gen.oper_expression 
_pdbx_struct_assembly_gen.asym_id_list 
1 1 A,C 
2 1 B,D 
# 
_pdbx_struct_oper_list.id                   1 
_pdbx_struct_oper_list.type                 'identity operation' 
_pdbx_struct_oper_list.name                 1_555 
_pdbx_struct_oper_list.symmetry_operation   x,y,z 
_pdbx_struct_oper_list.matrix[1][1]         1.0000000000 
_pdbx_struct_oper_list.matrix[1][2]         0.0000000000 
_pdbx_struct_oper_list.matrix[1][3]         0.0000000000 
_pdbx_struct_oper_list.vector[1]            0.0000000000 
_pdbx_struct_oper_list.matrix[2][1]         0.0000000000 
_pdbx_struct_oper_list.matrix[2][2]         1.0000000000 
_pdbx_struct_oper_list.matrix[2][3]         0.0000000000 
_pdbx_struct_oper_list.vector[2]            0.0000000000 
_pdbx_struct_oper_list.matrix[3][1]         0.0000000000 
_pdbx_struct_oper_list.matrix[3][2]         0.0000000000 
_pdbx_struct_oper_list.matrix[3][3]         1.0000000000 
_pdbx_struct_oper_list.vector[3]            0.0000000000 
# 
loop_
_pdbx_struct_special_symmetry.id 
_pdbx_struct_special_symmetry.PDB_model_num 
_pdbx_struct_special_symmetry.auth_asym_id 
_pdbx_struct_special_symmetry.auth_comp_id 
_pdbx_struct_special_symmetry.auth_seq_id 
_pdbx_struct_special_symmetry.PDB_ins_code 
_pdbx_struct_special_symmetry.label_asym_id 
_pdbx_struct_special_symmetry.label_comp_id 
_pdbx_struct_special_symmetry.label_seq_id 
1 1 A HOH 215 ? C HOH . 
2 1 A HOH 239 ? C HOH . 
3 1 B HOH 232 ? D HOH . 
# 
loop_
_pdbx_audit_revision_history.ordinal 
_pdbx_audit_revision_history.data_content_type 
_pdbx_audit_revision_history.major_revision 
_pdbx_audit_revision_history.minor_revision 
_pdbx_audit_revision_history.revision_date 
1 'Structure model' 1 0 2014-07-23 
2 'Structure model' 1 1 2014-09-17 
3 'Structure model' 1 2 2023-09-20 
# 
_pdbx_audit_revision_details.ordinal             1 
_pdbx_audit_revision_details.revision_ordinal    1 
_pdbx_audit_revision_details.data_content_type   'Structure model' 
_pdbx_audit_revision_details.provider            repository 
_pdbx_audit_revision_details.type                'Initial release' 
_pdbx_audit_revision_details.description         ? 
_pdbx_audit_revision_details.details             ? 
# 
loop_
_pdbx_audit_revision_group.ordinal 
_pdbx_audit_revision_group.revision_ordinal 
_pdbx_audit_revision_group.data_content_type 
_pdbx_audit_revision_group.group 
1 2 'Structure model' 'Database references'    
2 3 'Structure model' 'Data collection'        
3 3 'Structure model' 'Database references'    
4 3 'Structure model' 'Refinement description' 
# 
loop_
_pdbx_audit_revision_category.ordinal 
_pdbx_audit_revision_category.revision_ordinal 
_pdbx_audit_revision_category.data_content_type 
_pdbx_audit_revision_category.category 
1 3 'Structure model' chem_comp_atom                
2 3 'Structure model' chem_comp_bond                
3 3 'Structure model' database_2                    
4 3 'Structure model' pdbx_initial_refinement_model 
5 3 'Structure model' struct_ref_seq_dif            
# 
loop_
_pdbx_audit_revision_item.ordinal 
_pdbx_audit_revision_item.revision_ordinal 
_pdbx_audit_revision_item.data_content_type 
_pdbx_audit_revision_item.item 
1 3 'Structure model' '_database_2.pdbx_DOI'                
2 3 'Structure model' '_database_2.pdbx_database_accession' 
3 3 'Structure model' '_struct_ref_seq_dif.details'         
# 
loop_
_software.name 
_software.classification 
_software.version 
_software.citation_id 
_software.pdbx_ordinal 
Xnemo  'data collection' .                            ? 1 
MOLREP phasing           .                            ? 2 
PHENIX refinement        '(phenix.refine: 1.7.3_928)' ? 3 
XDS    'data reduction'  .                            ? 4 
SCALA  'data scaling'    .                            ? 5 
# 
_pdbx_validate_torsion.id              1 
_pdbx_validate_torsion.PDB_model_num   1 
_pdbx_validate_torsion.auth_comp_id    GLU 
_pdbx_validate_torsion.auth_asym_id    A 
_pdbx_validate_torsion.auth_seq_id     81 
_pdbx_validate_torsion.PDB_ins_code    ? 
_pdbx_validate_torsion.label_alt_id    ? 
_pdbx_validate_torsion.phi             34.41 
_pdbx_validate_torsion.psi             54.81 
# 
loop_
_pdbx_unobs_or_zero_occ_residues.id 
_pdbx_unobs_or_zero_occ_residues.PDB_model_num 
_pdbx_unobs_or_zero_occ_residues.polymer_flag 
_pdbx_unobs_or_zero_occ_residues.occupancy_flag 
_pdbx_unobs_or_zero_occ_residues.auth_asym_id 
_pdbx_unobs_or_zero_occ_residues.auth_comp_id 
_pdbx_unobs_or_zero_occ_residues.auth_seq_id 
_pdbx_unobs_or_zero_occ_residues.PDB_ins_code 
_pdbx_unobs_or_zero_occ_residues.label_asym_id 
_pdbx_unobs_or_zero_occ_residues.label_comp_id 
_pdbx_unobs_or_zero_occ_residues.label_seq_id 
1  1 Y 1 A MET 63  ? A MET 1  
2  1 Y 1 A SER 158 ? A SER 96 
3  1 Y 1 A LYS 159 ? A LYS 97 
4  1 Y 1 A ASP 160 ? A ASP 98 
5  1 Y 1 B MET 63  ? B MET 1  
6  1 Y 1 B ALA 64  ? B ALA 2  
7  1 Y 1 B GLY 96  ? B GLY 34 
8  1 Y 1 B HIS 97  ? B HIS 35 
9  1 Y 1 B ALA 98  ? B ALA 36 
10 1 Y 1 B GLY 99  ? B GLY 37 
11 1 Y 1 B MET 100 ? B MET 38 
12 1 Y 1 B LYS 101 ? B LYS 39 
13 1 Y 1 B GLY 102 ? B GLY 40 
14 1 Y 1 B ARG 103 ? B ARG 41 
15 1 Y 1 B THR 104 ? B THR 42 
16 1 Y 1 B SER 158 ? B SER 96 
17 1 Y 1 B LYS 159 ? B LYS 97 
18 1 Y 1 B ASP 160 ? B ASP 98 
# 
loop_
_chem_comp_atom.comp_id 
_chem_comp_atom.atom_id 
_chem_comp_atom.type_symbol 
_chem_comp_atom.pdbx_aromatic_flag 
_chem_comp_atom.pdbx_stereo_config 
_chem_comp_atom.pdbx_ordinal 
ALA N    N N N 1   
ALA CA   C N S 2   
ALA C    C N N 3   
ALA O    O N N 4   
ALA CB   C N N 5   
ALA OXT  O N N 6   
ALA H    H N N 7   
ALA H2   H N N 8   
ALA HA   H N N 9   
ALA HB1  H N N 10  
ALA HB2  H N N 11  
ALA HB3  H N N 12  
ALA HXT  H N N 13  
ARG N    N N N 14  
ARG CA   C N S 15  
ARG C    C N N 16  
ARG O    O N N 17  
ARG CB   C N N 18  
ARG CG   C N N 19  
ARG CD   C N N 20  
ARG NE   N N N 21  
ARG CZ   C N N 22  
ARG NH1  N N N 23  
ARG NH2  N N N 24  
ARG OXT  O N N 25  
ARG H    H N N 26  
ARG H2   H N N 27  
ARG HA   H N N 28  
ARG HB2  H N N 29  
ARG HB3  H N N 30  
ARG HG2  H N N 31  
ARG HG3  H N N 32  
ARG HD2  H N N 33  
ARG HD3  H N N 34  
ARG HE   H N N 35  
ARG HH11 H N N 36  
ARG HH12 H N N 37  
ARG HH21 H N N 38  
ARG HH22 H N N 39  
ARG HXT  H N N 40  
ASN N    N N N 41  
ASN CA   C N S 42  
ASN C    C N N 43  
ASN O    O N N 44  
ASN CB   C N N 45  
ASN CG   C N N 46  
ASN OD1  O N N 47  
ASN ND2  N N N 48  
ASN OXT  O N N 49  
ASN H    H N N 50  
ASN H2   H N N 51  
ASN HA   H N N 52  
ASN HB2  H N N 53  
ASN HB3  H N N 54  
ASN HD21 H N N 55  
ASN HD22 H N N 56  
ASN HXT  H N N 57  
ASP N    N N N 58  
ASP CA   C N S 59  
ASP C    C N N 60  
ASP O    O N N 61  
ASP CB   C N N 62  
ASP CG   C N N 63  
ASP OD1  O N N 64  
ASP OD2  O N N 65  
ASP OXT  O N N 66  
ASP H    H N N 67  
ASP H2   H N N 68  
ASP HA   H N N 69  
ASP HB2  H N N 70  
ASP HB3  H N N 71  
ASP HD2  H N N 72  
ASP HXT  H N N 73  
GLN N    N N N 74  
GLN CA   C N S 75  
GLN C    C N N 76  
GLN O    O N N 77  
GLN CB   C N N 78  
GLN CG   C N N 79  
GLN CD   C N N 80  
GLN OE1  O N N 81  
GLN NE2  N N N 82  
GLN OXT  O N N 83  
GLN H    H N N 84  
GLN H2   H N N 85  
GLN HA   H N N 86  
GLN HB2  H N N 87  
GLN HB3  H N N 88  
GLN HG2  H N N 89  
GLN HG3  H N N 90  
GLN HE21 H N N 91  
GLN HE22 H N N 92  
GLN HXT  H N N 93  
GLU N    N N N 94  
GLU CA   C N S 95  
GLU C    C N N 96  
GLU O    O N N 97  
GLU CB   C N N 98  
GLU CG   C N N 99  
GLU CD   C N N 100 
GLU OE1  O N N 101 
GLU OE2  O N N 102 
GLU OXT  O N N 103 
GLU H    H N N 104 
GLU H2   H N N 105 
GLU HA   H N N 106 
GLU HB2  H N N 107 
GLU HB3  H N N 108 
GLU HG2  H N N 109 
GLU HG3  H N N 110 
GLU HE2  H N N 111 
GLU HXT  H N N 112 
GLY N    N N N 113 
GLY CA   C N N 114 
GLY C    C N N 115 
GLY O    O N N 116 
GLY OXT  O N N 117 
GLY H    H N N 118 
GLY H2   H N N 119 
GLY HA2  H N N 120 
GLY HA3  H N N 121 
GLY HXT  H N N 122 
HIS N    N N N 123 
HIS CA   C N S 124 
HIS C    C N N 125 
HIS O    O N N 126 
HIS CB   C N N 127 
HIS CG   C Y N 128 
HIS ND1  N Y N 129 
HIS CD2  C Y N 130 
HIS CE1  C Y N 131 
HIS NE2  N Y N 132 
HIS OXT  O N N 133 
HIS H    H N N 134 
HIS H2   H N N 135 
HIS HA   H N N 136 
HIS HB2  H N N 137 
HIS HB3  H N N 138 
HIS HD1  H N N 139 
HIS HD2  H N N 140 
HIS HE1  H N N 141 
HIS HE2  H N N 142 
HIS HXT  H N N 143 
HOH O    O N N 144 
HOH H1   H N N 145 
HOH H2   H N N 146 
ILE N    N N N 147 
ILE CA   C N S 148 
ILE C    C N N 149 
ILE O    O N N 150 
ILE CB   C N S 151 
ILE CG1  C N N 152 
ILE CG2  C N N 153 
ILE CD1  C N N 154 
ILE OXT  O N N 155 
ILE H    H N N 156 
ILE H2   H N N 157 
ILE HA   H N N 158 
ILE HB   H N N 159 
ILE HG12 H N N 160 
ILE HG13 H N N 161 
ILE HG21 H N N 162 
ILE HG22 H N N 163 
ILE HG23 H N N 164 
ILE HD11 H N N 165 
ILE HD12 H N N 166 
ILE HD13 H N N 167 
ILE HXT  H N N 168 
LEU N    N N N 169 
LEU CA   C N S 170 
LEU C    C N N 171 
LEU O    O N N 172 
LEU CB   C N N 173 
LEU CG   C N N 174 
LEU CD1  C N N 175 
LEU CD2  C N N 176 
LEU OXT  O N N 177 
LEU H    H N N 178 
LEU H2   H N N 179 
LEU HA   H N N 180 
LEU HB2  H N N 181 
LEU HB3  H N N 182 
LEU HG   H N N 183 
LEU HD11 H N N 184 
LEU HD12 H N N 185 
LEU HD13 H N N 186 
LEU HD21 H N N 187 
LEU HD22 H N N 188 
LEU HD23 H N N 189 
LEU HXT  H N N 190 
LYS N    N N N 191 
LYS CA   C N S 192 
LYS C    C N N 193 
LYS O    O N N 194 
LYS CB   C N N 195 
LYS CG   C N N 196 
LYS CD   C N N 197 
LYS CE   C N N 198 
LYS NZ   N N N 199 
LYS OXT  O N N 200 
LYS H    H N N 201 
LYS H2   H N N 202 
LYS HA   H N N 203 
LYS HB2  H N N 204 
LYS HB3  H N N 205 
LYS HG2  H N N 206 
LYS HG3  H N N 207 
LYS HD2  H N N 208 
LYS HD3  H N N 209 
LYS HE2  H N N 210 
LYS HE3  H N N 211 
LYS HZ1  H N N 212 
LYS HZ2  H N N 213 
LYS HZ3  H N N 214 
LYS HXT  H N N 215 
MET N    N N N 216 
MET CA   C N S 217 
MET C    C N N 218 
MET O    O N N 219 
MET CB   C N N 220 
MET CG   C N N 221 
MET SD   S N N 222 
MET CE   C N N 223 
MET OXT  O N N 224 
MET H    H N N 225 
MET H2   H N N 226 
MET HA   H N N 227 
MET HB2  H N N 228 
MET HB3  H N N 229 
MET HG2  H N N 230 
MET HG3  H N N 231 
MET HE1  H N N 232 
MET HE2  H N N 233 
MET HE3  H N N 234 
MET HXT  H N N 235 
PHE N    N N N 236 
PHE CA   C N S 237 
PHE C    C N N 238 
PHE O    O N N 239 
PHE CB   C N N 240 
PHE CG   C Y N 241 
PHE CD1  C Y N 242 
PHE CD2  C Y N 243 
PHE CE1  C Y N 244 
PHE CE2  C Y N 245 
PHE CZ   C Y N 246 
PHE OXT  O N N 247 
PHE H    H N N 248 
PHE H2   H N N 249 
PHE HA   H N N 250 
PHE HB2  H N N 251 
PHE HB3  H N N 252 
PHE HD1  H N N 253 
PHE HD2  H N N 254 
PHE HE1  H N N 255 
PHE HE2  H N N 256 
PHE HZ   H N N 257 
PHE HXT  H N N 258 
PRO N    N N N 259 
PRO CA   C N S 260 
PRO C    C N N 261 
PRO O    O N N 262 
PRO CB   C N N 263 
PRO CG   C N N 264 
PRO CD   C N N 265 
PRO OXT  O N N 266 
PRO H    H N N 267 
PRO HA   H N N 268 
PRO HB2  H N N 269 
PRO HB3  H N N 270 
PRO HG2  H N N 271 
PRO HG3  H N N 272 
PRO HD2  H N N 273 
PRO HD3  H N N 274 
PRO HXT  H N N 275 
SER N    N N N 276 
SER CA   C N S 277 
SER C    C N N 278 
SER O    O N N 279 
SER CB   C N N 280 
SER OG   O N N 281 
SER OXT  O N N 282 
SER H    H N N 283 
SER H2   H N N 284 
SER HA   H N N 285 
SER HB2  H N N 286 
SER HB3  H N N 287 
SER HG   H N N 288 
SER HXT  H N N 289 
THR N    N N N 290 
THR CA   C N S 291 
THR C    C N N 292 
THR O    O N N 293 
THR CB   C N R 294 
THR OG1  O N N 295 
THR CG2  C N N 296 
THR OXT  O N N 297 
THR H    H N N 298 
THR H2   H N N 299 
THR HA   H N N 300 
THR HB   H N N 301 
THR HG1  H N N 302 
THR HG21 H N N 303 
THR HG22 H N N 304 
THR HG23 H N N 305 
THR HXT  H N N 306 
TYR N    N N N 307 
TYR CA   C N S 308 
TYR C    C N N 309 
TYR O    O N N 310 
TYR CB   C N N 311 
TYR CG   C Y N 312 
TYR CD1  C Y N 313 
TYR CD2  C Y N 314 
TYR CE1  C Y N 315 
TYR CE2  C Y N 316 
TYR CZ   C Y N 317 
TYR OH   O N N 318 
TYR OXT  O N N 319 
TYR H    H N N 320 
TYR H2   H N N 321 
TYR HA   H N N 322 
TYR HB2  H N N 323 
TYR HB3  H N N 324 
TYR HD1  H N N 325 
TYR HD2  H N N 326 
TYR HE1  H N N 327 
TYR HE2  H N N 328 
TYR HH   H N N 329 
TYR HXT  H N N 330 
VAL N    N N N 331 
VAL CA   C N S 332 
VAL C    C N N 333 
VAL O    O N N 334 
VAL CB   C N N 335 
VAL CG1  C N N 336 
VAL CG2  C N N 337 
VAL OXT  O N N 338 
VAL H    H N N 339 
VAL H2   H N N 340 
VAL HA   H N N 341 
VAL HB   H N N 342 
VAL HG11 H N N 343 
VAL HG12 H N N 344 
VAL HG13 H N N 345 
VAL HG21 H N N 346 
VAL HG22 H N N 347 
VAL HG23 H N N 348 
VAL HXT  H N N 349 
# 
loop_
_chem_comp_bond.comp_id 
_chem_comp_bond.atom_id_1 
_chem_comp_bond.atom_id_2 
_chem_comp_bond.value_order 
_chem_comp_bond.pdbx_aromatic_flag 
_chem_comp_bond.pdbx_stereo_config 
_chem_comp_bond.pdbx_ordinal 
ALA N   CA   sing N N 1   
ALA N   H    sing N N 2   
ALA N   H2   sing N N 3   
ALA CA  C    sing N N 4   
ALA CA  CB   sing N N 5   
ALA CA  HA   sing N N 6   
ALA C   O    doub N N 7   
ALA C   OXT  sing N N 8   
ALA CB  HB1  sing N N 9   
ALA CB  HB2  sing N N 10  
ALA CB  HB3  sing N N 11  
ALA OXT HXT  sing N N 12  
ARG N   CA   sing N N 13  
ARG N   H    sing N N 14  
ARG N   H2   sing N N 15  
ARG CA  C    sing N N 16  
ARG CA  CB   sing N N 17  
ARG CA  HA   sing N N 18  
ARG C   O    doub N N 19  
ARG C   OXT  sing N N 20  
ARG CB  CG   sing N N 21  
ARG CB  HB2  sing N N 22  
ARG CB  HB3  sing N N 23  
ARG CG  CD   sing N N 24  
ARG CG  HG2  sing N N 25  
ARG CG  HG3  sing N N 26  
ARG CD  NE   sing N N 27  
ARG CD  HD2  sing N N 28  
ARG CD  HD3  sing N N 29  
ARG NE  CZ   sing N N 30  
ARG NE  HE   sing N N 31  
ARG CZ  NH1  sing N N 32  
ARG CZ  NH2  doub N N 33  
ARG NH1 HH11 sing N N 34  
ARG NH1 HH12 sing N N 35  
ARG NH2 HH21 sing N N 36  
ARG NH2 HH22 sing N N 37  
ARG OXT HXT  sing N N 38  
ASN N   CA   sing N N 39  
ASN N   H    sing N N 40  
ASN N   H2   sing N N 41  
ASN CA  C    sing N N 42  
ASN CA  CB   sing N N 43  
ASN CA  HA   sing N N 44  
ASN C   O    doub N N 45  
ASN C   OXT  sing N N 46  
ASN CB  CG   sing N N 47  
ASN CB  HB2  sing N N 48  
ASN CB  HB3  sing N N 49  
ASN CG  OD1  doub N N 50  
ASN CG  ND2  sing N N 51  
ASN ND2 HD21 sing N N 52  
ASN ND2 HD22 sing N N 53  
ASN OXT HXT  sing N N 54  
ASP N   CA   sing N N 55  
ASP N   H    sing N N 56  
ASP N   H2   sing N N 57  
ASP CA  C    sing N N 58  
ASP CA  CB   sing N N 59  
ASP CA  HA   sing N N 60  
ASP C   O    doub N N 61  
ASP C   OXT  sing N N 62  
ASP CB  CG   sing N N 63  
ASP CB  HB2  sing N N 64  
ASP CB  HB3  sing N N 65  
ASP CG  OD1  doub N N 66  
ASP CG  OD2  sing N N 67  
ASP OD2 HD2  sing N N 68  
ASP OXT HXT  sing N N 69  
GLN N   CA   sing N N 70  
GLN N   H    sing N N 71  
GLN N   H2   sing N N 72  
GLN CA  C    sing N N 73  
GLN CA  CB   sing N N 74  
GLN CA  HA   sing N N 75  
GLN C   O    doub N N 76  
GLN C   OXT  sing N N 77  
GLN CB  CG   sing N N 78  
GLN CB  HB2  sing N N 79  
GLN CB  HB3  sing N N 80  
GLN CG  CD   sing N N 81  
GLN CG  HG2  sing N N 82  
GLN CG  HG3  sing N N 83  
GLN CD  OE1  doub N N 84  
GLN CD  NE2  sing N N 85  
GLN NE2 HE21 sing N N 86  
GLN NE2 HE22 sing N N 87  
GLN OXT HXT  sing N N 88  
GLU N   CA   sing N N 89  
GLU N   H    sing N N 90  
GLU N   H2   sing N N 91  
GLU CA  C    sing N N 92  
GLU CA  CB   sing N N 93  
GLU CA  HA   sing N N 94  
GLU C   O    doub N N 95  
GLU C   OXT  sing N N 96  
GLU CB  CG   sing N N 97  
GLU CB  HB2  sing N N 98  
GLU CB  HB3  sing N N 99  
GLU CG  CD   sing N N 100 
GLU CG  HG2  sing N N 101 
GLU CG  HG3  sing N N 102 
GLU CD  OE1  doub N N 103 
GLU CD  OE2  sing N N 104 
GLU OE2 HE2  sing N N 105 
GLU OXT HXT  sing N N 106 
GLY N   CA   sing N N 107 
GLY N   H    sing N N 108 
GLY N   H2   sing N N 109 
GLY CA  C    sing N N 110 
GLY CA  HA2  sing N N 111 
GLY CA  HA3  sing N N 112 
GLY C   O    doub N N 113 
GLY C   OXT  sing N N 114 
GLY OXT HXT  sing N N 115 
HIS N   CA   sing N N 116 
HIS N   H    sing N N 117 
HIS N   H2   sing N N 118 
HIS CA  C    sing N N 119 
HIS CA  CB   sing N N 120 
HIS CA  HA   sing N N 121 
HIS C   O    doub N N 122 
HIS C   OXT  sing N N 123 
HIS CB  CG   sing N N 124 
HIS CB  HB2  sing N N 125 
HIS CB  HB3  sing N N 126 
HIS CG  ND1  sing Y N 127 
HIS CG  CD2  doub Y N 128 
HIS ND1 CE1  doub Y N 129 
HIS ND1 HD1  sing N N 130 
HIS CD2 NE2  sing Y N 131 
HIS CD2 HD2  sing N N 132 
HIS CE1 NE2  sing Y N 133 
HIS CE1 HE1  sing N N 134 
HIS NE2 HE2  sing N N 135 
HIS OXT HXT  sing N N 136 
HOH O   H1   sing N N 137 
HOH O   H2   sing N N 138 
ILE N   CA   sing N N 139 
ILE N   H    sing N N 140 
ILE N   H2   sing N N 141 
ILE CA  C    sing N N 142 
ILE CA  CB   sing N N 143 
ILE CA  HA   sing N N 144 
ILE C   O    doub N N 145 
ILE C   OXT  sing N N 146 
ILE CB  CG1  sing N N 147 
ILE CB  CG2  sing N N 148 
ILE CB  HB   sing N N 149 
ILE CG1 CD1  sing N N 150 
ILE CG1 HG12 sing N N 151 
ILE CG1 HG13 sing N N 152 
ILE CG2 HG21 sing N N 153 
ILE CG2 HG22 sing N N 154 
ILE CG2 HG23 sing N N 155 
ILE CD1 HD11 sing N N 156 
ILE CD1 HD12 sing N N 157 
ILE CD1 HD13 sing N N 158 
ILE OXT HXT  sing N N 159 
LEU N   CA   sing N N 160 
LEU N   H    sing N N 161 
LEU N   H2   sing N N 162 
LEU CA  C    sing N N 163 
LEU CA  CB   sing N N 164 
LEU CA  HA   sing N N 165 
LEU C   O    doub N N 166 
LEU C   OXT  sing N N 167 
LEU CB  CG   sing N N 168 
LEU CB  HB2  sing N N 169 
LEU CB  HB3  sing N N 170 
LEU CG  CD1  sing N N 171 
LEU CG  CD2  sing N N 172 
LEU CG  HG   sing N N 173 
LEU CD1 HD11 sing N N 174 
LEU CD1 HD12 sing N N 175 
LEU CD1 HD13 sing N N 176 
LEU CD2 HD21 sing N N 177 
LEU CD2 HD22 sing N N 178 
LEU CD2 HD23 sing N N 179 
LEU OXT HXT  sing N N 180 
LYS N   CA   sing N N 181 
LYS N   H    sing N N 182 
LYS N   H2   sing N N 183 
LYS CA  C    sing N N 184 
LYS CA  CB   sing N N 185 
LYS CA  HA   sing N N 186 
LYS C   O    doub N N 187 
LYS C   OXT  sing N N 188 
LYS CB  CG   sing N N 189 
LYS CB  HB2  sing N N 190 
LYS CB  HB3  sing N N 191 
LYS CG  CD   sing N N 192 
LYS CG  HG2  sing N N 193 
LYS CG  HG3  sing N N 194 
LYS CD  CE   sing N N 195 
LYS CD  HD2  sing N N 196 
LYS CD  HD3  sing N N 197 
LYS CE  NZ   sing N N 198 
LYS CE  HE2  sing N N 199 
LYS CE  HE3  sing N N 200 
LYS NZ  HZ1  sing N N 201 
LYS NZ  HZ2  sing N N 202 
LYS NZ  HZ3  sing N N 203 
LYS OXT HXT  sing N N 204 
MET N   CA   sing N N 205 
MET N   H    sing N N 206 
MET N   H2   sing N N 207 
MET CA  C    sing N N 208 
MET CA  CB   sing N N 209 
MET CA  HA   sing N N 210 
MET C   O    doub N N 211 
MET C   OXT  sing N N 212 
MET CB  CG   sing N N 213 
MET CB  HB2  sing N N 214 
MET CB  HB3  sing N N 215 
MET CG  SD   sing N N 216 
MET CG  HG2  sing N N 217 
MET CG  HG3  sing N N 218 
MET SD  CE   sing N N 219 
MET CE  HE1  sing N N 220 
MET CE  HE2  sing N N 221 
MET CE  HE3  sing N N 222 
MET OXT HXT  sing N N 223 
PHE N   CA   sing N N 224 
PHE N   H    sing N N 225 
PHE N   H2   sing N N 226 
PHE CA  C    sing N N 227 
PHE CA  CB   sing N N 228 
PHE CA  HA   sing N N 229 
PHE C   O    doub N N 230 
PHE C   OXT  sing N N 231 
PHE CB  CG   sing N N 232 
PHE CB  HB2  sing N N 233 
PHE CB  HB3  sing N N 234 
PHE CG  CD1  doub Y N 235 
PHE CG  CD2  sing Y N 236 
PHE CD1 CE1  sing Y N 237 
PHE CD1 HD1  sing N N 238 
PHE CD2 CE2  doub Y N 239 
PHE CD2 HD2  sing N N 240 
PHE CE1 CZ   doub Y N 241 
PHE CE1 HE1  sing N N 242 
PHE CE2 CZ   sing Y N 243 
PHE CE2 HE2  sing N N 244 
PHE CZ  HZ   sing N N 245 
PHE OXT HXT  sing N N 246 
PRO N   CA   sing N N 247 
PRO N   CD   sing N N 248 
PRO N   H    sing N N 249 
PRO CA  C    sing N N 250 
PRO CA  CB   sing N N 251 
PRO CA  HA   sing N N 252 
PRO C   O    doub N N 253 
PRO C   OXT  sing N N 254 
PRO CB  CG   sing N N 255 
PRO CB  HB2  sing N N 256 
PRO CB  HB3  sing N N 257 
PRO CG  CD   sing N N 258 
PRO CG  HG2  sing N N 259 
PRO CG  HG3  sing N N 260 
PRO CD  HD2  sing N N 261 
PRO CD  HD3  sing N N 262 
PRO OXT HXT  sing N N 263 
SER N   CA   sing N N 264 
SER N   H    sing N N 265 
SER N   H2   sing N N 266 
SER CA  C    sing N N 267 
SER CA  CB   sing N N 268 
SER CA  HA   sing N N 269 
SER C   O    doub N N 270 
SER C   OXT  sing N N 271 
SER CB  OG   sing N N 272 
SER CB  HB2  sing N N 273 
SER CB  HB3  sing N N 274 
SER OG  HG   sing N N 275 
SER OXT HXT  sing N N 276 
THR N   CA   sing N N 277 
THR N   H    sing N N 278 
THR N   H2   sing N N 279 
THR CA  C    sing N N 280 
THR CA  CB   sing N N 281 
THR CA  HA   sing N N 282 
THR C   O    doub N N 283 
THR C   OXT  sing N N 284 
THR CB  OG1  sing N N 285 
THR CB  CG2  sing N N 286 
THR CB  HB   sing N N 287 
THR OG1 HG1  sing N N 288 
THR CG2 HG21 sing N N 289 
THR CG2 HG22 sing N N 290 
THR CG2 HG23 sing N N 291 
THR OXT HXT  sing N N 292 
TYR N   CA   sing N N 293 
TYR N   H    sing N N 294 
TYR N   H2   sing N N 295 
TYR CA  C    sing N N 296 
TYR CA  CB   sing N N 297 
TYR CA  HA   sing N N 298 
TYR C   O    doub N N 299 
TYR C   OXT  sing N N 300 
TYR CB  CG   sing N N 301 
TYR CB  HB2  sing N N 302 
TYR CB  HB3  sing N N 303 
TYR CG  CD1  doub Y N 304 
TYR CG  CD2  sing Y N 305 
TYR CD1 CE1  sing Y N 306 
TYR CD1 HD1  sing N N 307 
TYR CD2 CE2  doub Y N 308 
TYR CD2 HD2  sing N N 309 
TYR CE1 CZ   doub Y N 310 
TYR CE1 HE1  sing N N 311 
TYR CE2 CZ   sing Y N 312 
TYR CE2 HE2  sing N N 313 
TYR CZ  OH   sing N N 314 
TYR OH  HH   sing N N 315 
TYR OXT HXT  sing N N 316 
VAL N   CA   sing N N 317 
VAL N   H    sing N N 318 
VAL N   H2   sing N N 319 
VAL CA  C    sing N N 320 
VAL CA  CB   sing N N 321 
VAL CA  HA   sing N N 322 
VAL C   O    doub N N 323 
VAL C   OXT  sing N N 324 
VAL CB  CG1  sing N N 325 
VAL CB  CG2  sing N N 326 
VAL CB  HB   sing N N 327 
VAL CG1 HG11 sing N N 328 
VAL CG1 HG12 sing N N 329 
VAL CG1 HG13 sing N N 330 
VAL CG2 HG21 sing N N 331 
VAL CG2 HG22 sing N N 332 
VAL CG2 HG23 sing N N 333 
VAL OXT HXT  sing N N 334 
# 
_pdbx_entity_nonpoly.entity_id   2 
_pdbx_entity_nonpoly.name        water 
_pdbx_entity_nonpoly.comp_id     HOH 
# 
_pdbx_initial_refinement_model.id               1 
_pdbx_initial_refinement_model.entity_id_list   ? 
_pdbx_initial_refinement_model.type             'experimental model' 
_pdbx_initial_refinement_model.source_name      PDB 
_pdbx_initial_refinement_model.accession_code   4PUI 
_pdbx_initial_refinement_model.details          'PDB ENTRY 4PUI' 
# 
